data_5X1J
#
_entry.id   5X1J
#
_cell.length_a   102.818
_cell.length_b   118.040
_cell.length_c   130.183
_cell.angle_alpha   90.00
_cell.angle_beta   90.00
_cell.angle_gamma   90.00
#
_symmetry.space_group_name_H-M   'P 21 21 2'
#
loop_
_entity.id
_entity.type
_entity.pdbx_description
1 polymer 'Vanillate/3-O-methylgallate O-demethylase'
2 non-polymer 4-HYDROXY-3-METHOXYBENZOATE
3 non-polymer 1,2-ETHANEDIOL
4 non-polymer 2-AMINO-2-HYDROXYMETHYL-PROPANE-1,3-DIOL
5 water water
#
_entity_poly.entity_id   1
_entity_poly.type   'polypeptide(L)'
_entity_poly.pdbx_seq_one_letter_code
;GSSMSAPTNLEQVLAAGGNTVEMLRNSQIGAYVYPVVAPEFSNWRTEQWAWRNSAVLFDQTHHMVDLYIRGKDALKLLSD
TMINSPKGWEPNKAKQYVPVTPYGHVIGDGIIFYLAEEEFVYVGRAPAANWLMYHAQTGGYNVDIVHDDRSPSRPMGKPV
QRISWRFQIQGPKAWDVIEKLHGGTLEKLKFFNMAEMNIAGMKIRTLRHGMAGAPGLEIWGPYETQEKARNAILEAGKEF
GLIPVGSRAYPSNTLESGWIPSPLPAIYTGDKLKAYREWLPANSYEASGAIGGSFVSSNIEDYYVNPYEIGYGPFVKFDH
DFIGRDALEAIDPATQRKKVTLAWNGDDMAKIYASLFDTEADAHYKFFDLPLANYANTNADAVLDAAGNVVGMSMFTGYS
YNEKRALSLATIDHEIPVGTELTVLWGEENGGTRKTTVEPHKQMAVRAVVSPVPYSVTARETYEGGWRKAAVTA
;
_entity_poly.pdbx_strand_id   A,B,C
#
loop_
_chem_comp.id
_chem_comp.type
_chem_comp.name
_chem_comp.formula
EDO non-polymer 1,2-ETHANEDIOL 'C2 H6 O2'
TRS non-polymer 2-AMINO-2-HYDROXYMETHYL-PROPANE-1,3-DIOL 'C4 H12 N O3 1'
VNL non-polymer 4-HYDROXY-3-METHOXYBENZOATE 'C8 H7 O4 -1'
#
# COMPACT_ATOMS: atom_id res chain seq x y z
N ALA A 6 45.10 -17.57 47.19
CA ALA A 6 44.75 -16.99 48.48
C ALA A 6 43.44 -16.17 48.47
N PRO A 7 43.19 -15.34 47.45
CA PRO A 7 41.89 -14.64 47.41
C PRO A 7 40.74 -15.63 47.27
N THR A 8 39.71 -15.45 48.10
CA THR A 8 38.53 -16.27 48.06
C THR A 8 37.31 -15.55 47.50
N ASN A 9 37.37 -14.24 47.31
CA ASN A 9 36.24 -13.50 46.79
C ASN A 9 36.72 -12.38 45.88
N LEU A 10 35.76 -11.73 45.21
CA LEU A 10 36.09 -10.69 44.24
C LEU A 10 36.80 -9.52 44.91
N GLU A 11 36.34 -9.12 46.09
CA GLU A 11 36.97 -7.99 46.77
C GLU A 11 38.46 -8.23 46.99
N GLN A 12 38.83 -9.42 47.45
CA GLN A 12 40.24 -9.73 47.62
C GLN A 12 40.98 -9.81 46.28
N VAL A 13 40.29 -10.29 45.22
CA VAL A 13 40.91 -10.33 43.90
C VAL A 13 41.27 -8.92 43.42
N LEU A 14 40.36 -7.96 43.61
CA LEU A 14 40.62 -6.60 43.14
C LEU A 14 41.68 -5.93 44.00
N ALA A 15 41.71 -6.22 45.31
CA ALA A 15 42.75 -5.61 46.14
C ALA A 15 44.13 -6.10 45.75
N ALA A 16 44.26 -7.33 45.27
CA ALA A 16 45.54 -7.92 44.94
C ALA A 16 45.86 -7.86 43.44
N GLY A 17 44.94 -7.40 42.61
CA GLY A 17 45.09 -7.56 41.18
C GLY A 17 45.49 -6.33 40.40
N GLY A 18 45.84 -5.22 41.07
CA GLY A 18 46.16 -4.02 40.33
C GLY A 18 44.91 -3.36 39.78
N ASN A 19 45.10 -2.58 38.72
CA ASN A 19 43.98 -1.87 38.11
C ASN A 19 42.92 -2.85 37.62
N THR A 20 41.66 -2.58 37.95
CA THR A 20 40.58 -3.51 37.62
C THR A 20 40.41 -3.67 36.12
N VAL A 21 40.47 -2.57 35.36
CA VAL A 21 40.35 -2.66 33.89
C VAL A 21 41.48 -3.50 33.32
N GLU A 22 42.71 -3.24 33.77
CA GLU A 22 43.86 -3.96 33.23
C GLU A 22 43.73 -5.45 33.51
N MET A 23 43.25 -5.80 34.72
CA MET A 23 43.03 -7.21 35.04
C MET A 23 42.03 -7.85 34.08
N LEU A 24 40.85 -7.22 33.92
CA LEU A 24 39.80 -7.84 33.11
C LEU A 24 40.19 -7.88 31.64
N ARG A 25 40.90 -6.87 31.15
CA ARG A 25 41.26 -6.85 29.74
C ARG A 25 42.40 -7.80 29.43
N ASN A 26 43.08 -8.36 30.43
CA ASN A 26 44.16 -9.32 30.20
C ASN A 26 43.87 -10.68 30.83
N SER A 27 42.62 -10.92 31.19
CA SER A 27 42.20 -12.17 31.79
C SER A 27 42.53 -13.35 30.88
N GLN A 28 42.85 -14.48 31.52
CA GLN A 28 43.24 -15.70 30.81
C GLN A 28 42.08 -16.67 30.65
N ILE A 29 40.84 -16.19 30.79
CA ILE A 29 39.68 -17.07 30.84
C ILE A 29 39.42 -17.72 29.48
N GLY A 30 39.82 -17.08 28.40
CA GLY A 30 39.50 -17.55 27.07
C GLY A 30 38.15 -17.09 26.55
N ALA A 31 37.70 -17.81 25.53
CA ALA A 31 36.47 -17.43 24.83
C ALA A 31 35.24 -17.64 25.71
N TYR A 32 34.19 -16.85 25.46
CA TYR A 32 32.90 -17.13 26.06
C TYR A 32 32.24 -18.18 25.17
N VAL A 33 32.02 -19.39 25.72
CA VAL A 33 31.62 -20.56 24.96
C VAL A 33 30.12 -20.76 25.08
N TYR A 34 29.48 -21.12 23.97
CA TYR A 34 28.11 -21.61 23.97
C TYR A 34 28.17 -23.12 23.96
N PRO A 35 28.02 -23.77 25.11
CA PRO A 35 28.54 -25.15 25.25
C PRO A 35 27.58 -26.23 24.77
N VAL A 36 28.19 -27.41 24.58
CA VAL A 36 27.58 -28.74 24.49
C VAL A 36 26.85 -28.97 23.17
N VAL A 37 25.92 -28.08 22.82
CA VAL A 37 25.23 -28.21 21.53
C VAL A 37 26.27 -28.25 20.41
N ALA A 38 26.04 -29.11 19.42
CA ALA A 38 26.98 -29.24 18.32
C ALA A 38 27.23 -27.89 17.66
N PRO A 39 28.48 -27.55 17.32
CA PRO A 39 28.71 -26.26 16.63
C PRO A 39 27.85 -26.10 15.38
N GLU A 40 27.70 -27.14 14.57
CA GLU A 40 26.89 -27.09 13.37
C GLU A 40 26.15 -28.40 13.18
N PHE A 41 24.93 -28.32 12.68
CA PHE A 41 24.19 -29.51 12.26
C PHE A 41 24.19 -29.67 10.74
N SER A 42 23.98 -28.58 10.01
CA SER A 42 24.18 -28.57 8.57
C SER A 42 25.37 -27.65 8.33
N ASN A 43 25.17 -26.35 8.20
CA ASN A 43 26.24 -25.36 8.23
C ASN A 43 25.64 -24.05 8.76
N TRP A 44 26.49 -23.18 9.32
CA TRP A 44 25.94 -22.01 10.00
C TRP A 44 25.26 -21.04 9.06
N ARG A 45 25.62 -21.01 7.77
CA ARG A 45 24.94 -20.10 6.84
C ARG A 45 23.52 -20.59 6.56
N THR A 46 23.37 -21.88 6.29
CA THR A 46 22.04 -22.44 6.05
C THR A 46 21.18 -22.34 7.30
N GLU A 47 21.79 -22.51 8.47
CA GLU A 47 21.03 -22.40 9.72
C GLU A 47 20.54 -20.97 9.97
N GLN A 48 21.40 -19.99 9.72
CA GLN A 48 20.95 -18.59 9.82
C GLN A 48 19.82 -18.34 8.83
N TRP A 49 19.96 -18.85 7.62
CA TRP A 49 18.96 -18.63 6.58
C TRP A 49 17.59 -19.21 6.98
N ALA A 50 17.61 -20.38 7.63
CA ALA A 50 16.38 -21.08 7.98
C ALA A 50 15.54 -20.30 8.97
N TRP A 51 16.16 -19.58 9.93
CA TRP A 51 15.31 -18.88 10.89
C TRP A 51 14.62 -17.68 10.27
N ARG A 52 15.09 -17.21 9.11
CA ARG A 52 14.35 -16.19 8.39
C ARG A 52 13.49 -16.72 7.26
N ASN A 53 13.75 -17.93 6.78
CA ASN A 53 13.09 -18.43 5.57
C ASN A 53 12.31 -19.73 5.75
N SER A 54 12.57 -20.53 6.78
CA SER A 54 11.74 -21.71 6.98
C SER A 54 11.38 -21.84 8.45
N ALA A 55 12.07 -22.73 9.18
CA ALA A 55 11.89 -22.83 10.63
C ALA A 55 13.13 -23.44 11.25
N VAL A 56 13.33 -23.18 12.54
CA VAL A 56 14.50 -23.70 13.25
C VAL A 56 14.08 -24.22 14.62
N LEU A 57 14.88 -25.16 15.11
CA LEU A 57 14.88 -25.55 16.51
C LEU A 57 16.13 -24.95 17.12
N PHE A 58 15.95 -23.97 18.01
CA PHE A 58 17.04 -23.45 18.83
C PHE A 58 17.16 -24.31 20.08
N ASP A 59 18.35 -24.82 20.35
CA ASP A 59 18.56 -25.62 21.55
C ASP A 59 19.18 -24.70 22.61
N GLN A 60 18.36 -24.28 23.58
CA GLN A 60 18.80 -23.34 24.60
C GLN A 60 19.11 -24.02 25.93
N THR A 61 19.37 -25.32 25.92
CA THR A 61 19.43 -26.10 27.15
C THR A 61 20.71 -25.86 27.93
N HIS A 62 21.77 -25.33 27.30
CA HIS A 62 23.10 -25.44 27.87
C HIS A 62 23.84 -24.14 28.16
N HIS A 63 23.41 -23.00 27.64
CA HIS A 63 24.25 -21.83 27.73
C HIS A 63 23.80 -20.80 28.77
N MET A 64 22.69 -21.02 29.48
CA MET A 64 22.20 -20.08 30.47
C MET A 64 22.17 -20.73 31.85
N VAL A 65 22.34 -19.89 32.87
CA VAL A 65 22.14 -20.28 34.26
C VAL A 65 20.65 -20.29 34.56
N ASP A 66 20.19 -21.32 35.26
CA ASP A 66 18.80 -21.39 35.73
C ASP A 66 18.79 -21.27 37.26
N LEU A 67 17.95 -20.39 37.78
CA LEU A 67 17.68 -20.27 39.21
C LEU A 67 16.22 -20.62 39.49
N TYR A 68 16.00 -21.69 40.24
CA TYR A 68 14.65 -22.05 40.65
C TYR A 68 14.39 -21.44 42.03
N ILE A 69 13.42 -20.53 42.08
CA ILE A 69 13.18 -19.67 43.24
C ILE A 69 11.77 -19.96 43.73
N ARG A 70 11.66 -20.49 44.95
CA ARG A 70 10.38 -20.84 45.52
C ARG A 70 10.24 -20.30 46.95
N GLY A 71 9.03 -19.90 47.31
CA GLY A 71 8.78 -19.52 48.69
C GLY A 71 7.95 -18.28 48.88
N LYS A 72 7.57 -18.06 50.15
CA LYS A 72 6.69 -16.94 50.50
C LYS A 72 7.24 -15.60 50.00
N ASP A 73 8.56 -15.41 50.06
CA ASP A 73 9.13 -14.12 49.72
C ASP A 73 9.73 -14.05 48.31
N ALA A 74 9.46 -15.04 47.46
CA ALA A 74 10.03 -15.06 46.12
C ALA A 74 9.66 -13.81 45.32
N LEU A 75 8.36 -13.49 45.26
CA LEU A 75 7.93 -12.32 44.50
C LEU A 75 8.54 -11.04 45.07
N LYS A 76 8.58 -10.92 46.40
CA LYS A 76 9.20 -9.76 47.04
C LYS A 76 10.67 -9.62 46.67
N LEU A 77 11.40 -10.74 46.63
CA LEU A 77 12.81 -10.69 46.25
C LEU A 77 12.98 -10.10 44.86
N LEU A 78 12.17 -10.57 43.91
CA LEU A 78 12.23 -10.04 42.56
C LEU A 78 11.82 -8.58 42.54
N SER A 79 10.68 -8.26 43.15
CA SER A 79 10.19 -6.88 43.18
C SER A 79 11.23 -5.94 43.77
N ASP A 80 11.86 -6.33 44.90
CA ASP A 80 12.85 -5.47 45.54
C ASP A 80 14.09 -5.25 44.66
N THR A 81 14.37 -6.14 43.70
CA THR A 81 15.62 -6.03 42.95
C THR A 81 15.45 -5.66 41.48
N MET A 82 14.23 -5.58 40.95
CA MET A 82 14.06 -5.34 39.52
C MET A 82 13.50 -3.95 39.25
N ILE A 83 13.90 -3.39 38.10
CA ILE A 83 13.32 -2.14 37.64
C ILE A 83 11.90 -2.34 37.13
N ASN A 84 11.54 -3.59 36.77
CA ASN A 84 10.25 -3.87 36.16
C ASN A 84 9.09 -3.69 37.15
N SER A 85 7.93 -3.30 36.62
CA SER A 85 6.73 -3.24 37.48
C SER A 85 6.28 -4.64 37.87
N PRO A 86 6.07 -4.90 39.17
CA PRO A 86 5.43 -6.15 39.60
C PRO A 86 3.91 -6.07 39.68
N LYS A 87 3.35 -4.90 39.40
CA LYS A 87 1.91 -4.69 39.58
C LYS A 87 1.10 -5.56 38.64
N GLY A 88 0.19 -6.37 39.20
CA GLY A 88 -0.64 -7.21 38.36
C GLY A 88 0.06 -8.41 37.78
N TRP A 89 1.26 -8.73 38.24
CA TRP A 89 1.97 -9.91 37.77
C TRP A 89 1.38 -11.16 38.40
N GLU A 90 0.98 -12.11 37.55
CA GLU A 90 0.34 -13.34 37.97
C GLU A 90 1.03 -14.50 37.28
N PRO A 91 0.85 -15.73 37.78
CA PRO A 91 1.47 -16.89 37.11
C PRO A 91 1.12 -16.94 35.64
N ASN A 92 2.04 -17.55 34.87
CA ASN A 92 1.92 -17.74 33.41
C ASN A 92 2.15 -16.44 32.65
N LYS A 93 2.95 -15.55 33.22
CA LYS A 93 3.50 -14.41 32.52
C LYS A 93 4.97 -14.34 32.86
N ALA A 94 5.82 -14.18 31.84
CA ALA A 94 7.25 -13.98 32.07
C ALA A 94 7.62 -12.52 31.87
N LYS A 95 8.72 -12.11 32.50
CA LYS A 95 9.25 -10.76 32.34
C LYS A 95 10.74 -10.83 32.02
N GLN A 96 11.24 -9.79 31.36
CA GLN A 96 12.69 -9.64 31.23
C GLN A 96 13.22 -8.90 32.46
N TYR A 97 13.62 -9.68 33.47
CA TYR A 97 14.13 -9.16 34.74
C TYR A 97 15.43 -8.36 34.53
N VAL A 98 15.43 -7.09 34.94
CA VAL A 98 16.61 -6.24 34.85
C VAL A 98 16.92 -5.63 36.22
N PRO A 99 17.99 -6.07 36.89
CA PRO A 99 18.40 -5.43 38.16
C PRO A 99 19.48 -4.38 37.93
N VAL A 100 19.37 -3.25 38.65
CA VAL A 100 20.44 -2.26 38.65
C VAL A 100 21.02 -2.17 40.06
N THR A 101 22.23 -1.61 40.13
CA THR A 101 22.89 -1.38 41.40
C THR A 101 22.26 -0.17 42.08
N PRO A 102 22.61 0.07 43.36
CA PRO A 102 22.20 1.33 44.00
C PRO A 102 22.59 2.58 43.21
N TYR A 103 23.60 2.46 42.33
CA TYR A 103 24.07 3.60 41.55
C TYR A 103 23.37 3.72 40.20
N GLY A 104 22.40 2.85 39.91
CA GLY A 104 21.60 2.96 38.70
C GLY A 104 22.13 2.20 37.51
N HIS A 105 23.17 1.38 37.68
CA HIS A 105 23.82 0.73 36.55
C HIS A 105 23.35 -0.72 36.43
N VAL A 106 23.29 -1.20 35.18
CA VAL A 106 22.83 -2.56 34.91
C VAL A 106 23.83 -3.57 35.45
N ILE A 107 23.32 -4.56 36.19
CA ILE A 107 24.09 -5.74 36.62
C ILE A 107 24.03 -6.83 35.58
N GLY A 108 22.84 -7.06 35.06
CA GLY A 108 22.64 -8.08 34.05
C GLY A 108 21.17 -8.10 33.73
N ASP A 109 20.71 -9.23 33.24
CA ASP A 109 19.30 -9.39 32.91
C ASP A 109 19.07 -10.85 32.58
N GLY A 110 17.81 -11.27 32.67
CA GLY A 110 17.43 -12.60 32.23
C GLY A 110 15.91 -12.67 32.17
N ILE A 111 15.42 -13.85 31.82
CA ILE A 111 13.97 -14.07 31.75
C ILE A 111 13.52 -14.69 33.05
N ILE A 112 12.51 -14.09 33.67
CA ILE A 112 11.93 -14.64 34.90
C ILE A 112 10.53 -15.15 34.58
N PHE A 113 10.33 -16.46 34.75
CA PHE A 113 9.06 -17.12 34.51
C PHE A 113 8.28 -17.21 35.81
N TYR A 114 7.04 -16.74 35.79
CA TYR A 114 6.15 -16.87 36.94
C TYR A 114 5.35 -18.15 36.73
N LEU A 115 5.81 -19.26 37.34
CA LEU A 115 5.29 -20.58 36.99
C LEU A 115 4.00 -20.92 37.74
N ALA A 116 3.90 -20.47 38.98
CA ALA A 116 2.78 -20.78 39.87
C ALA A 116 2.96 -19.91 41.10
N GLU A 117 2.00 -19.96 42.01
CA GLU A 117 2.12 -19.20 43.25
C GLU A 117 3.41 -19.58 43.98
N GLU A 118 4.21 -18.56 44.32
CA GLU A 118 5.47 -18.74 45.04
C GLU A 118 6.46 -19.63 44.28
N GLU A 119 6.40 -19.64 42.95
CA GLU A 119 7.30 -20.49 42.16
C GLU A 119 7.73 -19.73 40.92
N PHE A 120 9.04 -19.48 40.81
CA PHE A 120 9.62 -18.72 39.70
C PHE A 120 10.87 -19.44 39.19
N VAL A 121 11.26 -19.13 37.96
CA VAL A 121 12.57 -19.56 37.47
C VAL A 121 13.21 -18.45 36.68
N TYR A 122 14.47 -18.14 37.01
CA TYR A 122 15.29 -17.22 36.26
C TYR A 122 16.09 -18.00 35.22
N VAL A 123 16.20 -17.47 34.00
CA VAL A 123 17.04 -18.05 32.94
C VAL A 123 17.84 -16.93 32.30
N GLY A 124 19.17 -17.01 32.38
CA GLY A 124 20.00 -15.96 31.83
C GLY A 124 21.46 -16.16 32.18
N ARG A 125 22.27 -15.17 31.83
CA ARG A 125 23.68 -15.23 32.18
C ARG A 125 23.86 -15.19 33.70
N ALA A 126 25.08 -15.52 34.13
CA ALA A 126 25.36 -15.62 35.56
C ALA A 126 25.16 -14.33 36.36
N PRO A 127 25.46 -13.13 35.85
CA PRO A 127 25.49 -11.95 36.77
C PRO A 127 24.18 -11.68 37.49
N ALA A 128 23.04 -11.66 36.79
CA ALA A 128 21.79 -11.39 37.51
C ALA A 128 21.41 -12.56 38.41
N ALA A 129 21.80 -13.79 38.07
CA ALA A 129 21.54 -14.91 38.97
C ALA A 129 22.36 -14.77 40.26
N ASN A 130 23.62 -14.37 40.13
CA ASN A 130 24.46 -14.17 41.32
C ASN A 130 23.85 -13.11 42.23
N TRP A 131 23.30 -12.05 41.65
CA TRP A 131 22.68 -10.96 42.41
C TRP A 131 21.44 -11.44 43.15
N LEU A 132 20.59 -12.23 42.48
CA LEU A 132 19.44 -12.81 43.17
C LEU A 132 19.86 -13.69 44.33
N MET A 133 20.88 -14.53 44.13
CA MET A 133 21.29 -15.45 45.17
C MET A 133 21.86 -14.70 46.36
N TYR A 134 22.65 -13.66 46.09
CA TYR A 134 23.21 -12.84 47.15
C TYR A 134 22.11 -12.24 48.01
N HIS A 135 21.06 -11.70 47.38
CA HIS A 135 20.01 -11.06 48.17
C HIS A 135 19.13 -12.08 48.87
N ALA A 136 18.81 -13.19 48.20
CA ALA A 136 18.08 -14.26 48.85
C ALA A 136 18.78 -14.73 50.10
N GLN A 137 20.12 -14.78 50.06
CA GLN A 137 20.87 -15.37 51.16
C GLN A 137 21.10 -14.39 52.30
N THR A 138 21.39 -13.13 51.97
CA THR A 138 21.82 -12.16 52.98
C THR A 138 20.73 -11.16 53.35
N GLY A 139 19.63 -11.10 52.61
CA GLY A 139 18.61 -10.10 52.82
C GLY A 139 17.46 -10.51 53.71
N GLY A 140 17.48 -11.72 54.23
CA GLY A 140 16.41 -12.20 55.10
C GLY A 140 15.15 -12.63 54.38
N TYR A 141 15.26 -13.09 53.13
CA TYR A 141 14.09 -13.53 52.39
C TYR A 141 13.78 -14.99 52.73
N ASN A 142 12.51 -15.26 53.01
CA ASN A 142 12.02 -16.63 53.21
C ASN A 142 11.80 -17.23 51.82
N VAL A 143 12.85 -17.84 51.30
CA VAL A 143 12.84 -18.33 49.93
C VAL A 143 13.91 -19.42 49.85
N ASP A 144 13.67 -20.40 48.99
CA ASP A 144 14.62 -21.47 48.73
C ASP A 144 15.01 -21.41 47.26
N ILE A 145 16.31 -21.51 46.98
CA ILE A 145 16.83 -21.35 45.63
C ILE A 145 17.63 -22.58 45.25
N VAL A 146 17.38 -23.11 44.06
CA VAL A 146 18.19 -24.17 43.48
C VAL A 146 18.91 -23.57 42.28
N HIS A 147 20.24 -23.59 42.33
CA HIS A 147 21.07 -23.03 41.28
C HIS A 147 21.51 -24.13 40.33
N ASP A 148 21.16 -24.01 39.05
CA ASP A 148 21.54 -24.98 38.02
C ASP A 148 22.41 -24.22 37.02
N ASP A 149 23.72 -24.40 37.14
CA ASP A 149 24.66 -23.61 36.36
C ASP A 149 24.51 -23.93 34.88
N ARG A 150 24.97 -23.00 34.04
CA ARG A 150 25.12 -23.32 32.63
C ARG A 150 26.13 -24.47 32.51
N SER A 151 26.08 -25.16 31.38
CA SER A 151 26.88 -26.38 31.24
C SER A 151 28.36 -26.04 31.10
N PRO A 152 29.25 -26.98 31.41
CA PRO A 152 30.68 -26.70 31.32
C PRO A 152 31.08 -26.39 29.88
N SER A 153 32.04 -25.46 29.75
CA SER A 153 32.42 -24.96 28.43
C SER A 153 33.09 -26.03 27.59
N ARG A 154 33.91 -26.87 28.20
CA ARG A 154 34.66 -27.91 27.49
C ARG A 154 34.47 -29.20 28.26
N PRO A 155 33.34 -29.89 28.04
CA PRO A 155 33.08 -31.11 28.82
C PRO A 155 34.07 -32.23 28.54
N MET A 156 34.68 -32.26 27.35
CA MET A 156 35.71 -33.27 27.00
C MET A 156 35.23 -34.69 27.29
N GLY A 157 34.00 -35.00 26.90
CA GLY A 157 33.50 -36.36 27.03
C GLY A 157 32.78 -36.67 28.33
N LYS A 158 32.85 -35.80 29.32
CA LYS A 158 32.11 -36.02 30.55
C LYS A 158 30.62 -35.82 30.30
N PRO A 159 29.76 -36.58 31.00
CA PRO A 159 28.31 -36.38 30.85
C PRO A 159 27.88 -35.01 31.37
N VAL A 160 26.84 -34.48 30.76
CA VAL A 160 26.30 -33.17 31.10
C VAL A 160 24.83 -33.34 31.45
N GLN A 161 24.41 -32.78 32.58
CA GLN A 161 23.03 -32.78 33.04
C GLN A 161 22.55 -31.35 33.27
N ARG A 162 21.27 -31.11 33.00
CA ARG A 162 20.53 -29.93 33.45
C ARG A 162 19.24 -30.39 34.12
N ILE A 163 18.62 -29.49 34.89
CA ILE A 163 17.31 -29.84 35.43
C ILE A 163 16.25 -29.80 34.34
N SER A 164 16.33 -28.84 33.43
CA SER A 164 15.32 -28.70 32.37
C SER A 164 16.01 -28.59 31.02
N TRP A 165 15.33 -29.07 29.99
CA TRP A 165 15.67 -28.69 28.62
C TRP A 165 14.85 -27.48 28.22
N ARG A 166 15.40 -26.66 27.32
CA ARG A 166 14.69 -25.47 26.86
C ARG A 166 14.97 -25.30 25.39
N PHE A 167 13.91 -25.27 24.57
CA PHE A 167 14.01 -25.08 23.13
C PHE A 167 13.22 -23.86 22.70
N GLN A 168 13.52 -23.35 21.51
CA GLN A 168 12.61 -22.45 20.81
C GLN A 168 12.37 -22.96 19.40
N ILE A 169 11.15 -22.78 18.92
CA ILE A 169 10.77 -23.04 17.54
C ILE A 169 10.43 -21.69 16.93
N GLN A 170 11.20 -21.27 15.92
CA GLN A 170 11.13 -19.92 15.37
C GLN A 170 11.23 -19.99 13.86
N GLY A 171 10.85 -18.89 13.21
CA GLY A 171 10.88 -18.82 11.77
C GLY A 171 9.51 -18.58 11.18
N PRO A 172 9.45 -18.18 9.91
CA PRO A 172 8.14 -17.91 9.31
C PRO A 172 7.23 -19.13 9.28
N LYS A 173 7.77 -20.35 9.26
CA LYS A 173 6.94 -21.55 9.31
C LYS A 173 6.85 -22.16 10.71
N ALA A 174 7.38 -21.50 11.73
CA ALA A 174 7.33 -22.05 13.08
C ALA A 174 5.91 -22.39 13.51
N TRP A 175 4.97 -21.48 13.30
CA TRP A 175 3.64 -21.75 13.83
C TRP A 175 3.00 -22.95 13.14
N ASP A 176 3.30 -23.13 11.85
CA ASP A 176 2.85 -24.35 11.17
C ASP A 176 3.39 -25.59 11.88
N VAL A 177 4.68 -25.58 12.23
CA VAL A 177 5.25 -26.74 12.91
C VAL A 177 4.60 -26.92 14.27
N ILE A 178 4.43 -25.81 14.99
CA ILE A 178 3.85 -25.85 16.33
C ILE A 178 2.45 -26.48 16.28
N GLU A 179 1.61 -26.02 15.34
CA GLU A 179 0.25 -26.55 15.29
C GLU A 179 0.23 -28.00 14.81
N LYS A 180 1.17 -28.38 13.94
CA LYS A 180 1.28 -29.78 13.57
C LYS A 180 1.61 -30.63 14.80
N LEU A 181 2.53 -30.15 15.64
CA LEU A 181 2.87 -30.85 16.87
C LEU A 181 1.67 -30.93 17.80
N HIS A 182 0.97 -29.81 17.97
CA HIS A 182 -0.12 -29.73 18.93
C HIS A 182 -1.28 -30.64 18.53
N GLY A 183 -1.45 -30.87 17.24
CA GLY A 183 -2.57 -31.63 16.73
C GLY A 183 -3.72 -30.75 16.29
N GLY A 184 -3.55 -29.44 16.32
CA GLY A 184 -4.58 -28.53 15.85
C GLY A 184 -4.16 -27.10 16.09
N THR A 185 -5.14 -26.20 16.03
CA THR A 185 -4.89 -24.78 16.24
C THR A 185 -4.37 -24.52 17.66
N LEU A 186 -3.36 -23.67 17.77
CA LEU A 186 -2.87 -23.21 19.06
C LEU A 186 -2.97 -21.70 19.09
N GLU A 187 -3.61 -21.17 20.13
CA GLU A 187 -3.82 -19.72 20.22
C GLU A 187 -2.49 -19.00 20.36
N LYS A 188 -2.34 -17.91 19.60
CA LYS A 188 -1.18 -17.02 19.76
C LYS A 188 -1.51 -16.04 20.87
N LEU A 189 -0.90 -16.24 22.03
CA LEU A 189 -1.16 -15.33 23.14
C LEU A 189 -0.35 -14.06 23.00
N LYS A 190 -0.50 -13.16 23.96
CA LYS A 190 0.33 -11.98 23.99
C LYS A 190 1.77 -12.36 24.29
N PHE A 191 2.70 -11.53 23.81
CA PHE A 191 4.13 -11.79 23.98
C PHE A 191 4.47 -12.05 25.45
N PHE A 192 5.25 -13.11 25.69
CA PHE A 192 5.68 -13.53 27.01
C PHE A 192 4.56 -14.04 27.90
N ASN A 193 3.38 -14.33 27.37
CA ASN A 193 2.41 -15.08 28.15
C ASN A 193 2.64 -16.57 27.94
N MET A 194 2.36 -17.34 28.99
CA MET A 194 2.71 -18.74 29.04
C MET A 194 1.44 -19.60 28.97
N ALA A 195 1.53 -20.74 28.30
CA ALA A 195 0.43 -21.71 28.33
C ALA A 195 0.99 -23.10 28.15
N GLU A 196 0.31 -23.95 27.39
CA GLU A 196 0.83 -25.30 27.15
C GLU A 196 0.45 -25.75 25.75
N MET A 197 1.11 -26.81 25.31
CA MET A 197 0.84 -27.43 24.03
C MET A 197 1.11 -28.92 24.14
N ASN A 198 0.63 -29.67 23.15
N ASN A 198 0.63 -29.68 23.16
CA ASN A 198 0.95 -31.09 23.05
CA ASN A 198 0.93 -31.10 23.04
C ASN A 198 2.21 -31.28 22.21
C ASN A 198 2.19 -31.30 22.20
N ILE A 199 3.11 -32.12 22.71
CA ILE A 199 4.23 -32.65 21.93
C ILE A 199 4.35 -34.13 22.27
N ALA A 200 4.12 -34.99 21.28
CA ALA A 200 4.27 -36.45 21.41
C ALA A 200 3.59 -36.98 22.67
N GLY A 201 2.36 -36.52 22.90
CA GLY A 201 1.59 -36.97 24.04
C GLY A 201 1.97 -36.33 25.37
N MET A 202 2.90 -35.38 25.38
CA MET A 202 3.28 -34.67 26.60
C MET A 202 2.61 -33.31 26.65
N LYS A 203 2.31 -32.84 27.86
CA LYS A 203 1.84 -31.48 28.05
C LYS A 203 3.07 -30.63 28.33
N ILE A 204 3.41 -29.75 27.37
CA ILE A 204 4.63 -28.97 27.38
C ILE A 204 4.26 -27.51 27.62
N ARG A 205 4.89 -26.88 28.63
CA ARG A 205 4.61 -25.47 28.87
C ARG A 205 5.30 -24.61 27.82
N THR A 206 4.64 -23.51 27.46
CA THR A 206 5.07 -22.66 26.37
C THR A 206 5.21 -21.21 26.83
N LEU A 207 6.04 -20.47 26.12
CA LEU A 207 6.20 -19.03 26.29
C LEU A 207 6.07 -18.40 24.92
N ARG A 208 5.09 -17.52 24.76
CA ARG A 208 4.90 -16.85 23.48
C ARG A 208 6.11 -15.99 23.11
N HIS A 209 6.65 -16.21 21.92
CA HIS A 209 7.90 -15.60 21.51
C HIS A 209 7.80 -15.27 20.03
N GLY A 210 8.92 -14.93 19.41
CA GLY A 210 8.91 -14.64 17.99
C GLY A 210 10.15 -13.88 17.56
N MET A 211 10.33 -13.82 16.24
CA MET A 211 11.47 -13.09 15.69
C MET A 211 11.23 -12.83 14.22
N ALA A 212 11.82 -11.73 13.73
CA ALA A 212 11.77 -11.34 12.33
C ALA A 212 10.32 -11.30 11.83
N GLY A 213 9.42 -10.80 12.68
CA GLY A 213 8.04 -10.61 12.31
C GLY A 213 7.19 -11.86 12.26
N ALA A 214 7.64 -12.97 12.86
CA ALA A 214 6.89 -14.22 12.82
C ALA A 214 6.77 -14.81 14.22
N PRO A 215 5.59 -15.29 14.60
CA PRO A 215 5.41 -15.80 15.96
C PRO A 215 6.07 -17.15 16.13
N GLY A 216 6.56 -17.39 17.35
CA GLY A 216 7.21 -18.63 17.70
C GLY A 216 6.97 -18.92 19.17
N LEU A 217 7.64 -19.96 19.70
CA LEU A 217 7.46 -20.40 21.07
C LEU A 217 8.80 -20.78 21.68
N GLU A 218 8.95 -20.48 22.97
CA GLU A 218 9.94 -21.14 23.79
C GLU A 218 9.20 -22.21 24.57
N ILE A 219 9.81 -23.40 24.69
CA ILE A 219 9.21 -24.53 25.38
C ILE A 219 10.26 -25.14 26.31
N TRP A 220 9.79 -25.80 27.37
CA TRP A 220 10.72 -26.44 28.29
C TRP A 220 10.05 -27.63 28.95
N GLY A 221 10.87 -28.43 29.60
CA GLY A 221 10.39 -29.57 30.35
C GLY A 221 11.52 -30.20 31.12
N PRO A 222 11.21 -31.21 31.94
CA PRO A 222 12.26 -31.91 32.69
C PRO A 222 13.26 -32.58 31.75
N TYR A 223 14.54 -32.53 32.15
CA TYR A 223 15.62 -33.00 31.27
C TYR A 223 15.36 -34.38 30.69
N GLU A 224 14.71 -35.26 31.46
CA GLU A 224 14.49 -36.64 31.04
C GLU A 224 13.75 -36.77 29.70
N THR A 225 12.86 -35.82 29.39
CA THR A 225 12.07 -35.90 28.16
C THR A 225 12.68 -35.12 27.01
N GLN A 226 13.94 -34.67 27.13
CA GLN A 226 14.52 -33.83 26.09
C GLN A 226 14.52 -34.52 24.73
N GLU A 227 14.99 -35.76 24.67
CA GLU A 227 15.13 -36.43 23.39
C GLU A 227 13.76 -36.73 22.77
N LYS A 228 12.79 -37.12 23.60
CA LYS A 228 11.44 -37.37 23.10
C LYS A 228 10.87 -36.12 22.44
N ALA A 229 11.05 -34.96 23.06
CA ALA A 229 10.52 -33.73 22.48
C ALA A 229 11.30 -33.35 21.24
N ARG A 230 12.64 -33.36 21.32
CA ARG A 230 13.45 -32.95 20.17
CA ARG A 230 13.46 -32.96 20.18
C ARG A 230 13.12 -33.79 18.94
N ASN A 231 13.02 -35.10 19.11
CA ASN A 231 12.81 -35.96 17.94
C ASN A 231 11.42 -35.73 17.34
N ALA A 232 10.41 -35.51 18.19
CA ALA A 232 9.09 -35.16 17.67
C ALA A 232 9.13 -33.85 16.88
N ILE A 233 9.83 -32.83 17.39
CA ILE A 233 9.87 -31.54 16.72
C ILE A 233 10.57 -31.68 15.36
N LEU A 234 11.73 -32.33 15.34
CA LEU A 234 12.45 -32.51 14.08
C LEU A 234 11.60 -33.27 13.06
N GLU A 235 10.89 -34.30 13.50
CA GLU A 235 10.08 -35.10 12.59
C GLU A 235 8.93 -34.30 12.02
N ALA A 236 8.15 -33.64 12.88
CA ALA A 236 7.02 -32.84 12.40
C ALA A 236 7.49 -31.69 11.51
N GLY A 237 8.68 -31.16 11.78
CA GLY A 237 9.13 -29.99 11.05
C GLY A 237 9.73 -30.27 9.69
N LYS A 238 10.00 -31.53 9.35
CA LYS A 238 10.58 -31.80 8.05
C LYS A 238 9.69 -31.29 6.92
N GLU A 239 8.37 -31.44 7.07
CA GLU A 239 7.44 -30.96 6.06
C GLU A 239 7.62 -29.47 5.77
N PHE A 240 8.05 -28.70 6.76
CA PHE A 240 8.16 -27.25 6.62
C PHE A 240 9.60 -26.77 6.50
N GLY A 241 10.54 -27.68 6.29
CA GLY A 241 11.92 -27.29 6.16
C GLY A 241 12.61 -26.95 7.46
N LEU A 242 12.10 -27.39 8.60
CA LEU A 242 12.73 -27.02 9.87
C LEU A 242 14.05 -27.75 10.01
N ILE A 243 15.06 -27.03 10.53
CA ILE A 243 16.34 -27.67 10.80
C ILE A 243 16.84 -27.21 12.17
N PRO A 244 17.62 -28.05 12.83
CA PRO A 244 18.24 -27.63 14.09
C PRO A 244 19.37 -26.65 13.85
N VAL A 245 19.54 -25.74 14.78
CA VAL A 245 20.60 -24.75 14.73
C VAL A 245 21.66 -25.14 15.75
N GLY A 246 22.94 -25.05 15.35
CA GLY A 246 24.05 -25.41 16.22
C GLY A 246 24.59 -24.19 16.97
N SER A 247 25.60 -24.45 17.82
CA SER A 247 26.04 -23.39 18.72
C SER A 247 26.88 -22.34 18.02
N ARG A 248 27.40 -22.63 16.82
CA ARG A 248 28.15 -21.61 16.10
C ARG A 248 27.20 -20.51 15.59
N ALA A 249 26.12 -20.91 14.92
CA ALA A 249 25.17 -19.94 14.40
C ALA A 249 24.33 -19.30 15.50
N TYR A 250 23.97 -20.08 16.52
CA TYR A 250 22.92 -19.68 17.48
C TYR A 250 23.10 -18.25 18.02
N PRO A 251 24.23 -17.91 18.65
CA PRO A 251 24.33 -16.58 19.32
C PRO A 251 24.35 -15.41 18.35
N SER A 252 24.59 -15.67 17.06
CA SER A 252 24.51 -14.57 16.10
C SER A 252 23.07 -14.13 15.86
N ASN A 253 22.08 -14.89 16.31
CA ASN A 253 20.69 -14.48 16.10
C ASN A 253 20.41 -13.11 16.70
N THR A 254 21.06 -12.77 17.83
CA THR A 254 20.72 -11.53 18.50
C THR A 254 21.28 -10.32 17.77
N LEU A 255 22.22 -10.51 16.85
CA LEU A 255 22.64 -9.40 16.01
C LEU A 255 21.49 -8.86 15.17
N GLU A 256 20.57 -9.75 14.76
CA GLU A 256 19.37 -9.41 14.00
C GLU A 256 18.22 -9.01 14.92
N SER A 257 18.11 -9.67 16.08
CA SER A 257 16.98 -9.47 16.99
C SER A 257 17.15 -8.23 17.86
N GLY A 258 18.40 -7.84 18.18
CA GLY A 258 18.69 -6.58 18.82
C GLY A 258 18.98 -6.59 20.31
N TRP A 259 19.03 -7.74 20.96
CA TRP A 259 19.29 -7.82 22.39
C TRP A 259 20.80 -7.88 22.66
N ILE A 260 21.30 -7.00 23.54
CA ILE A 260 22.71 -6.98 23.92
C ILE A 260 22.88 -7.92 25.11
N PRO A 261 23.60 -9.04 24.97
CA PRO A 261 23.68 -10.03 26.05
C PRO A 261 24.71 -9.69 27.12
N SER A 262 25.60 -8.75 26.85
CA SER A 262 26.89 -8.76 27.54
C SER A 262 27.23 -7.44 28.22
N PRO A 263 26.30 -6.76 28.88
CA PRO A 263 26.72 -5.58 29.65
C PRO A 263 27.64 -6.02 30.77
N LEU A 264 28.64 -5.22 31.06
CA LEU A 264 29.54 -5.51 32.18
C LEU A 264 28.75 -5.38 33.48
N PRO A 265 28.78 -6.39 34.35
CA PRO A 265 28.09 -6.23 35.65
C PRO A 265 28.75 -5.10 36.43
N ALA A 266 27.95 -4.08 36.75
CA ALA A 266 28.54 -2.81 37.19
C ALA A 266 28.77 -2.83 38.70
N ILE A 267 29.57 -3.81 39.16
CA ILE A 267 29.64 -4.07 40.58
C ILE A 267 31.06 -3.90 41.12
N TYR A 268 31.98 -3.36 40.34
CA TYR A 268 33.39 -3.36 40.72
C TYR A 268 33.77 -2.18 41.60
N THR A 269 32.90 -1.17 41.71
CA THR A 269 33.16 0.04 42.46
C THR A 269 31.95 0.35 43.32
N GLY A 270 32.15 1.25 44.28
CA GLY A 270 31.03 1.69 45.09
C GLY A 270 30.98 1.08 46.46
N ASP A 271 30.92 1.93 47.49
CA ASP A 271 30.89 1.44 48.86
C ASP A 271 29.67 0.58 49.12
N LYS A 272 28.54 0.86 48.47
CA LYS A 272 27.34 0.09 48.74
C LYS A 272 27.38 -1.28 48.09
N LEU A 273 28.38 -1.54 47.25
CA LEU A 273 28.52 -2.84 46.61
C LEU A 273 29.65 -3.66 47.19
N LYS A 274 30.34 -3.16 48.22
CA LYS A 274 31.46 -3.91 48.80
C LYS A 274 31.02 -5.25 49.37
N ALA A 275 29.90 -5.29 50.09
CA ALA A 275 29.42 -6.55 50.64
C ALA A 275 29.17 -7.58 49.55
N TYR A 276 28.64 -7.12 48.40
CA TYR A 276 28.43 -8.04 47.29
C TYR A 276 29.77 -8.53 46.73
N ARG A 277 30.76 -7.64 46.62
CA ARG A 277 32.08 -8.06 46.16
C ARG A 277 32.71 -9.06 47.12
N GLU A 278 32.45 -8.95 48.42
CA GLU A 278 32.97 -9.91 49.38
C GLU A 278 32.26 -11.25 49.29
N TRP A 279 31.05 -11.27 48.77
CA TRP A 279 30.27 -12.49 48.63
C TRP A 279 30.60 -13.23 47.35
N LEU A 280 30.89 -12.51 46.27
CA LEU A 280 31.18 -13.14 44.99
C LEU A 280 32.47 -13.95 45.07
N PRO A 281 32.44 -15.23 44.67
CA PRO A 281 33.65 -16.05 44.73
C PRO A 281 34.75 -15.52 43.84
N ALA A 282 35.99 -15.93 44.13
CA ALA A 282 37.12 -15.58 43.29
C ALA A 282 37.07 -16.23 41.92
N ASN A 283 36.29 -17.30 41.75
CA ASN A 283 36.14 -17.92 40.43
C ASN A 283 34.81 -17.56 39.80
N SER A 284 34.16 -16.51 40.26
CA SER A 284 32.90 -16.10 39.67
C SER A 284 33.12 -15.54 38.25
N TYR A 285 32.01 -15.48 37.51
CA TYR A 285 31.95 -14.74 36.25
C TYR A 285 32.60 -13.36 36.39
N GLU A 286 32.24 -12.65 37.47
CA GLU A 286 32.67 -11.27 37.66
C GLU A 286 34.17 -11.18 37.93
N ALA A 287 34.71 -12.16 38.65
CA ALA A 287 36.11 -12.10 39.02
C ALA A 287 37.05 -12.64 37.94
N SER A 288 36.60 -13.64 37.20
CA SER A 288 37.49 -14.39 36.32
C SER A 288 37.32 -14.06 34.84
N GLY A 289 36.26 -13.34 34.46
CA GLY A 289 35.97 -13.10 33.07
C GLY A 289 36.86 -12.03 32.47
N ALA A 290 36.49 -11.60 31.27
CA ALA A 290 37.34 -10.79 30.41
C ALA A 290 36.56 -9.66 29.75
N ILE A 291 37.29 -8.58 29.43
CA ILE A 291 36.78 -7.49 28.61
C ILE A 291 37.66 -7.41 27.37
N GLY A 292 37.04 -7.37 26.20
CA GLY A 292 37.78 -7.30 24.97
C GLY A 292 37.32 -6.11 24.14
N GLY A 293 38.24 -5.60 23.32
CA GLY A 293 37.89 -4.56 22.37
C GLY A 293 38.70 -3.28 22.55
N SER A 294 38.40 -2.33 21.68
CA SER A 294 39.25 -1.16 21.51
C SER A 294 39.01 -0.08 22.55
N PHE A 295 37.89 -0.10 23.27
CA PHE A 295 37.63 0.98 24.22
C PHE A 295 38.53 0.85 25.44
N VAL A 296 39.32 1.89 25.71
CA VAL A 296 40.31 1.89 26.80
C VAL A 296 39.97 3.02 27.77
N SER A 297 39.79 2.68 29.04
CA SER A 297 39.78 3.64 30.13
C SER A 297 40.43 2.98 31.33
N SER A 298 41.11 3.77 32.17
CA SER A 298 41.62 3.17 33.40
C SER A 298 40.56 3.13 34.50
N ASN A 299 39.37 3.69 34.25
CA ASN A 299 38.27 3.66 35.21
C ASN A 299 37.25 2.64 34.76
N ILE A 300 37.07 1.58 35.55
CA ILE A 300 36.12 0.53 35.17
C ILE A 300 34.69 1.06 35.06
N GLU A 301 34.37 2.16 35.75
CA GLU A 301 33.01 2.71 35.66
C GLU A 301 32.67 3.21 34.27
N ASP A 302 33.68 3.51 33.45
CA ASP A 302 33.40 3.93 32.07
C ASP A 302 32.89 2.79 31.20
N TYR A 303 32.95 1.55 31.67
CA TYR A 303 32.40 0.39 30.97
C TYR A 303 30.96 0.10 31.38
N TYR A 304 30.45 0.77 32.42
CA TYR A 304 29.10 0.51 32.88
C TYR A 304 28.08 1.10 31.90
N VAL A 305 26.88 0.51 31.91
CA VAL A 305 25.71 1.09 31.24
C VAL A 305 24.56 1.13 32.23
N ASN A 306 23.64 2.06 32.01
CA ASN A 306 22.39 2.11 32.74
C ASN A 306 21.27 1.59 31.84
N PRO A 307 20.10 1.30 32.39
CA PRO A 307 19.10 0.56 31.57
C PRO A 307 18.61 1.36 30.37
N TYR A 308 18.57 2.69 30.44
CA TYR A 308 18.11 3.49 29.30
C TYR A 308 19.03 3.31 28.11
N GLU A 309 20.31 3.03 28.36
CA GLU A 309 21.30 3.03 27.30
C GLU A 309 21.28 1.76 26.45
N ILE A 310 20.71 0.67 26.95
CA ILE A 310 20.70 -0.57 26.17
C ILE A 310 19.27 -1.06 25.90
N GLY A 311 18.29 -0.15 25.96
CA GLY A 311 16.95 -0.44 25.49
C GLY A 311 15.93 -0.82 26.55
N TYR A 312 16.27 -0.74 27.83
CA TYR A 312 15.36 -1.18 28.87
C TYR A 312 14.63 -0.02 29.54
N GLY A 313 14.80 1.21 29.04
CA GLY A 313 14.06 2.34 29.54
C GLY A 313 12.59 2.07 29.72
N PRO A 314 11.94 1.54 28.68
CA PRO A 314 10.50 1.23 28.78
C PRO A 314 10.15 0.25 29.89
N PHE A 315 11.10 -0.54 30.42
CA PHE A 315 10.78 -1.45 31.52
C PHE A 315 10.73 -0.75 32.87
N VAL A 316 11.41 0.39 33.01
CA VAL A 316 11.52 1.06 34.29
C VAL A 316 10.15 1.59 34.71
N LYS A 317 9.70 1.18 35.90
CA LYS A 317 8.42 1.63 36.43
C LYS A 317 8.58 2.02 37.89
N PHE A 318 8.34 3.28 38.20
CA PHE A 318 8.48 3.79 39.57
C PHE A 318 7.18 3.60 40.36
N ASP A 319 6.77 2.33 40.48
CA ASP A 319 5.53 1.97 41.14
C ASP A 319 5.76 0.93 42.24
N HIS A 320 7.02 0.75 42.64
CA HIS A 320 7.41 -0.21 43.65
C HIS A 320 8.78 0.22 44.16
N ASP A 321 9.13 -0.24 45.36
CA ASP A 321 10.46 0.03 45.90
C ASP A 321 11.46 -0.93 45.27
N PHE A 322 12.59 -0.40 44.82
CA PHE A 322 13.62 -1.31 44.28
C PHE A 322 14.99 -0.68 44.37
N ILE A 323 16.02 -1.54 44.42
CA ILE A 323 17.39 -1.06 44.51
C ILE A 323 17.74 -0.25 43.27
N GLY A 324 18.29 0.95 43.49
CA GLY A 324 18.64 1.84 42.40
C GLY A 324 17.53 2.76 41.93
N ARG A 325 16.34 2.68 42.51
CA ARG A 325 15.23 3.51 42.05
C ARG A 325 15.57 5.01 42.11
N ASP A 326 16.11 5.48 43.24
CA ASP A 326 16.43 6.91 43.35
C ASP A 326 17.41 7.35 42.28
N ALA A 327 18.39 6.50 41.95
CA ALA A 327 19.34 6.85 40.91
C ALA A 327 18.68 6.93 39.55
N LEU A 328 17.82 5.96 39.22
CA LEU A 328 17.11 6.01 37.94
C LEU A 328 16.16 7.21 37.88
N GLU A 329 15.50 7.55 38.98
CA GLU A 329 14.61 8.71 38.98
C GLU A 329 15.39 10.00 38.69
N ALA A 330 16.65 10.06 39.09
CA ALA A 330 17.49 11.23 38.87
C ALA A 330 17.97 11.35 37.43
N ILE A 331 17.93 10.26 36.65
CA ILE A 331 18.40 10.28 35.28
C ILE A 331 17.36 10.96 34.40
N ASP A 332 17.83 11.73 33.41
CA ASP A 332 16.97 12.27 32.37
C ASP A 332 16.92 11.27 31.22
N PRO A 333 15.81 10.57 30.98
CA PRO A 333 15.81 9.57 29.90
C PRO A 333 16.09 10.14 28.53
N ALA A 334 15.73 11.41 28.28
CA ALA A 334 15.78 11.95 26.93
C ALA A 334 17.20 12.23 26.44
N THR A 335 18.18 12.30 27.35
CA THR A 335 19.56 12.58 26.97
C THR A 335 20.48 11.37 27.11
N GLN A 336 19.96 10.20 27.45
CA GLN A 336 20.79 9.01 27.58
C GLN A 336 21.19 8.47 26.22
N ARG A 337 22.34 7.82 26.16
CA ARG A 337 22.71 7.10 24.95
C ARG A 337 21.62 6.10 24.58
N LYS A 338 21.58 5.71 23.30
CA LYS A 338 20.52 4.86 22.78
C LYS A 338 21.12 3.63 22.09
N LYS A 339 20.44 2.49 22.24
CA LYS A 339 20.86 1.28 21.54
C LYS A 339 20.54 1.39 20.04
N VAL A 340 21.49 0.96 19.21
CA VAL A 340 21.36 0.97 17.74
C VAL A 340 22.03 -0.29 17.21
N THR A 341 21.77 -0.60 15.93
CA THR A 341 22.60 -1.55 15.19
C THR A 341 23.56 -0.76 14.33
N LEU A 342 24.81 -1.22 14.26
CA LEU A 342 25.79 -0.66 13.35
C LEU A 342 26.03 -1.65 12.22
N ALA A 343 25.89 -1.16 10.97
CA ALA A 343 26.08 -2.00 9.79
C ALA A 343 27.47 -1.73 9.24
N TRP A 344 28.36 -2.72 9.35
CA TRP A 344 29.77 -2.48 9.05
C TRP A 344 29.99 -2.47 7.53
N ASN A 345 30.90 -1.60 7.10
CA ASN A 345 31.14 -1.40 5.67
C ASN A 345 31.76 -2.66 5.04
N GLY A 346 31.17 -3.13 3.94
CA GLY A 346 31.61 -4.37 3.33
C GLY A 346 33.00 -4.31 2.74
N ASP A 347 33.39 -3.16 2.19
CA ASP A 347 34.76 -2.99 1.73
C ASP A 347 35.75 -3.08 2.88
N ASP A 348 35.43 -2.45 4.02
CA ASP A 348 36.30 -2.56 5.19
C ASP A 348 36.38 -4.00 5.69
N MET A 349 35.26 -4.73 5.65
CA MET A 349 35.29 -6.13 6.04
C MET A 349 36.20 -6.94 5.14
N ALA A 350 36.14 -6.69 3.82
CA ALA A 350 37.00 -7.42 2.90
C ALA A 350 38.47 -7.13 3.15
N LYS A 351 38.79 -5.91 3.60
CA LYS A 351 40.16 -5.54 3.90
C LYS A 351 40.64 -6.23 5.17
N ILE A 352 39.77 -6.37 6.17
CA ILE A 352 40.12 -7.13 7.38
C ILE A 352 40.53 -8.55 7.00
N TYR A 353 39.69 -9.23 6.20
CA TYR A 353 39.99 -10.62 5.90
C TYR A 353 41.16 -10.76 4.95
N ALA A 354 41.30 -9.82 4.02
CA ALA A 354 42.41 -9.86 3.08
C ALA A 354 43.75 -9.91 3.80
N SER A 355 43.87 -9.20 4.92
CA SER A 355 45.15 -9.11 5.61
C SER A 355 45.62 -10.46 6.15
N LEU A 356 44.71 -11.44 6.33
CA LEU A 356 45.13 -12.77 6.77
C LEU A 356 45.94 -13.49 5.71
N PHE A 357 45.80 -13.10 4.44
CA PHE A 357 46.47 -13.78 3.35
C PHE A 357 47.65 -12.98 2.80
N ASP A 358 48.10 -11.96 3.51
CA ASP A 358 49.21 -11.10 3.09
C ASP A 358 50.49 -11.66 3.71
N THR A 359 51.36 -12.23 2.88
CA THR A 359 52.55 -12.90 3.39
C THR A 359 53.69 -11.92 3.67
N GLU A 360 53.55 -10.64 3.29
CA GLU A 360 54.61 -9.67 3.45
C GLU A 360 54.35 -8.62 4.53
N ALA A 361 53.10 -8.39 4.91
CA ALA A 361 52.79 -7.36 5.89
C ALA A 361 53.28 -7.76 7.28
N ASP A 362 53.74 -6.76 8.03
CA ASP A 362 54.21 -7.00 9.39
C ASP A 362 53.08 -7.39 10.33
N ALA A 363 51.84 -7.02 10.02
CA ALA A 363 50.70 -7.29 10.89
C ALA A 363 49.45 -7.42 10.05
N HIS A 364 48.43 -8.06 10.62
CA HIS A 364 47.11 -8.14 10.00
C HIS A 364 46.09 -7.56 10.98
N TYR A 365 44.86 -7.37 10.49
CA TYR A 365 43.79 -6.87 11.34
C TYR A 365 43.23 -7.99 12.20
N LYS A 366 42.62 -7.60 13.34
CA LYS A 366 42.10 -8.56 14.30
C LYS A 366 41.18 -9.55 13.61
N PHE A 367 41.42 -10.84 13.84
CA PHE A 367 40.61 -11.88 13.22
C PHE A 367 39.16 -11.67 13.61
N PHE A 368 38.29 -11.70 12.62
CA PHE A 368 36.84 -11.46 12.75
C PHE A 368 36.17 -12.80 12.47
N ASP A 369 35.90 -13.58 13.52
CA ASP A 369 35.31 -14.90 13.33
C ASP A 369 33.86 -14.77 12.84
N LEU A 370 33.39 -15.83 12.16
CA LEU A 370 32.06 -15.86 11.55
C LEU A 370 31.28 -17.05 12.07
N PRO A 371 30.00 -16.88 12.44
CA PRO A 371 29.26 -15.61 12.35
C PRO A 371 29.31 -14.75 13.61
N LEU A 372 30.05 -15.16 14.64
CA LEU A 372 30.16 -14.38 15.87
C LEU A 372 31.61 -14.04 16.09
N ALA A 373 31.93 -12.74 16.21
CA ALA A 373 33.31 -12.31 16.26
C ALA A 373 33.80 -11.94 17.66
N ASN A 374 32.94 -12.03 18.69
CA ASN A 374 33.35 -11.65 20.04
C ASN A 374 34.52 -12.50 20.49
N TYR A 375 35.38 -11.91 21.34
CA TYR A 375 36.51 -12.66 21.89
C TYR A 375 36.68 -12.41 23.38
N ALA A 376 35.61 -12.01 24.07
CA ALA A 376 35.55 -11.93 25.52
C ALA A 376 34.10 -12.09 25.90
N ASN A 377 33.83 -12.23 27.20
CA ASN A 377 32.43 -12.27 27.56
C ASN A 377 31.82 -10.88 27.74
N THR A 378 32.64 -9.85 27.91
CA THR A 378 32.18 -8.46 27.81
C THR A 378 32.92 -7.79 26.67
N ASN A 379 32.18 -7.18 25.75
CA ASN A 379 32.72 -6.59 24.55
C ASN A 379 32.61 -5.07 24.63
N ALA A 380 33.70 -4.37 24.31
CA ALA A 380 33.72 -2.92 24.45
C ALA A 380 34.66 -2.34 23.38
N ASP A 381 34.09 -2.07 22.21
CA ASP A 381 34.80 -1.38 21.14
C ASP A 381 34.35 0.07 21.10
N ALA A 382 35.30 0.98 20.87
CA ALA A 382 34.96 2.39 20.82
C ALA A 382 34.26 2.69 19.50
N VAL A 383 33.25 3.55 19.57
CA VAL A 383 32.60 4.10 18.38
C VAL A 383 32.99 5.58 18.31
N LEU A 384 33.49 6.00 17.14
CA LEU A 384 34.05 7.33 16.98
C LEU A 384 33.24 8.09 15.94
N ASP A 385 33.15 9.41 16.10
CA ASP A 385 32.56 10.22 15.05
C ASP A 385 33.68 10.67 14.11
N ALA A 386 33.36 11.58 13.18
CA ALA A 386 34.34 11.97 12.17
C ALA A 386 35.51 12.75 12.77
N ALA A 387 35.31 13.42 13.90
CA ALA A 387 36.41 14.14 14.53
C ALA A 387 37.28 13.25 15.40
N GLY A 388 36.92 11.98 15.58
CA GLY A 388 37.65 11.13 16.49
C GLY A 388 37.16 11.12 17.91
N ASN A 389 36.04 11.77 18.20
CA ASN A 389 35.49 11.72 19.56
C ASN A 389 34.83 10.37 19.79
N VAL A 390 34.99 9.85 21.00
CA VAL A 390 34.24 8.65 21.40
C VAL A 390 32.79 9.04 21.58
N VAL A 391 31.90 8.45 20.80
CA VAL A 391 30.48 8.75 20.89
C VAL A 391 29.65 7.52 21.20
N GLY A 392 30.28 6.39 21.53
CA GLY A 392 29.50 5.24 21.92
C GLY A 392 30.38 4.01 22.12
N MET A 393 29.70 2.91 22.41
CA MET A 393 30.33 1.63 22.73
C MET A 393 29.64 0.52 21.96
N SER A 394 30.42 -0.27 21.22
CA SER A 394 29.92 -1.41 20.45
C SER A 394 30.13 -2.67 21.29
N MET A 395 29.06 -3.45 21.47
CA MET A 395 29.04 -4.42 22.56
C MET A 395 28.75 -5.87 22.14
N PHE A 396 28.53 -6.14 20.86
CA PHE A 396 28.26 -7.50 20.39
C PHE A 396 28.39 -7.50 18.88
N THR A 397 29.19 -8.41 18.32
CA THR A 397 29.69 -8.25 16.96
C THR A 397 29.66 -9.55 16.19
N GLY A 398 29.27 -9.48 14.92
CA GLY A 398 29.31 -10.67 14.10
C GLY A 398 28.81 -10.44 12.70
N TYR A 399 28.20 -11.46 12.09
CA TYR A 399 27.85 -11.38 10.68
C TYR A 399 26.55 -12.13 10.44
N SER A 400 25.72 -11.57 9.58
CA SER A 400 24.45 -12.18 9.20
C SER A 400 24.53 -12.59 7.73
N TYR A 401 24.44 -13.90 7.47
CA TYR A 401 24.30 -14.39 6.11
C TYR A 401 22.99 -13.93 5.48
N ASN A 402 21.97 -13.65 6.30
CA ASN A 402 20.71 -13.16 5.77
C ASN A 402 20.87 -11.79 5.14
N GLU A 403 21.69 -10.92 5.74
CA GLU A 403 21.93 -9.58 5.22
C GLU A 403 23.18 -9.47 4.36
N LYS A 404 24.04 -10.49 4.35
CA LYS A 404 25.41 -10.36 3.83
C LYS A 404 26.10 -9.12 4.41
N ARG A 405 25.97 -8.92 5.71
CA ARG A 405 26.59 -7.79 6.39
C ARG A 405 27.18 -8.22 7.71
N ALA A 406 28.37 -7.71 8.02
CA ALA A 406 28.81 -7.62 9.41
C ALA A 406 28.00 -6.55 10.13
N LEU A 407 27.63 -6.86 11.39
CA LEU A 407 26.74 -6.04 12.21
C LEU A 407 27.26 -6.03 13.64
N SER A 408 26.99 -4.93 14.34
CA SER A 408 27.23 -4.95 15.77
C SER A 408 26.11 -4.18 16.46
N LEU A 409 25.87 -4.54 17.73
CA LEU A 409 24.91 -3.83 18.57
C LEU A 409 25.70 -2.84 19.42
N ALA A 410 25.21 -1.59 19.48
CA ALA A 410 25.97 -0.54 20.16
C ALA A 410 25.03 0.41 20.90
N THR A 411 25.62 1.24 21.76
CA THR A 411 24.91 2.33 22.43
C THR A 411 25.67 3.61 22.12
N ILE A 412 24.97 4.62 21.59
CA ILE A 412 25.63 5.82 21.08
C ILE A 412 24.86 7.06 21.56
N ASP A 413 25.54 8.21 21.48
CA ASP A 413 24.94 9.49 21.86
C ASP A 413 23.60 9.68 21.14
N HIS A 414 22.62 10.17 21.89
CA HIS A 414 21.23 10.12 21.45
C HIS A 414 20.98 10.97 20.21
N GLU A 415 21.76 12.02 20.00
CA GLU A 415 21.46 12.96 18.93
C GLU A 415 21.95 12.48 17.56
N ILE A 416 22.69 11.37 17.50
CA ILE A 416 23.20 10.86 16.23
C ILE A 416 22.09 10.24 15.39
N PRO A 417 21.79 10.77 14.22
CA PRO A 417 20.68 10.24 13.41
C PRO A 417 21.01 8.90 12.78
N VAL A 418 19.97 8.06 12.66
CA VAL A 418 20.05 6.87 11.83
C VAL A 418 20.49 7.28 10.44
N GLY A 419 21.35 6.46 9.81
CA GLY A 419 21.97 6.79 8.54
C GLY A 419 23.36 7.38 8.65
N THR A 420 23.74 7.85 9.84
CA THR A 420 25.05 8.45 10.04
C THR A 420 26.16 7.40 9.94
N GLU A 421 27.25 7.76 9.28
CA GLU A 421 28.41 6.88 9.16
C GLU A 421 29.37 7.20 10.28
N LEU A 422 29.51 6.28 11.23
CA LEU A 422 30.47 6.38 12.31
C LEU A 422 31.63 5.44 12.01
N THR A 423 32.58 5.35 12.93
CA THR A 423 33.60 4.31 12.84
C THR A 423 33.62 3.50 14.12
N VAL A 424 33.78 2.20 13.97
CA VAL A 424 34.09 1.32 15.09
C VAL A 424 35.57 1.00 15.02
N LEU A 425 36.27 1.22 16.12
CA LEU A 425 37.67 0.83 16.20
C LEU A 425 37.72 -0.67 16.50
N TRP A 426 38.21 -1.46 15.54
CA TRP A 426 38.23 -2.91 15.64
C TRP A 426 39.66 -3.39 15.90
N GLY A 427 39.82 -4.18 16.95
CA GLY A 427 41.12 -4.60 17.43
C GLY A 427 41.55 -3.83 18.66
N GLU A 428 42.62 -4.32 19.28
CA GLU A 428 43.12 -3.71 20.49
C GLU A 428 44.46 -3.05 20.22
N GLU A 429 44.88 -2.22 21.15
CA GLU A 429 46.06 -1.37 20.96
C GLU A 429 47.35 -2.14 21.22
N ASN A 430 48.45 -1.61 20.70
CA ASN A 430 49.79 -2.09 21.03
C ASN A 430 49.98 -3.57 20.72
N GLY A 431 49.38 -4.07 19.65
CA GLY A 431 49.51 -5.46 19.29
C GLY A 431 48.51 -6.41 19.92
N GLY A 432 47.72 -5.95 20.87
CA GLY A 432 46.66 -6.73 21.50
C GLY A 432 46.96 -7.02 22.96
N THR A 433 45.89 -7.18 23.76
CA THR A 433 46.04 -7.58 25.15
C THR A 433 46.54 -9.02 25.23
N ARG A 434 46.70 -9.51 26.46
CA ARG A 434 47.22 -10.85 26.71
C ARG A 434 46.12 -11.91 26.80
N LYS A 435 44.87 -11.56 26.50
CA LYS A 435 43.80 -12.57 26.49
C LYS A 435 44.17 -13.71 25.54
N THR A 436 43.77 -14.94 25.90
CA THR A 436 44.15 -16.10 25.09
C THR A 436 43.35 -16.19 23.79
N THR A 437 42.32 -15.35 23.63
CA THR A 437 41.58 -15.28 22.39
C THR A 437 42.23 -14.38 21.37
N VAL A 438 43.28 -13.66 21.74
CA VAL A 438 43.79 -12.54 20.94
C VAL A 438 45.13 -12.93 20.33
N GLU A 439 45.17 -12.99 19.01
CA GLU A 439 46.41 -13.10 18.28
C GLU A 439 46.96 -11.69 18.03
N PRO A 440 48.26 -11.57 17.76
CA PRO A 440 48.82 -10.23 17.49
C PRO A 440 48.20 -9.61 16.25
N HIS A 441 47.94 -8.32 16.33
CA HIS A 441 47.20 -7.65 15.26
C HIS A 441 47.34 -6.14 15.39
N LYS A 442 46.99 -5.45 14.31
CA LYS A 442 46.85 -4.00 14.30
C LYS A 442 45.38 -3.65 14.20
N GLN A 443 45.04 -2.42 14.60
CA GLN A 443 43.66 -1.96 14.65
C GLN A 443 43.20 -1.41 13.31
N MET A 444 41.87 -1.35 13.15
CA MET A 444 41.28 -0.71 11.97
C MET A 444 40.06 0.11 12.39
N ALA A 445 39.95 1.31 11.83
CA ALA A 445 38.76 2.15 11.99
C ALA A 445 37.75 1.72 10.93
N VAL A 446 36.77 0.91 11.31
CA VAL A 446 35.81 0.35 10.36
C VAL A 446 34.65 1.30 10.22
N ARG A 447 34.27 1.64 8.98
CA ARG A 447 33.08 2.46 8.76
C ARG A 447 31.81 1.67 9.08
N ALA A 448 30.87 2.33 9.76
CA ALA A 448 29.65 1.69 10.21
C ALA A 448 28.49 2.66 10.15
N VAL A 449 27.36 2.23 9.60
CA VAL A 449 26.18 3.06 9.45
C VAL A 449 25.22 2.77 10.59
N VAL A 450 24.82 3.83 11.33
CA VAL A 450 23.78 3.69 12.36
C VAL A 450 22.48 3.22 11.73
N SER A 451 21.88 2.19 12.32
CA SER A 451 20.69 1.53 11.80
C SER A 451 19.77 1.22 12.98
N PRO A 452 18.48 1.00 12.72
CA PRO A 452 17.56 0.69 13.82
C PRO A 452 17.87 -0.64 14.49
N VAL A 453 17.29 -0.82 15.68
CA VAL A 453 17.23 -2.10 16.38
C VAL A 453 15.76 -2.45 16.56
N PRO A 454 15.32 -3.68 16.24
CA PRO A 454 16.05 -4.77 15.54
C PRO A 454 16.54 -4.31 14.18
N TYR A 455 17.62 -4.90 13.68
CA TYR A 455 18.27 -4.37 12.49
C TYR A 455 17.31 -4.27 11.32
N SER A 456 17.39 -3.15 10.61
CA SER A 456 16.68 -2.91 9.37
C SER A 456 17.62 -2.16 8.45
N VAL A 457 17.67 -2.58 7.18
CA VAL A 457 18.62 -1.98 6.23
C VAL A 457 18.37 -0.49 6.13
N THR A 458 19.43 0.30 6.28
CA THR A 458 19.35 1.76 6.39
C THR A 458 20.14 2.42 5.28
N ALA A 459 19.50 3.34 4.55
CA ALA A 459 20.22 4.18 3.61
C ALA A 459 21.22 5.07 4.36
N ARG A 460 22.43 5.16 3.82
CA ARG A 460 23.47 6.02 4.38
C ARG A 460 23.07 7.49 4.30
N ALA B 6 -36.80 -13.01 -0.79
CA ALA B 6 -35.48 -12.46 -0.50
C ALA B 6 -35.49 -11.68 0.82
N PRO B 7 -34.43 -11.81 1.61
CA PRO B 7 -34.36 -11.11 2.91
C PRO B 7 -34.62 -9.62 2.75
N THR B 8 -35.33 -9.05 3.73
CA THR B 8 -35.61 -7.62 3.72
C THR B 8 -34.85 -6.83 4.77
N ASN B 9 -34.19 -7.49 5.73
CA ASN B 9 -33.40 -6.76 6.71
C ASN B 9 -32.08 -7.46 6.99
N LEU B 10 -31.21 -6.75 7.72
CA LEU B 10 -29.85 -7.24 7.96
C LEU B 10 -29.86 -8.52 8.80
N GLU B 11 -30.73 -8.60 9.81
CA GLU B 11 -30.78 -9.79 10.65
C GLU B 11 -31.06 -11.04 9.82
N GLN B 12 -32.00 -10.95 8.87
CA GLN B 12 -32.29 -12.08 7.98
C GLN B 12 -31.09 -12.40 7.09
N VAL B 13 -30.42 -11.36 6.58
CA VAL B 13 -29.24 -11.57 5.75
C VAL B 13 -28.17 -12.32 6.54
N LEU B 14 -27.92 -11.88 7.78
CA LEU B 14 -26.92 -12.56 8.59
C LEU B 14 -27.32 -14.00 8.89
N ALA B 15 -28.60 -14.23 9.20
CA ALA B 15 -29.05 -15.58 9.53
C ALA B 15 -28.84 -16.54 8.36
N ALA B 16 -29.09 -16.09 7.13
CA ALA B 16 -28.90 -16.93 5.96
C ALA B 16 -27.46 -16.93 5.44
N GLY B 17 -26.62 -16.00 5.85
CA GLY B 17 -25.28 -15.86 5.32
C GLY B 17 -24.17 -16.55 6.08
N GLY B 18 -24.49 -17.43 7.02
CA GLY B 18 -23.44 -18.12 7.75
C GLY B 18 -22.67 -17.17 8.65
N ASN B 19 -21.38 -17.47 8.84
CA ASN B 19 -20.53 -16.67 9.71
C ASN B 19 -20.44 -15.24 9.17
N THR B 20 -20.52 -14.26 10.08
CA THR B 20 -20.64 -12.86 9.65
C THR B 20 -19.36 -12.37 8.97
N VAL B 21 -18.19 -12.68 9.53
CA VAL B 21 -16.93 -12.24 8.92
C VAL B 21 -16.80 -12.80 7.51
N GLU B 22 -17.01 -14.12 7.38
CA GLU B 22 -16.91 -14.77 6.07
C GLU B 22 -17.85 -14.14 5.06
N MET B 23 -19.06 -13.81 5.49
CA MET B 23 -20.00 -13.16 4.57
C MET B 23 -19.47 -11.83 4.08
N LEU B 24 -19.01 -10.98 5.01
CA LEU B 24 -18.54 -9.65 4.64
C LEU B 24 -17.22 -9.70 3.87
N ARG B 25 -16.32 -10.61 4.25
CA ARG B 25 -15.04 -10.68 3.54
C ARG B 25 -15.17 -11.29 2.15
N ASN B 26 -16.34 -11.86 1.81
CA ASN B 26 -16.57 -12.43 0.49
C ASN B 26 -17.72 -11.75 -0.25
N SER B 27 -18.15 -10.57 0.23
CA SER B 27 -19.25 -9.85 -0.41
C SER B 27 -18.97 -9.54 -1.87
N GLN B 28 -20.04 -9.48 -2.66
CA GLN B 28 -19.95 -9.22 -4.09
C GLN B 28 -20.16 -7.75 -4.45
N ILE B 29 -20.14 -6.86 -3.46
CA ILE B 29 -20.54 -5.47 -3.69
C ILE B 29 -19.57 -4.74 -4.62
N GLY B 30 -18.30 -5.11 -4.64
CA GLY B 30 -17.32 -4.38 -5.43
C GLY B 30 -16.69 -3.21 -4.67
N ALA B 31 -16.09 -2.30 -5.43
CA ALA B 31 -15.32 -1.21 -4.83
C ALA B 31 -16.21 -0.21 -4.11
N TYR B 32 -15.64 0.42 -3.08
CA TYR B 32 -16.26 1.59 -2.49
C TYR B 32 -15.94 2.78 -3.39
N VAL B 33 -16.98 3.35 -3.99
CA VAL B 33 -16.83 4.29 -5.10
C VAL B 33 -17.03 5.70 -4.57
N TYR B 34 -16.21 6.64 -5.07
CA TYR B 34 -16.41 8.06 -4.86
C TYR B 34 -17.08 8.58 -6.11
N PRO B 35 -18.41 8.74 -6.11
CA PRO B 35 -19.17 8.76 -7.36
C PRO B 35 -19.22 10.14 -8.02
N VAL B 36 -19.57 10.09 -9.31
CA VAL B 36 -20.07 11.20 -10.14
C VAL B 36 -18.96 12.15 -10.58
N VAL B 37 -18.22 12.69 -9.61
CA VAL B 37 -17.10 13.57 -9.92
C VAL B 37 -16.14 12.87 -10.86
N ALA B 38 -15.65 13.60 -11.87
CA ALA B 38 -14.73 13.02 -12.84
C ALA B 38 -13.52 12.44 -12.12
N PRO B 39 -13.09 11.22 -12.47
CA PRO B 39 -11.89 10.67 -11.82
C PRO B 39 -10.70 11.64 -11.84
N GLU B 40 -10.42 12.25 -12.98
CA GLU B 40 -9.35 13.26 -13.03
C GLU B 40 -9.78 14.45 -13.88
N PHE B 41 -9.33 15.63 -13.49
CA PHE B 41 -9.44 16.82 -14.31
C PHE B 41 -8.15 17.15 -15.05
N SER B 42 -6.99 17.03 -14.39
CA SER B 42 -5.70 17.06 -15.07
C SER B 42 -5.06 15.70 -14.96
N ASN B 43 -4.39 15.44 -13.85
CA ASN B 43 -4.01 14.09 -13.47
C ASN B 43 -3.90 14.05 -11.95
N TRP B 44 -4.05 12.85 -11.36
CA TRP B 44 -4.12 12.81 -9.90
C TRP B 44 -2.82 13.22 -9.22
N ARG B 45 -1.67 13.13 -9.90
CA ARG B 45 -0.42 13.52 -9.25
C ARG B 45 -0.34 15.04 -9.12
N THR B 46 -0.62 15.75 -10.21
CA THR B 46 -0.67 17.21 -10.17
C THR B 46 -1.75 17.70 -9.22
N GLU B 47 -2.90 17.02 -9.19
CA GLU B 47 -3.97 17.42 -8.27
C GLU B 47 -3.54 17.26 -6.82
N GLN B 48 -2.89 16.14 -6.47
CA GLN B 48 -2.37 15.99 -5.11
C GLN B 48 -1.36 17.08 -4.79
N TRP B 49 -0.47 17.36 -5.74
CA TRP B 49 0.56 18.38 -5.55
C TRP B 49 -0.06 19.74 -5.27
N ALA B 50 -1.16 20.07 -5.97
CA ALA B 50 -1.76 21.40 -5.84
C ALA B 50 -2.31 21.68 -4.44
N TRP B 51 -2.84 20.68 -3.74
CA TRP B 51 -3.38 21.02 -2.43
C TRP B 51 -2.29 21.28 -1.40
N ARG B 52 -1.07 20.87 -1.68
CA ARG B 52 0.07 21.20 -0.83
C ARG B 52 0.79 22.47 -1.28
N ASN B 53 0.69 22.84 -2.56
CA ASN B 53 1.56 23.84 -3.16
C ASN B 53 0.85 25.04 -3.76
N SER B 54 -0.42 24.93 -4.15
CA SER B 54 -1.14 26.11 -4.63
C SER B 54 -2.53 26.19 -4.00
N ALA B 55 -3.55 25.74 -4.73
CA ALA B 55 -4.87 25.62 -4.13
C ALA B 55 -5.69 24.63 -4.94
N VAL B 56 -6.73 24.09 -4.31
CA VAL B 56 -7.60 23.12 -4.97
C VAL B 56 -9.06 23.43 -4.64
N LEU B 57 -9.93 23.02 -5.55
CA LEU B 57 -11.36 22.89 -5.28
C LEU B 57 -11.65 21.41 -5.10
N PHE B 58 -12.01 21.01 -3.87
CA PHE B 58 -12.53 19.67 -3.60
C PHE B 58 -14.03 19.67 -3.85
N ASP B 59 -14.51 18.68 -4.61
CA ASP B 59 -15.94 18.56 -4.88
C ASP B 59 -16.48 17.45 -3.99
N GLN B 60 -17.11 17.83 -2.88
CA GLN B 60 -17.62 16.89 -1.91
C GLN B 60 -19.11 16.62 -2.05
N THR B 61 -19.68 16.93 -3.21
CA THR B 61 -21.13 16.94 -3.35
C THR B 61 -21.73 15.53 -3.37
N HIS B 62 -20.95 14.49 -3.70
CA HIS B 62 -21.57 13.23 -4.09
C HIS B 62 -21.25 12.01 -3.24
N HIS B 63 -20.23 12.02 -2.40
CA HIS B 63 -19.78 10.78 -1.77
C HIS B 63 -20.28 10.61 -0.33
N MET B 64 -21.00 11.57 0.22
CA MET B 64 -21.47 11.46 1.59
C MET B 64 -22.99 11.47 1.65
N VAL B 65 -23.52 10.83 2.70
CA VAL B 65 -24.95 10.88 3.01
C VAL B 65 -25.23 12.15 3.80
N ASP B 66 -26.30 12.85 3.45
CA ASP B 66 -26.73 14.03 4.19
C ASP B 66 -28.03 13.71 4.91
N LEU B 67 -28.10 14.06 6.19
CA LEU B 67 -29.34 14.01 6.97
C LEU B 67 -29.71 15.42 7.38
N TYR B 68 -30.87 15.88 6.95
CA TYR B 68 -31.39 17.19 7.37
C TYR B 68 -32.36 16.97 8.53
N ILE B 69 -31.97 17.42 9.71
CA ILE B 69 -32.65 17.12 10.96
C ILE B 69 -33.21 18.42 11.53
N ARG B 70 -34.52 18.49 11.72
CA ARG B 70 -35.15 19.70 12.23
C ARG B 70 -36.17 19.34 13.30
N GLY B 71 -36.31 20.20 14.30
CA GLY B 71 -37.40 20.03 15.22
C GLY B 71 -37.02 20.22 16.68
N LYS B 72 -38.03 20.23 17.56
CA LYS B 72 -37.82 20.56 18.97
C LYS B 72 -36.77 19.65 19.61
N ASP B 73 -36.78 18.37 19.25
CA ASP B 73 -35.97 17.36 19.92
C ASP B 73 -34.69 17.03 19.16
N ALA B 74 -34.30 17.84 18.18
CA ALA B 74 -33.13 17.51 17.36
C ALA B 74 -31.86 17.49 18.20
N LEU B 75 -31.66 18.52 19.02
CA LEU B 75 -30.47 18.57 19.87
C LEU B 75 -30.46 17.40 20.85
N LYS B 76 -31.62 17.06 21.40
CA LYS B 76 -31.72 15.95 22.34
C LYS B 76 -31.36 14.62 21.65
N LEU B 77 -31.84 14.42 20.42
CA LEU B 77 -31.48 13.21 19.68
C LEU B 77 -29.98 13.07 19.55
N LEU B 78 -29.30 14.17 19.19
CA LEU B 78 -27.85 14.12 19.05
C LEU B 78 -27.18 13.90 20.41
N SER B 79 -27.57 14.65 21.43
N SER B 79 -27.59 14.63 21.43
CA SER B 79 -26.98 14.50 22.75
CA SER B 79 -26.97 14.50 22.74
C SER B 79 -27.13 13.08 23.26
C SER B 79 -27.14 13.10 23.29
N ASP B 80 -28.31 12.48 23.08
CA ASP B 80 -28.58 11.14 23.56
C ASP B 80 -27.75 10.08 22.84
N THR B 81 -27.23 10.38 21.64
CA THR B 81 -26.53 9.37 20.86
C THR B 81 -25.05 9.65 20.65
N MET B 82 -24.51 10.75 21.14
CA MET B 82 -23.13 11.10 20.83
C MET B 82 -22.23 11.05 22.06
N ILE B 83 -20.96 10.66 21.83
CA ILE B 83 -20.00 10.75 22.93
C ILE B 83 -19.66 12.20 23.25
N ASN B 84 -19.90 13.12 22.32
CA ASN B 84 -19.47 14.51 22.45
C ASN B 84 -20.32 15.24 23.49
N SER B 85 -19.71 16.19 24.16
CA SER B 85 -20.48 17.01 25.09
C SER B 85 -21.35 17.98 24.29
N PRO B 86 -22.61 18.15 24.65
CA PRO B 86 -23.42 19.20 24.02
C PRO B 86 -23.26 20.57 24.68
N LYS B 87 -22.52 20.64 25.79
CA LYS B 87 -22.40 21.88 26.56
C LYS B 87 -21.94 23.04 25.70
N GLY B 88 -22.71 24.14 25.73
CA GLY B 88 -22.34 25.32 25.00
C GLY B 88 -22.57 25.29 23.50
N TRP B 89 -23.03 24.16 22.94
CA TRP B 89 -23.21 24.07 21.49
C TRP B 89 -24.35 24.97 21.04
N GLU B 90 -24.08 25.78 20.01
CA GLU B 90 -25.01 26.80 19.56
C GLU B 90 -24.91 26.92 18.06
N PRO B 91 -25.91 27.51 17.40
CA PRO B 91 -25.85 27.67 15.95
C PRO B 91 -24.54 28.28 15.47
N ASN B 92 -24.12 27.84 14.28
CA ASN B 92 -22.92 28.27 13.55
C ASN B 92 -21.64 27.70 14.12
N LYS B 93 -21.74 26.55 14.79
CA LYS B 93 -20.60 25.73 15.16
C LYS B 93 -20.92 24.30 14.73
N ALA B 94 -19.95 23.62 14.15
CA ALA B 94 -20.09 22.21 13.80
C ALA B 94 -19.35 21.34 14.81
N LYS B 95 -19.75 20.08 14.89
CA LYS B 95 -19.07 19.09 15.73
C LYS B 95 -18.85 17.83 14.90
N GLN B 96 -17.81 17.08 15.23
CA GLN B 96 -17.60 15.74 14.65
C GLN B 96 -18.35 14.75 15.52
N TYR B 97 -19.58 14.45 15.10
CA TYR B 97 -20.48 13.56 15.83
C TYR B 97 -19.98 12.12 15.78
N VAL B 98 -19.80 11.51 16.95
CA VAL B 98 -19.36 10.12 17.04
C VAL B 98 -20.30 9.33 17.94
N PRO B 99 -21.17 8.48 17.38
CA PRO B 99 -21.98 7.58 18.21
C PRO B 99 -21.33 6.22 18.44
N VAL B 100 -21.50 5.70 19.66
CA VAL B 100 -21.11 4.32 19.97
C VAL B 100 -22.35 3.49 20.28
N THR B 101 -22.19 2.16 20.19
CA THR B 101 -23.25 1.23 20.54
C THR B 101 -23.39 1.17 22.05
N PRO B 102 -24.44 0.51 22.55
CA PRO B 102 -24.51 0.22 24.00
C PRO B 102 -23.31 -0.55 24.53
N TYR B 103 -22.53 -1.20 23.66
CA TYR B 103 -21.34 -1.89 24.11
C TYR B 103 -20.09 -1.04 23.96
N GLY B 104 -20.22 0.22 23.59
CA GLY B 104 -19.09 1.12 23.59
C GLY B 104 -18.27 1.18 22.32
N HIS B 105 -18.70 0.53 21.25
CA HIS B 105 -17.93 0.49 20.02
C HIS B 105 -18.45 1.51 19.01
N VAL B 106 -17.52 2.05 18.21
CA VAL B 106 -17.86 3.07 17.22
C VAL B 106 -18.83 2.51 16.19
N ILE B 107 -19.89 3.25 15.91
CA ILE B 107 -20.77 2.96 14.78
C ILE B 107 -20.27 3.64 13.50
N GLY B 108 -19.82 4.87 13.65
CA GLY B 108 -19.41 5.67 12.52
C GLY B 108 -19.09 7.05 13.05
N ASP B 109 -19.10 8.02 12.14
CA ASP B 109 -18.95 9.42 12.51
C ASP B 109 -19.37 10.27 11.33
N GLY B 110 -19.67 11.53 11.62
CA GLY B 110 -19.89 12.49 10.55
C GLY B 110 -19.78 13.88 11.12
N ILE B 111 -19.91 14.88 10.26
CA ILE B 111 -19.90 16.27 10.71
C ILE B 111 -21.34 16.73 10.83
N ILE B 112 -21.67 17.31 11.97
CA ILE B 112 -23.01 17.86 12.18
C ILE B 112 -22.91 19.36 12.30
N PHE B 113 -23.57 20.03 11.36
CA PHE B 113 -23.68 21.48 11.30
C PHE B 113 -24.88 21.93 12.12
N TYR B 114 -24.66 22.82 13.08
CA TYR B 114 -25.73 23.44 13.84
C TYR B 114 -26.13 24.69 13.06
N LEU B 115 -27.17 24.57 12.23
CA LEU B 115 -27.44 25.62 11.25
C LEU B 115 -28.24 26.77 11.84
N ALA B 116 -29.12 26.49 12.78
CA ALA B 116 -29.99 27.47 13.42
C ALA B 116 -30.67 26.75 14.55
N GLU B 117 -31.48 27.47 15.33
CA GLU B 117 -32.27 26.82 16.36
C GLU B 117 -33.07 25.68 15.75
N GLU B 118 -32.95 24.50 16.36
CA GLU B 118 -33.70 23.30 15.97
C GLU B 118 -33.43 22.88 14.52
N GLU B 119 -32.25 23.21 13.96
CA GLU B 119 -31.96 22.85 12.59
C GLU B 119 -30.51 22.38 12.48
N PHE B 120 -30.33 21.12 12.09
CA PHE B 120 -29.02 20.50 11.98
C PHE B 120 -28.92 19.75 10.66
N VAL B 121 -27.69 19.55 10.18
CA VAL B 121 -27.41 18.71 9.02
C VAL B 121 -26.25 17.79 9.37
N TYR B 122 -26.42 16.49 9.12
CA TYR B 122 -25.35 15.50 9.23
C TYR B 122 -24.76 15.24 7.85
N VAL B 123 -23.43 15.20 7.77
CA VAL B 123 -22.72 14.84 6.55
C VAL B 123 -21.68 13.78 6.89
N GLY B 124 -21.78 12.60 6.27
CA GLY B 124 -20.87 11.52 6.61
C GLY B 124 -21.26 10.26 5.87
N ARG B 125 -20.51 9.20 6.14
CA ARG B 125 -20.88 7.90 5.58
C ARG B 125 -22.23 7.43 6.12
N ALA B 126 -22.75 6.38 5.49
CA ALA B 126 -24.09 5.88 5.84
C ALA B 126 -24.27 5.44 7.29
N PRO B 127 -23.33 4.73 7.94
CA PRO B 127 -23.67 4.10 9.24
C PRO B 127 -24.18 5.04 10.33
N ALA B 128 -23.54 6.19 10.52
CA ALA B 128 -24.05 7.06 11.57
C ALA B 128 -25.37 7.71 11.16
N ALA B 129 -25.60 7.89 9.85
CA ALA B 129 -26.89 8.40 9.40
C ALA B 129 -28.00 7.40 9.67
N ASN B 130 -27.74 6.11 9.40
CA ASN B 130 -28.73 5.08 9.65
C ASN B 130 -29.08 5.03 11.13
N TRP B 131 -28.08 5.18 11.99
CA TRP B 131 -28.31 5.13 13.44
C TRP B 131 -29.17 6.30 13.90
N LEU B 132 -28.88 7.50 13.40
CA LEU B 132 -29.69 8.66 13.76
C LEU B 132 -31.14 8.47 13.34
N MET B 133 -31.36 7.97 12.12
CA MET B 133 -32.73 7.78 11.61
C MET B 133 -33.48 6.75 12.45
N TYR B 134 -32.79 5.66 12.80
CA TYR B 134 -33.41 4.62 13.61
C TYR B 134 -33.84 5.15 14.96
N HIS B 135 -32.95 5.86 15.65
CA HIS B 135 -33.31 6.40 16.96
C HIS B 135 -34.34 7.50 16.86
N ALA B 136 -34.31 8.32 15.80
CA ALA B 136 -35.34 9.33 15.62
C ALA B 136 -36.71 8.69 15.48
N GLN B 137 -36.79 7.56 14.76
N GLN B 137 -36.81 7.61 14.72
CA GLN B 137 -38.08 6.93 14.47
CA GLN B 137 -38.09 6.94 14.51
C GLN B 137 -38.58 6.07 15.64
C GLN B 137 -38.53 6.21 15.77
N THR B 138 -37.70 5.27 16.23
CA THR B 138 -38.13 4.37 17.30
C THR B 138 -38.08 5.01 18.67
N GLY B 139 -37.32 6.09 18.86
CA GLY B 139 -37.30 6.75 20.14
C GLY B 139 -38.42 7.77 20.32
N GLY B 140 -39.22 7.97 19.31
CA GLY B 140 -40.33 8.92 19.40
C GLY B 140 -39.89 10.34 19.61
N TYR B 141 -38.78 10.75 19.00
CA TYR B 141 -38.31 12.12 19.12
C TYR B 141 -39.19 13.04 18.28
N ASN B 142 -39.45 14.24 18.80
CA ASN B 142 -40.21 15.23 18.04
C ASN B 142 -39.24 15.87 17.05
N VAL B 143 -39.12 15.25 15.89
N VAL B 143 -39.08 15.21 15.91
CA VAL B 143 -38.10 15.63 14.93
CA VAL B 143 -38.06 15.56 14.92
C VAL B 143 -38.53 15.13 13.56
C VAL B 143 -38.55 15.13 13.55
N ASP B 144 -38.19 15.88 12.53
CA ASP B 144 -38.42 15.48 11.14
C ASP B 144 -37.06 15.33 10.49
N ILE B 145 -36.85 14.24 9.78
CA ILE B 145 -35.57 13.96 9.16
C ILE B 145 -35.77 13.74 7.68
N VAL B 146 -34.90 14.35 6.88
CA VAL B 146 -34.88 14.15 5.45
C VAL B 146 -33.55 13.51 5.12
N HIS B 147 -33.59 12.32 4.55
CA HIS B 147 -32.41 11.54 4.21
C HIS B 147 -32.09 11.80 2.74
N ASP B 148 -30.89 12.30 2.46
CA ASP B 148 -30.44 12.57 1.09
C ASP B 148 -29.22 11.70 0.86
N ASP B 149 -29.42 10.58 0.17
CA ASP B 149 -28.40 9.56 0.04
C ASP B 149 -27.22 10.07 -0.77
N ARG B 150 -26.05 9.49 -0.53
CA ARG B 150 -24.92 9.69 -1.42
C ARG B 150 -25.32 9.31 -2.85
N SER B 151 -24.61 9.86 -3.83
CA SER B 151 -25.03 9.66 -5.20
C SER B 151 -24.75 8.22 -5.63
N PRO B 152 -25.43 7.74 -6.66
CA PRO B 152 -25.25 6.34 -7.09
C PRO B 152 -23.83 6.12 -7.59
N SER B 153 -23.29 4.94 -7.28
CA SER B 153 -21.90 4.66 -7.58
C SER B 153 -21.64 4.62 -9.07
N ARG B 154 -22.60 4.16 -9.86
CA ARG B 154 -22.42 4.01 -11.31
C ARG B 154 -23.63 4.61 -12.01
N PRO B 155 -23.65 5.94 -12.16
CA PRO B 155 -24.83 6.57 -12.77
C PRO B 155 -25.10 6.10 -14.19
N MET B 156 -24.05 5.81 -14.97
CA MET B 156 -24.21 5.24 -16.32
C MET B 156 -25.08 6.12 -17.21
N GLY B 157 -24.90 7.44 -17.13
CA GLY B 157 -25.63 8.36 -17.97
C GLY B 157 -26.91 8.92 -17.37
N LYS B 158 -27.35 8.40 -16.23
CA LYS B 158 -28.54 8.93 -15.59
C LYS B 158 -28.22 10.26 -14.90
N PRO B 159 -29.19 11.16 -14.83
CA PRO B 159 -28.96 12.41 -14.08
C PRO B 159 -28.93 12.14 -12.59
N VAL B 160 -28.21 13.00 -11.88
CA VAL B 160 -27.97 12.89 -10.44
C VAL B 160 -28.41 14.17 -9.75
N GLN B 161 -29.08 14.03 -8.60
CA GLN B 161 -29.53 15.16 -7.78
C GLN B 161 -29.07 15.00 -6.33
N ARG B 162 -28.71 16.11 -5.70
CA ARG B 162 -28.57 16.25 -4.25
C ARG B 162 -29.34 17.48 -3.81
N ILE B 163 -29.59 17.59 -2.51
CA ILE B 163 -30.23 18.80 -2.01
C ILE B 163 -29.24 19.95 -2.02
N SER B 164 -27.99 19.69 -1.63
CA SER B 164 -26.96 20.72 -1.55
C SER B 164 -25.71 20.31 -2.32
N TRP B 165 -24.99 21.29 -2.85
CA TRP B 165 -23.61 21.07 -3.25
C TRP B 165 -22.70 21.42 -2.09
N ARG B 166 -21.53 20.77 -2.05
CA ARG B 166 -20.55 20.98 -0.98
C ARG B 166 -19.15 20.92 -1.59
N PHE B 167 -18.39 21.98 -1.36
CA PHE B 167 -17.04 22.13 -1.89
C PHE B 167 -16.10 22.45 -0.74
N GLN B 168 -14.81 22.25 -0.98
CA GLN B 168 -13.81 22.87 -0.13
C GLN B 168 -12.80 23.59 -1.02
N ILE B 169 -12.31 24.72 -0.54
CA ILE B 169 -11.19 25.42 -1.15
C ILE B 169 -10.03 25.34 -0.17
N GLN B 170 -8.96 24.65 -0.55
CA GLN B 170 -7.86 24.32 0.34
C GLN B 170 -6.51 24.57 -0.36
N GLY B 171 -5.47 24.68 0.46
CA GLY B 171 -4.12 24.85 -0.06
C GLY B 171 -3.51 26.13 0.47
N PRO B 172 -2.19 26.28 0.29
CA PRO B 172 -1.52 27.50 0.80
C PRO B 172 -2.06 28.79 0.20
N LYS B 173 -2.56 28.77 -1.04
CA LYS B 173 -3.15 29.95 -1.66
C LYS B 173 -4.66 29.99 -1.52
N ALA B 174 -5.24 29.14 -0.66
CA ALA B 174 -6.69 29.06 -0.61
C ALA B 174 -7.31 30.36 -0.11
N TRP B 175 -6.72 30.98 0.93
CA TRP B 175 -7.36 32.17 1.46
C TRP B 175 -7.32 33.32 0.47
N ASP B 176 -6.30 33.36 -0.39
CA ASP B 176 -6.25 34.37 -1.44
C ASP B 176 -7.40 34.19 -2.43
N VAL B 177 -7.69 32.95 -2.82
CA VAL B 177 -8.82 32.73 -3.72
C VAL B 177 -10.11 33.16 -3.02
N ILE B 178 -10.24 32.84 -1.74
CA ILE B 178 -11.47 33.08 -1.00
C ILE B 178 -11.75 34.57 -0.89
N GLU B 179 -10.72 35.37 -0.60
CA GLU B 179 -10.94 36.81 -0.48
C GLU B 179 -11.17 37.46 -1.84
N LYS B 180 -10.53 36.94 -2.90
CA LYS B 180 -10.84 37.39 -4.25
C LYS B 180 -12.30 37.13 -4.60
N LEU B 181 -12.78 35.90 -4.33
CA LEU B 181 -14.20 35.61 -4.52
C LEU B 181 -15.07 36.53 -3.68
N HIS B 182 -14.65 36.78 -2.44
CA HIS B 182 -15.48 37.51 -1.48
C HIS B 182 -15.62 38.99 -1.85
N GLY B 183 -14.62 39.55 -2.52
CA GLY B 183 -14.61 40.97 -2.81
C GLY B 183 -13.89 41.81 -1.78
N GLY B 184 -13.05 41.20 -0.96
CA GLY B 184 -12.35 41.93 0.07
C GLY B 184 -11.90 40.96 1.15
N THR B 185 -11.42 41.53 2.26
CA THR B 185 -10.89 40.74 3.35
C THR B 185 -11.98 39.91 4.01
N LEU B 186 -11.61 38.72 4.49
CA LEU B 186 -12.52 37.81 5.18
C LEU B 186 -11.85 37.31 6.43
N GLU B 187 -12.55 37.45 7.56
CA GLU B 187 -12.02 37.02 8.85
C GLU B 187 -11.81 35.51 8.87
N LYS B 188 -10.67 35.07 9.41
CA LYS B 188 -10.40 33.64 9.58
C LYS B 188 -10.97 33.23 10.92
N LEU B 189 -12.11 32.55 10.90
CA LEU B 189 -12.73 32.14 12.15
C LEU B 189 -11.98 30.95 12.76
N LYS B 190 -12.38 30.58 13.98
CA LYS B 190 -11.82 29.41 14.64
C LYS B 190 -12.30 28.13 13.99
N PHE B 191 -11.53 27.06 14.16
CA PHE B 191 -11.83 25.80 13.47
C PHE B 191 -13.24 25.34 13.80
N PHE B 192 -13.96 24.94 12.74
CA PHE B 192 -15.32 24.43 12.80
C PHE B 192 -16.35 25.48 13.23
N ASN B 193 -16.02 26.77 13.11
CA ASN B 193 -17.03 27.80 13.24
C ASN B 193 -17.51 28.21 11.85
N MET B 194 -18.77 28.59 11.79
CA MET B 194 -19.42 28.81 10.51
C MET B 194 -19.75 30.29 10.33
N ALA B 195 -19.64 30.76 9.09
CA ALA B 195 -20.07 32.11 8.77
C ALA B 195 -20.59 32.18 7.35
N GLU B 196 -20.17 33.17 6.59
CA GLU B 196 -20.68 33.34 5.23
C GLU B 196 -19.65 34.10 4.41
N MET B 197 -19.79 33.99 3.08
CA MET B 197 -18.94 34.74 2.16
C MET B 197 -19.75 35.04 0.91
N ASN B 198 -19.17 35.85 0.03
N ASN B 198 -19.18 35.87 0.04
CA ASN B 198 -19.76 36.17 -1.26
CA ASN B 198 -19.78 36.15 -1.26
C ASN B 198 -19.11 35.32 -2.34
C ASN B 198 -19.12 35.31 -2.34
N ILE B 199 -19.94 34.73 -3.21
CA ILE B 199 -19.46 34.05 -4.41
C ILE B 199 -20.43 34.41 -5.52
N ALA B 200 -19.96 35.15 -6.53
CA ALA B 200 -20.75 35.52 -7.70
C ALA B 200 -22.10 36.12 -7.30
N GLY B 201 -22.08 36.98 -6.29
CA GLY B 201 -23.27 37.65 -5.83
C GLY B 201 -24.19 36.85 -4.93
N MET B 202 -23.84 35.60 -4.63
CA MET B 202 -24.63 34.79 -3.71
C MET B 202 -24.03 34.82 -2.31
N LYS B 203 -24.89 34.76 -1.30
CA LYS B 203 -24.44 34.59 0.09
C LYS B 203 -24.25 33.10 0.34
N ILE B 204 -23.02 32.71 0.69
CA ILE B 204 -22.61 31.30 0.76
C ILE B 204 -22.11 31.02 2.17
N ARG B 205 -22.76 30.07 2.85
CA ARG B 205 -22.34 29.73 4.20
C ARG B 205 -21.00 28.98 4.16
N THR B 206 -20.21 29.18 5.20
CA THR B 206 -18.84 28.70 5.27
C THR B 206 -18.61 27.96 6.58
N LEU B 207 -17.62 27.07 6.57
CA LEU B 207 -17.17 26.38 7.76
C LEU B 207 -15.65 26.40 7.75
N ARG B 208 -15.04 26.87 8.83
CA ARG B 208 -13.59 27.04 8.86
C ARG B 208 -12.90 25.69 8.87
N HIS B 209 -11.95 25.53 7.96
CA HIS B 209 -11.26 24.26 7.77
C HIS B 209 -9.79 24.55 7.53
N GLY B 210 -9.07 23.57 7.01
CA GLY B 210 -7.68 23.76 6.67
C GLY B 210 -6.94 22.46 6.60
N MET B 211 -5.73 22.53 6.07
CA MET B 211 -4.83 21.40 5.93
C MET B 211 -3.39 21.89 6.08
N ALA B 212 -2.58 21.14 6.84
CA ALA B 212 -1.14 21.41 6.94
C ALA B 212 -0.86 22.86 7.33
N GLY B 213 -1.77 23.47 8.09
CA GLY B 213 -1.60 24.82 8.58
C GLY B 213 -2.16 25.92 7.70
N ALA B 214 -2.56 25.60 6.47
CA ALA B 214 -3.12 26.61 5.58
C ALA B 214 -4.62 26.74 5.84
N PRO B 215 -5.12 27.93 6.16
CA PRO B 215 -6.56 28.07 6.39
C PRO B 215 -7.34 27.87 5.10
N GLY B 216 -8.42 27.09 5.19
CA GLY B 216 -9.30 26.87 4.04
C GLY B 216 -10.75 26.94 4.47
N LEU B 217 -11.69 26.68 3.56
CA LEU B 217 -13.10 26.70 3.94
C LEU B 217 -13.85 25.56 3.29
N GLU B 218 -14.84 25.02 4.00
CA GLU B 218 -15.91 24.25 3.39
C GLU B 218 -17.08 25.19 3.15
N ILE B 219 -17.70 25.07 1.98
CA ILE B 219 -18.80 25.93 1.58
C ILE B 219 -19.90 25.05 1.00
N TRP B 220 -21.15 25.52 1.10
CA TRP B 220 -22.25 24.74 0.58
C TRP B 220 -23.37 25.66 0.13
N GLY B 221 -24.26 25.13 -0.68
CA GLY B 221 -25.46 25.84 -1.05
C GLY B 221 -26.46 24.96 -1.75
N PRO B 222 -27.58 25.57 -2.17
CA PRO B 222 -28.61 24.79 -2.88
C PRO B 222 -28.04 24.24 -4.17
N TYR B 223 -28.40 22.98 -4.47
CA TYR B 223 -27.79 22.28 -5.60
C TYR B 223 -27.88 23.06 -6.90
N GLU B 224 -28.99 23.78 -7.13
CA GLU B 224 -29.20 24.46 -8.40
C GLU B 224 -28.13 25.51 -8.70
N THR B 225 -27.46 26.05 -7.67
CA THR B 225 -26.43 27.05 -7.90
C THR B 225 -25.02 26.46 -8.00
N GLN B 226 -24.91 25.13 -8.12
CA GLN B 226 -23.61 24.46 -8.06
C GLN B 226 -22.67 24.93 -9.16
N GLU B 227 -23.15 24.96 -10.41
CA GLU B 227 -22.22 25.29 -11.48
C GLU B 227 -21.89 26.77 -11.50
N LYS B 228 -22.83 27.63 -11.11
CA LYS B 228 -22.50 29.04 -10.93
C LYS B 228 -21.38 29.22 -9.92
N ALA B 229 -21.47 28.52 -8.78
CA ALA B 229 -20.43 28.61 -7.76
C ALA B 229 -19.12 28.02 -8.26
N ARG B 230 -19.18 26.84 -8.89
CA ARG B 230 -17.95 26.18 -9.34
C ARG B 230 -17.23 27.03 -10.38
N ASN B 231 -17.95 27.53 -11.37
CA ASN B 231 -17.33 28.34 -12.42
C ASN B 231 -16.64 29.57 -11.83
N ALA B 232 -17.30 30.24 -10.89
CA ALA B 232 -16.69 31.41 -10.27
C ALA B 232 -15.42 31.03 -9.52
N ILE B 233 -15.44 29.91 -8.79
CA ILE B 233 -14.26 29.51 -8.02
C ILE B 233 -13.10 29.18 -8.96
N LEU B 234 -13.38 28.39 -10.01
CA LEU B 234 -12.32 28.01 -10.95
C LEU B 234 -11.77 29.22 -11.69
N GLU B 235 -12.64 30.15 -12.07
CA GLU B 235 -12.19 31.34 -12.80
C GLU B 235 -11.31 32.21 -11.90
N ALA B 236 -11.80 32.57 -10.71
CA ALA B 236 -11.04 33.41 -9.81
C ALA B 236 -9.73 32.75 -9.38
N GLY B 237 -9.69 31.41 -9.35
CA GLY B 237 -8.54 30.72 -8.81
C GLY B 237 -7.38 30.56 -9.77
N LYS B 238 -7.62 30.72 -11.08
CA LYS B 238 -6.54 30.60 -12.05
C LYS B 238 -5.36 31.51 -11.69
N GLU B 239 -5.66 32.71 -11.19
CA GLU B 239 -4.62 33.66 -10.82
C GLU B 239 -3.64 33.06 -9.82
N PHE B 240 -4.14 32.23 -8.90
CA PHE B 240 -3.31 31.62 -7.87
C PHE B 240 -3.04 30.14 -8.15
N GLY B 241 -3.30 29.67 -9.37
CA GLY B 241 -3.00 28.31 -9.73
C GLY B 241 -3.93 27.26 -9.16
N LEU B 242 -5.13 27.64 -8.74
CA LEU B 242 -6.09 26.67 -8.21
C LEU B 242 -6.56 25.74 -9.32
N ILE B 243 -6.65 24.46 -8.99
CA ILE B 243 -7.15 23.49 -9.97
C ILE B 243 -8.18 22.58 -9.29
N PRO B 244 -9.15 22.05 -10.04
CA PRO B 244 -10.10 21.11 -9.46
C PRO B 244 -9.46 19.74 -9.25
N VAL B 245 -9.90 19.06 -8.19
CA VAL B 245 -9.44 17.72 -7.86
C VAL B 245 -10.54 16.74 -8.23
N GLY B 246 -10.16 15.63 -8.86
CA GLY B 246 -11.11 14.61 -9.28
C GLY B 246 -11.28 13.54 -8.22
N SER B 247 -12.17 12.59 -8.51
CA SER B 247 -12.51 11.59 -7.51
C SER B 247 -11.42 10.54 -7.33
N ARG B 248 -10.50 10.41 -8.29
CA ARG B 248 -9.40 9.47 -8.10
C ARG B 248 -8.44 9.98 -7.03
N ALA B 249 -8.03 11.25 -7.11
CA ALA B 249 -7.11 11.77 -6.11
C ALA B 249 -7.81 12.10 -4.81
N TYR B 250 -9.07 12.54 -4.87
CA TYR B 250 -9.76 13.13 -3.71
C TYR B 250 -9.62 12.31 -2.42
N PRO B 251 -10.02 11.03 -2.38
CA PRO B 251 -10.03 10.34 -1.08
C PRO B 251 -8.63 10.12 -0.49
N SER B 252 -7.58 10.21 -1.29
CA SER B 252 -6.23 10.05 -0.76
C SER B 252 -5.81 11.21 0.11
N ASN B 253 -6.54 12.33 0.07
CA ASN B 253 -6.20 13.48 0.92
C ASN B 253 -6.11 13.07 2.40
N THR B 254 -6.99 12.16 2.83
CA THR B 254 -7.05 11.84 4.24
C THR B 254 -5.85 11.01 4.70
N LEU B 255 -5.10 10.40 3.79
CA LEU B 255 -3.85 9.76 4.21
C LEU B 255 -2.86 10.77 4.76
N GLU B 256 -2.87 11.99 4.24
CA GLU B 256 -2.00 13.04 4.76
C GLU B 256 -2.62 13.75 5.96
N SER B 257 -3.96 13.87 5.99
CA SER B 257 -4.57 14.62 7.07
C SER B 257 -4.85 13.77 8.31
N GLY B 258 -5.06 12.46 8.16
CA GLY B 258 -5.11 11.55 9.28
C GLY B 258 -6.46 11.08 9.76
N TRP B 259 -7.55 11.38 9.04
CA TRP B 259 -8.87 10.89 9.45
C TRP B 259 -9.13 9.51 8.86
N ILE B 260 -9.51 8.56 9.70
CA ILE B 260 -9.86 7.20 9.27
C ILE B 260 -11.35 7.18 8.93
N PRO B 261 -11.72 7.04 7.66
CA PRO B 261 -13.15 7.10 7.30
C PRO B 261 -13.92 5.81 7.55
N SER B 262 -13.24 4.69 7.77
CA SER B 262 -13.87 3.41 7.52
C SER B 262 -13.92 2.45 8.69
N PRO B 263 -14.21 2.86 9.92
CA PRO B 263 -14.42 1.87 10.98
C PRO B 263 -15.62 1.00 10.65
N LEU B 264 -15.51 -0.29 10.95
CA LEU B 264 -16.66 -1.17 10.77
C LEU B 264 -17.79 -0.75 11.71
N PRO B 265 -18.99 -0.50 11.21
CA PRO B 265 -20.11 -0.22 12.12
C PRO B 265 -20.33 -1.40 13.04
N ALA B 266 -20.15 -1.18 14.34
CA ALA B 266 -20.02 -2.30 15.26
C ALA B 266 -21.38 -2.82 15.75
N ILE B 267 -22.23 -3.22 14.80
CA ILE B 267 -23.63 -3.48 15.12
C ILE B 267 -24.05 -4.92 14.84
N TYR B 268 -23.09 -5.81 14.52
CA TYR B 268 -23.41 -7.15 14.03
C TYR B 268 -23.72 -8.15 15.15
N THR B 269 -23.41 -7.82 16.39
CA THR B 269 -23.57 -8.76 17.49
C THR B 269 -24.23 -8.03 18.65
N GLY B 270 -24.79 -8.81 19.58
CA GLY B 270 -25.30 -8.24 20.82
C GLY B 270 -26.81 -8.11 20.84
N ASP B 271 -27.44 -8.62 21.91
CA ASP B 271 -28.89 -8.65 21.97
C ASP B 271 -29.50 -7.25 21.95
N LYS B 272 -28.80 -6.26 22.52
CA LYS B 272 -29.28 -4.88 22.53
C LYS B 272 -29.30 -4.24 21.15
N LEU B 273 -28.63 -4.85 20.18
CA LEU B 273 -28.61 -4.34 18.82
C LEU B 273 -29.43 -5.17 17.85
N LYS B 274 -30.12 -6.22 18.34
CA LYS B 274 -30.90 -7.07 17.44
C LYS B 274 -32.04 -6.30 16.79
N ALA B 275 -32.74 -5.48 17.57
CA ALA B 275 -33.81 -4.67 16.98
C ALA B 275 -33.28 -3.78 15.86
N TYR B 276 -32.09 -3.21 16.06
CA TYR B 276 -31.50 -2.38 15.01
C TYR B 276 -31.16 -3.20 13.78
N ARG B 277 -30.62 -4.41 13.98
CA ARG B 277 -30.35 -5.28 12.84
C ARG B 277 -31.62 -5.67 12.08
N GLU B 278 -32.75 -5.80 12.79
CA GLU B 278 -34.00 -6.12 12.11
C GLU B 278 -34.60 -4.91 11.41
N TRP B 279 -34.13 -3.70 11.74
CA TRP B 279 -34.60 -2.47 11.11
C TRP B 279 -33.80 -2.11 9.87
N LEU B 280 -32.50 -2.38 9.87
CA LEU B 280 -31.65 -2.08 8.73
C LEU B 280 -32.06 -2.88 7.52
N PRO B 281 -32.24 -2.26 6.36
CA PRO B 281 -32.64 -3.03 5.17
C PRO B 281 -31.55 -3.99 4.72
N ALA B 282 -31.97 -4.96 3.91
CA ALA B 282 -31.04 -5.95 3.39
C ALA B 282 -30.06 -5.36 2.40
N ASN B 283 -30.37 -4.20 1.82
CA ASN B 283 -29.44 -3.56 0.90
C ASN B 283 -28.73 -2.39 1.55
N SER B 284 -28.71 -2.34 2.88
CA SER B 284 -28.00 -1.27 3.56
C SER B 284 -26.49 -1.45 3.43
N TYR B 285 -25.76 -0.36 3.66
CA TYR B 285 -24.31 -0.40 3.82
C TYR B 285 -23.88 -1.57 4.68
N GLU B 286 -24.56 -1.75 5.81
CA GLU B 286 -24.17 -2.74 6.80
C GLU B 286 -24.36 -4.16 6.28
N ALA B 287 -25.45 -4.40 5.55
CA ALA B 287 -25.76 -5.74 5.07
C ALA B 287 -25.01 -6.10 3.79
N SER B 288 -24.77 -5.14 2.92
CA SER B 288 -24.29 -5.45 1.58
C SER B 288 -22.80 -5.15 1.38
N GLY B 289 -22.16 -4.46 2.32
CA GLY B 289 -20.79 -4.04 2.16
C GLY B 289 -19.80 -5.18 2.37
N ALA B 290 -18.53 -4.79 2.46
CA ALA B 290 -17.43 -5.74 2.37
C ALA B 290 -16.30 -5.36 3.31
N ILE B 291 -15.60 -6.38 3.80
CA ILE B 291 -14.37 -6.22 4.56
C ILE B 291 -13.24 -6.80 3.72
N GLY B 292 -12.15 -6.05 3.59
CA GLY B 292 -11.00 -6.53 2.84
C GLY B 292 -9.72 -6.40 3.64
N GLY B 293 -8.76 -7.24 3.31
CA GLY B 293 -7.42 -7.15 3.82
C GLY B 293 -7.03 -8.36 4.64
N SER B 294 -5.83 -8.28 5.23
CA SER B 294 -5.18 -9.48 5.76
C SER B 294 -5.65 -9.89 7.14
N PHE B 295 -6.28 -9.00 7.91
CA PHE B 295 -6.67 -9.39 9.26
C PHE B 295 -7.84 -10.36 9.22
N VAL B 296 -7.65 -11.55 9.82
CA VAL B 296 -8.65 -12.62 9.77
C VAL B 296 -9.02 -13.01 11.20
N SER B 297 -10.33 -13.01 11.49
CA SER B 297 -10.86 -13.60 12.70
C SER B 297 -12.23 -14.17 12.38
N SER B 298 -12.63 -15.24 13.08
CA SER B 298 -14.00 -15.70 12.92
C SER B 298 -14.97 -14.91 13.76
N ASN B 299 -14.48 -14.02 14.62
CA ASN B 299 -15.31 -13.19 15.49
C ASN B 299 -15.36 -11.78 14.92
N ILE B 300 -16.52 -11.37 14.42
CA ILE B 300 -16.68 -10.04 13.84
C ILE B 300 -16.35 -8.95 14.85
N GLU B 301 -16.50 -9.23 16.16
CA GLU B 301 -16.19 -8.23 17.18
C GLU B 301 -14.72 -7.84 17.16
N ASP B 302 -13.84 -8.68 16.62
CA ASP B 302 -12.42 -8.35 16.55
C ASP B 302 -12.14 -7.23 15.56
N TYR B 303 -13.08 -6.92 14.67
CA TYR B 303 -12.96 -5.78 13.74
C TYR B 303 -13.51 -4.47 14.33
N TYR B 304 -14.13 -4.52 15.50
CA TYR B 304 -14.68 -3.32 16.11
C TYR B 304 -13.58 -2.42 16.65
N VAL B 305 -13.82 -1.10 16.68
CA VAL B 305 -12.96 -0.17 17.39
C VAL B 305 -13.78 0.68 18.34
N ASN B 306 -13.16 1.18 19.40
CA ASN B 306 -13.79 2.15 20.27
C ASN B 306 -13.22 3.54 19.98
N PRO B 307 -13.85 4.61 20.49
CA PRO B 307 -13.43 5.96 20.06
C PRO B 307 -11.98 6.29 20.35
N TYR B 308 -11.41 5.76 21.44
CA TYR B 308 -10.03 6.07 21.77
C TYR B 308 -9.06 5.52 20.73
N GLU B 309 -9.42 4.42 20.09
CA GLU B 309 -8.47 3.77 19.20
C GLU B 309 -8.26 4.50 17.88
N ILE B 310 -9.24 5.30 17.44
CA ILE B 310 -9.11 5.99 16.16
C ILE B 310 -9.10 7.51 16.31
N GLY B 311 -8.74 8.01 17.49
CA GLY B 311 -8.44 9.42 17.65
C GLY B 311 -9.54 10.27 18.28
N TYR B 312 -10.66 9.69 18.69
CA TYR B 312 -11.80 10.46 19.19
C TYR B 312 -11.86 10.48 20.71
N GLY B 313 -10.84 9.95 21.37
CA GLY B 313 -10.71 10.04 22.81
C GLY B 313 -10.95 11.43 23.39
N PRO B 314 -10.31 12.45 22.83
CA PRO B 314 -10.57 13.82 23.32
C PRO B 314 -12.02 14.29 23.18
N PHE B 315 -12.83 13.69 22.29
CA PHE B 315 -14.24 14.06 22.16
C PHE B 315 -15.09 13.52 23.31
N VAL B 316 -14.68 12.42 23.94
CA VAL B 316 -15.52 11.77 24.94
C VAL B 316 -15.70 12.69 26.14
N LYS B 317 -16.95 12.94 26.52
CA LYS B 317 -17.24 13.69 27.75
C LYS B 317 -18.37 13.01 28.48
N PHE B 318 -18.21 12.82 29.79
CA PHE B 318 -19.18 12.07 30.57
C PHE B 318 -20.18 12.98 31.28
N ASP B 319 -20.34 14.19 30.78
CA ASP B 319 -21.21 15.18 31.41
C ASP B 319 -22.68 15.02 31.00
N HIS B 320 -22.99 14.03 30.15
CA HIS B 320 -24.36 13.82 29.68
C HIS B 320 -24.62 12.32 29.64
N ASP B 321 -25.91 11.96 29.56
CA ASP B 321 -26.31 10.58 29.29
C ASP B 321 -26.22 10.32 27.79
N PHE B 322 -25.75 9.14 27.42
CA PHE B 322 -25.70 8.78 26.00
C PHE B 322 -25.56 7.27 25.85
N ILE B 323 -26.07 6.76 24.73
CA ILE B 323 -25.97 5.32 24.48
C ILE B 323 -24.50 4.91 24.54
N GLY B 324 -24.22 3.86 25.31
CA GLY B 324 -22.86 3.36 25.41
C GLY B 324 -22.04 3.98 26.52
N ARG B 325 -22.61 4.94 27.27
CA ARG B 325 -21.86 5.62 28.30
C ARG B 325 -21.23 4.66 29.30
N ASP B 326 -22.03 3.72 29.84
CA ASP B 326 -21.50 2.77 30.81
C ASP B 326 -20.34 1.97 30.23
N ALA B 327 -20.50 1.47 29.01
CA ALA B 327 -19.44 0.67 28.42
C ALA B 327 -18.18 1.50 28.18
N LEU B 328 -18.36 2.74 27.71
CA LEU B 328 -17.22 3.59 27.45
C LEU B 328 -16.51 3.95 28.73
N GLU B 329 -17.27 4.22 29.79
CA GLU B 329 -16.69 4.51 31.09
C GLU B 329 -15.82 3.35 31.57
N ALA B 330 -16.21 2.12 31.25
CA ALA B 330 -15.45 0.94 31.68
C ALA B 330 -14.15 0.76 30.91
N ILE B 331 -13.95 1.46 29.80
CA ILE B 331 -12.73 1.33 29.02
C ILE B 331 -11.66 2.24 29.62
N ASP B 332 -10.46 1.70 29.84
CA ASP B 332 -9.34 2.51 30.33
C ASP B 332 -8.65 3.25 29.19
N PRO B 333 -8.77 4.58 29.11
CA PRO B 333 -8.18 5.29 27.97
C PRO B 333 -6.68 5.10 27.85
N ALA B 334 -6.00 4.92 28.98
CA ALA B 334 -4.54 4.91 29.04
C ALA B 334 -3.93 3.69 28.37
N THR B 335 -4.67 2.59 28.25
CA THR B 335 -4.16 1.36 27.66
C THR B 335 -4.69 1.10 26.26
N GLN B 336 -5.46 2.02 25.67
CA GLN B 336 -6.07 1.74 24.39
C GLN B 336 -5.08 1.97 23.25
N ARG B 337 -5.33 1.29 22.14
CA ARG B 337 -4.54 1.53 20.94
C ARG B 337 -4.68 2.97 20.49
N LYS B 338 -3.72 3.41 19.68
CA LYS B 338 -3.66 4.80 19.24
C LYS B 338 -3.58 4.86 17.72
N LYS B 339 -4.15 5.93 17.17
CA LYS B 339 -4.07 6.17 15.74
C LYS B 339 -2.70 6.73 15.33
N VAL B 340 -2.10 6.15 14.30
CA VAL B 340 -0.81 6.59 13.77
C VAL B 340 -0.91 6.58 12.25
N THR B 341 0.09 7.16 11.61
CA THR B 341 0.33 6.94 10.19
C THR B 341 1.44 5.92 10.05
N LEU B 342 1.31 5.00 9.09
CA LEU B 342 2.37 4.06 8.76
C LEU B 342 2.97 4.46 7.41
N ALA B 343 4.29 4.62 7.37
CA ALA B 343 5.01 4.97 6.15
C ALA B 343 5.59 3.69 5.55
N TRP B 344 5.08 3.30 4.38
CA TRP B 344 5.42 1.99 3.84
C TRP B 344 6.76 2.05 3.12
N ASN B 345 7.53 0.98 3.26
CA ASN B 345 8.88 0.95 2.71
C ASN B 345 8.85 0.95 1.18
N GLY B 346 9.56 1.91 0.57
CA GLY B 346 9.49 2.08 -0.87
C GLY B 346 10.06 0.93 -1.68
N ASP B 347 11.10 0.26 -1.17
CA ASP B 347 11.59 -0.93 -1.86
C ASP B 347 10.54 -2.02 -1.87
N ASP B 348 9.77 -2.13 -0.78
CA ASP B 348 8.72 -3.13 -0.73
C ASP B 348 7.60 -2.81 -1.71
N MET B 349 7.26 -1.52 -1.85
CA MET B 349 6.30 -1.10 -2.86
C MET B 349 6.79 -1.44 -4.26
N ALA B 350 8.08 -1.22 -4.52
CA ALA B 350 8.65 -1.58 -5.82
C ALA B 350 8.50 -3.07 -6.07
N LYS B 351 8.75 -3.88 -5.05
CA LYS B 351 8.56 -5.32 -5.16
C LYS B 351 7.10 -5.68 -5.49
N ILE B 352 6.13 -5.03 -4.83
CA ILE B 352 4.73 -5.31 -5.12
C ILE B 352 4.44 -5.04 -6.59
N TYR B 353 4.85 -3.88 -7.10
CA TYR B 353 4.52 -3.53 -8.47
C TYR B 353 5.32 -4.37 -9.46
N ALA B 354 6.58 -4.68 -9.14
CA ALA B 354 7.40 -5.50 -10.03
C ALA B 354 6.74 -6.83 -10.36
N SER B 355 6.07 -7.44 -9.38
CA SER B 355 5.49 -8.77 -9.58
C SER B 355 4.39 -8.78 -10.66
N LEU B 356 3.79 -7.63 -10.98
CA LEU B 356 2.78 -7.61 -12.04
C LEU B 356 3.38 -7.87 -13.40
N PHE B 357 4.69 -7.65 -13.54
CA PHE B 357 5.36 -7.79 -14.83
C PHE B 357 6.23 -9.04 -14.90
N ASP B 358 6.02 -10.00 -13.99
CA ASP B 358 6.76 -11.26 -13.98
C ASP B 358 5.93 -12.31 -14.71
N THR B 359 6.43 -12.76 -15.86
CA THR B 359 5.69 -13.71 -16.68
C THR B 359 5.87 -15.16 -16.25
N GLU B 360 6.80 -15.44 -15.33
CA GLU B 360 7.05 -16.81 -14.92
C GLU B 360 6.56 -17.10 -13.50
N ALA B 361 6.30 -16.06 -12.71
CA ALA B 361 5.83 -16.26 -11.34
C ALA B 361 4.46 -16.92 -11.34
N ASP B 362 4.27 -17.87 -10.41
CA ASP B 362 2.95 -18.48 -10.25
C ASP B 362 1.94 -17.50 -9.70
N ALA B 363 2.40 -16.53 -8.90
CA ALA B 363 1.50 -15.57 -8.26
C ALA B 363 2.20 -14.23 -8.17
N HIS B 364 1.40 -13.17 -8.07
CA HIS B 364 1.91 -11.82 -7.85
C HIS B 364 1.28 -11.26 -6.57
N TYR B 365 1.81 -10.15 -6.10
CA TYR B 365 1.30 -9.52 -4.88
C TYR B 365 0.05 -8.70 -5.19
N LYS B 366 -0.80 -8.54 -4.19
CA LYS B 366 -2.08 -7.87 -4.36
C LYS B 366 -1.90 -6.51 -5.01
N PHE B 367 -2.61 -6.27 -6.11
CA PHE B 367 -2.55 -5.00 -6.79
C PHE B 367 -2.84 -3.84 -5.83
N PHE B 368 -1.98 -2.83 -5.87
CA PHE B 368 -2.01 -1.67 -4.99
C PHE B 368 -2.31 -0.49 -5.90
N ASP B 369 -3.59 -0.14 -5.99
CA ASP B 369 -4.03 0.92 -6.87
C ASP B 369 -3.53 2.27 -6.36
N LEU B 370 -3.35 3.21 -7.29
CA LEU B 370 -2.81 4.51 -6.95
C LEU B 370 -3.76 5.61 -7.41
N PRO B 371 -3.99 6.65 -6.57
CA PRO B 371 -3.33 6.84 -5.27
C PRO B 371 -4.09 6.27 -4.07
N LEU B 372 -5.11 5.45 -4.32
CA LEU B 372 -5.89 4.86 -3.24
C LEU B 372 -5.99 3.36 -3.51
N ALA B 373 -5.54 2.56 -2.55
CA ALA B 373 -5.39 1.12 -2.76
C ALA B 373 -6.48 0.29 -2.10
N ASN B 374 -7.43 0.94 -1.40
CA ASN B 374 -8.48 0.20 -0.72
C ASN B 374 -9.30 -0.61 -1.71
N TYR B 375 -9.76 -1.80 -1.28
CA TYR B 375 -10.58 -2.62 -2.16
C TYR B 375 -11.83 -3.16 -1.47
N ALA B 376 -12.27 -2.48 -0.41
CA ALA B 376 -13.54 -2.74 0.26
C ALA B 376 -13.94 -1.46 0.96
N ASN B 377 -15.17 -1.41 1.45
CA ASN B 377 -15.54 -0.20 2.18
C ASN B 377 -15.05 -0.24 3.62
N THR B 378 -14.76 -1.42 4.18
CA THR B 378 -14.04 -1.51 5.45
C THR B 378 -12.71 -2.23 5.22
N ASN B 379 -11.63 -1.60 5.66
CA ASN B 379 -10.27 -2.09 5.42
C ASN B 379 -9.70 -2.59 6.73
N ALA B 380 -9.10 -3.79 6.70
CA ALA B 380 -8.57 -4.40 7.93
C ALA B 380 -7.35 -5.24 7.56
N ASP B 381 -6.18 -4.60 7.54
CA ASP B 381 -4.91 -5.29 7.39
C ASP B 381 -4.21 -5.43 8.73
N ALA B 382 -3.65 -6.61 8.97
CA ALA B 382 -2.95 -6.87 10.23
C ALA B 382 -1.61 -6.14 10.27
N VAL B 383 -1.32 -5.54 11.41
CA VAL B 383 -0.03 -4.90 11.68
C VAL B 383 0.71 -5.76 12.70
N LEU B 384 1.96 -6.13 12.39
CA LEU B 384 2.73 -7.03 13.24
C LEU B 384 4.02 -6.36 13.69
N ASP B 385 4.52 -6.76 14.86
CA ASP B 385 5.80 -6.23 15.32
C ASP B 385 6.91 -7.25 15.02
N ALA B 386 8.09 -7.03 15.61
CA ALA B 386 9.23 -7.89 15.32
C ALA B 386 9.06 -9.31 15.84
N ALA B 387 8.22 -9.51 16.85
CA ALA B 387 7.97 -10.84 17.38
C ALA B 387 6.78 -11.50 16.73
N GLY B 388 6.26 -10.94 15.64
CA GLY B 388 5.09 -11.56 15.06
C GLY B 388 3.81 -11.37 15.86
N ASN B 389 3.80 -10.50 16.87
CA ASN B 389 2.54 -10.16 17.53
C ASN B 389 1.69 -9.32 16.59
N VAL B 390 0.38 -9.54 16.60
CA VAL B 390 -0.52 -8.59 15.95
C VAL B 390 -0.69 -7.42 16.91
N VAL B 391 -0.18 -6.26 16.52
CA VAL B 391 -0.17 -5.08 17.38
C VAL B 391 -1.12 -4.00 16.89
N GLY B 392 -1.88 -4.25 15.83
CA GLY B 392 -2.76 -3.22 15.33
C GLY B 392 -3.45 -3.62 14.04
N MET B 393 -4.16 -2.64 13.49
CA MET B 393 -5.01 -2.80 12.32
C MET B 393 -4.80 -1.60 11.44
N SER B 394 -4.44 -1.84 10.18
CA SER B 394 -4.28 -0.78 9.20
C SER B 394 -5.60 -0.63 8.44
N MET B 395 -6.10 0.60 8.33
CA MET B 395 -7.49 0.81 8.01
C MET B 395 -7.75 1.69 6.78
N PHE B 396 -6.73 2.28 6.17
CA PHE B 396 -6.94 3.10 4.98
C PHE B 396 -5.59 3.25 4.30
N THR B 397 -5.53 2.97 2.99
CA THR B 397 -4.24 2.71 2.36
C THR B 397 -4.12 3.40 1.00
N GLY B 398 -2.96 3.98 0.74
CA GLY B 398 -2.73 4.57 -0.58
C GLY B 398 -1.37 5.23 -0.68
N TYR B 399 -1.27 6.28 -1.49
CA TYR B 399 0.02 6.86 -1.86
C TYR B 399 -0.10 8.36 -2.00
N SER B 400 0.92 9.08 -1.51
CA SER B 400 1.02 10.52 -1.63
C SER B 400 2.13 10.88 -2.60
N TYR B 401 1.76 11.53 -3.71
CA TYR B 401 2.77 12.11 -4.60
C TYR B 401 3.53 13.26 -3.92
N ASN B 402 2.94 13.90 -2.92
CA ASN B 402 3.68 14.93 -2.19
C ASN B 402 4.80 14.32 -1.38
N GLU B 403 4.57 13.14 -0.81
CA GLU B 403 5.56 12.47 0.00
C GLU B 403 6.40 11.46 -0.77
N LYS B 404 5.97 11.08 -1.97
CA LYS B 404 6.58 9.96 -2.71
C LYS B 404 6.63 8.71 -1.84
N ARG B 405 5.56 8.49 -1.07
CA ARG B 405 5.46 7.38 -0.13
C ARG B 405 4.07 6.77 -0.20
N ALA B 406 4.01 5.44 -0.18
CA ALA B 406 2.79 4.76 0.21
C ALA B 406 2.57 4.95 1.70
N LEU B 407 1.32 5.20 2.10
CA LEU B 407 0.99 5.47 3.49
C LEU B 407 -0.28 4.73 3.85
N SER B 408 -0.44 4.42 5.13
CA SER B 408 -1.73 3.94 5.62
C SER B 408 -2.00 4.57 6.98
N LEU B 409 -3.28 4.58 7.34
CA LEU B 409 -3.69 5.00 8.68
C LEU B 409 -4.00 3.75 9.48
N ALA B 410 -3.52 3.71 10.73
CA ALA B 410 -3.68 2.50 11.51
C ALA B 410 -3.92 2.84 12.97
N THR B 411 -4.38 1.85 13.72
CA THR B 411 -4.46 1.93 15.17
C THR B 411 -3.59 0.81 15.73
N ILE B 412 -2.66 1.17 16.62
CA ILE B 412 -1.67 0.20 17.11
C ILE B 412 -1.48 0.37 18.60
N ASP B 413 -0.93 -0.69 19.21
CA ASP B 413 -0.58 -0.71 20.63
C ASP B 413 0.09 0.58 21.06
N HIS B 414 -0.40 1.14 22.17
CA HIS B 414 -0.09 2.53 22.49
C HIS B 414 1.37 2.72 22.88
N GLU B 415 2.03 1.68 23.39
CA GLU B 415 3.40 1.85 23.85
C GLU B 415 4.42 1.87 22.70
N ILE B 416 3.99 1.58 21.47
CA ILE B 416 4.93 1.56 20.35
C ILE B 416 5.30 2.98 19.95
N PRO B 417 6.57 3.38 20.03
CA PRO B 417 6.95 4.76 19.74
C PRO B 417 7.06 5.02 18.24
N VAL B 418 6.91 6.31 17.90
CA VAL B 418 7.14 6.77 16.53
C VAL B 418 8.56 6.35 16.15
N GLY B 419 8.77 6.05 14.87
CA GLY B 419 10.04 5.58 14.39
C GLY B 419 10.18 4.07 14.35
N THR B 420 9.33 3.34 15.07
CA THR B 420 9.37 1.89 15.08
C THR B 420 8.99 1.33 13.72
N GLU B 421 9.76 0.37 13.24
CA GLU B 421 9.42 -0.35 12.02
C GLU B 421 8.56 -1.55 12.39
N LEU B 422 7.34 -1.59 11.88
CA LEU B 422 6.43 -2.71 11.99
C LEU B 422 6.29 -3.36 10.60
N THR B 423 5.41 -4.35 10.49
CA THR B 423 5.01 -4.82 9.17
C THR B 423 3.50 -4.72 9.01
N VAL B 424 3.07 -4.41 7.80
CA VAL B 424 1.67 -4.53 7.41
C VAL B 424 1.58 -5.73 6.48
N LEU B 425 0.76 -6.70 6.85
CA LEU B 425 0.48 -7.85 5.97
C LEU B 425 -0.45 -7.36 4.87
N TRP B 426 0.06 -7.29 3.64
CA TRP B 426 -0.67 -6.76 2.49
C TRP B 426 -1.16 -7.92 1.63
N GLY B 427 -2.46 -7.93 1.32
CA GLY B 427 -3.10 -9.00 0.60
C GLY B 427 -3.85 -9.95 1.51
N GLU B 428 -4.62 -10.84 0.90
CA GLU B 428 -5.44 -11.79 1.63
C GLU B 428 -4.89 -13.20 1.47
N GLU B 429 -5.43 -14.12 2.25
CA GLU B 429 -4.84 -15.45 2.36
C GLU B 429 -5.42 -16.39 1.29
N ASN B 430 -4.73 -17.52 1.08
CA ASN B 430 -5.23 -18.61 0.22
C ASN B 430 -5.60 -18.14 -1.18
N GLY B 431 -4.86 -17.18 -1.73
CA GLY B 431 -5.15 -16.70 -3.06
C GLY B 431 -6.10 -15.52 -3.11
N GLY B 432 -6.74 -15.19 -2.00
CA GLY B 432 -7.65 -14.06 -1.92
C GLY B 432 -9.08 -14.53 -1.70
N THR B 433 -9.89 -13.65 -1.09
CA THR B 433 -11.32 -13.90 -0.92
C THR B 433 -12.05 -13.78 -2.25
N ARG B 434 -13.36 -13.95 -2.19
CA ARG B 434 -14.20 -13.94 -3.39
C ARG B 434 -14.68 -12.55 -3.79
N LYS B 435 -14.26 -11.50 -3.07
CA LYS B 435 -14.68 -10.15 -3.42
C LYS B 435 -14.34 -9.87 -4.89
N THR B 436 -15.19 -9.07 -5.54
CA THR B 436 -15.00 -8.83 -6.98
C THR B 436 -13.89 -7.83 -7.26
N THR B 437 -13.34 -7.20 -6.23
CA THR B 437 -12.17 -6.32 -6.34
C THR B 437 -10.85 -7.08 -6.27
N VAL B 438 -10.89 -8.39 -6.04
CA VAL B 438 -9.70 -9.14 -5.66
C VAL B 438 -9.32 -10.07 -6.81
N GLU B 439 -8.22 -9.79 -7.45
CA GLU B 439 -7.60 -10.75 -8.36
C GLU B 439 -6.83 -11.78 -7.54
N PRO B 440 -6.51 -12.95 -8.12
CA PRO B 440 -5.65 -13.91 -7.42
C PRO B 440 -4.28 -13.32 -7.08
N HIS B 441 -3.78 -13.62 -5.88
CA HIS B 441 -2.54 -13.00 -5.42
C HIS B 441 -2.00 -13.73 -4.19
N LYS B 442 -0.74 -13.44 -3.88
CA LYS B 442 -0.10 -13.91 -2.67
C LYS B 442 0.19 -12.73 -1.75
N GLN B 443 0.37 -13.02 -0.47
CA GLN B 443 0.55 -11.98 0.54
C GLN B 443 2.01 -11.52 0.61
N MET B 444 2.19 -10.29 1.09
CA MET B 444 3.51 -9.76 1.42
C MET B 444 3.49 -9.06 2.77
N ALA B 445 4.52 -9.30 3.57
CA ALA B 445 4.74 -8.54 4.80
C ALA B 445 5.50 -7.26 4.44
N VAL B 446 4.81 -6.13 4.43
CA VAL B 446 5.41 -4.87 4.02
C VAL B 446 5.98 -4.16 5.24
N ARG B 447 7.24 -3.71 5.14
CA ARG B 447 7.82 -2.91 6.21
C ARG B 447 7.18 -1.53 6.26
N ALA B 448 6.90 -1.04 7.47
CA ALA B 448 6.24 0.25 7.62
C ALA B 448 6.64 0.91 8.93
N VAL B 449 6.93 2.21 8.88
CA VAL B 449 7.44 2.94 10.03
C VAL B 449 6.33 3.75 10.67
N VAL B 450 6.16 3.59 11.99
CA VAL B 450 5.19 4.37 12.77
C VAL B 450 5.55 5.84 12.70
N SER B 451 4.57 6.67 12.37
CA SER B 451 4.79 8.06 12.03
C SER B 451 3.67 8.89 12.65
N PRO B 452 3.88 10.22 12.78
CA PRO B 452 2.85 11.06 13.39
C PRO B 452 1.57 11.07 12.55
N VAL B 453 0.48 11.49 13.19
CA VAL B 453 -0.75 11.81 12.49
C VAL B 453 -1.15 13.23 12.89
N PRO B 454 -1.35 14.17 11.94
CA PRO B 454 -1.17 14.09 10.47
C PRO B 454 0.28 13.76 10.10
N TYR B 455 0.47 13.10 8.96
CA TYR B 455 1.80 12.60 8.62
C TYR B 455 2.81 13.72 8.44
N SER B 456 3.98 13.56 9.05
CA SER B 456 5.08 14.53 8.95
C SER B 456 6.42 13.82 8.93
N ALA C 6 -10.80 36.29 -32.32
CA ALA C 6 -10.74 34.94 -31.80
C ALA C 6 -10.98 33.92 -32.92
N PRO C 7 -10.08 32.94 -33.04
CA PRO C 7 -10.13 32.03 -34.20
C PRO C 7 -11.40 31.20 -34.22
N THR C 8 -11.97 31.05 -35.42
CA THR C 8 -13.19 30.28 -35.59
C THR C 8 -12.97 28.94 -36.28
N ASN C 9 -11.82 28.74 -36.95
CA ASN C 9 -11.55 27.48 -37.63
C ASN C 9 -10.12 27.06 -37.38
N LEU C 10 -9.80 25.84 -37.85
CA LEU C 10 -8.47 25.28 -37.61
C LEU C 10 -7.40 26.12 -38.29
N GLU C 11 -7.67 26.59 -39.52
CA GLU C 11 -6.72 27.43 -40.23
C GLU C 11 -6.25 28.59 -39.36
N GLN C 12 -7.21 29.33 -38.79
CA GLN C 12 -6.86 30.49 -37.97
C GLN C 12 -6.18 30.08 -36.68
N VAL C 13 -6.49 28.88 -36.15
CA VAL C 13 -5.86 28.42 -34.93
C VAL C 13 -4.38 28.11 -35.19
N LEU C 14 -4.08 27.42 -36.28
CA LEU C 14 -2.68 27.16 -36.63
C LEU C 14 -1.94 28.45 -36.95
N ALA C 15 -2.62 29.42 -37.56
CA ALA C 15 -1.97 30.68 -37.91
C ALA C 15 -1.61 31.50 -36.68
N ALA C 16 -2.42 31.43 -35.61
CA ALA C 16 -2.19 32.20 -34.41
C ALA C 16 -1.46 31.42 -33.32
N GLY C 17 -1.19 30.14 -33.53
CA GLY C 17 -0.65 29.28 -32.50
C GLY C 17 0.81 28.90 -32.64
N GLY C 18 1.57 29.52 -33.52
CA GLY C 18 2.96 29.15 -33.67
C GLY C 18 3.13 27.80 -34.34
N ASN C 19 4.22 27.13 -33.99
CA ASN C 19 4.53 25.83 -34.57
C ASN C 19 3.41 24.83 -34.25
N THR C 20 2.94 24.11 -35.28
CA THR C 20 1.79 23.23 -35.08
C THR C 20 2.11 22.09 -34.12
N VAL C 21 3.30 21.49 -34.23
CA VAL C 21 3.68 20.40 -33.32
C VAL C 21 3.79 20.90 -31.89
N GLU C 22 4.42 22.06 -31.69
CA GLU C 22 4.56 22.60 -30.35
C GLU C 22 3.21 22.92 -29.72
N MET C 23 2.25 23.38 -30.53
CA MET C 23 0.91 23.65 -30.01
C MET C 23 0.20 22.36 -29.60
N LEU C 24 0.27 21.33 -30.45
CA LEU C 24 -0.41 20.08 -30.18
C LEU C 24 0.26 19.31 -29.04
N ARG C 25 1.59 19.39 -28.94
CA ARG C 25 2.29 18.69 -27.87
C ARG C 25 2.16 19.37 -26.52
N ASN C 26 1.66 20.61 -26.46
CA ASN C 26 1.44 21.30 -25.20
C ASN C 26 -0.02 21.68 -24.99
N SER C 27 -0.94 20.99 -25.66
CA SER C 27 -2.35 21.30 -25.57
C SER C 27 -2.87 21.07 -24.14
N GLN C 28 -3.83 21.89 -23.73
CA GLN C 28 -4.40 21.81 -22.40
C GLN C 28 -5.66 20.95 -22.32
N ILE C 29 -5.92 20.14 -23.35
CA ILE C 29 -7.17 19.40 -23.46
C ILE C 29 -7.30 18.34 -22.36
N GLY C 30 -6.18 17.81 -21.86
CA GLY C 30 -6.23 16.78 -20.84
C GLY C 30 -6.32 15.39 -21.43
N ALA C 31 -6.78 14.46 -20.60
CA ALA C 31 -6.79 13.05 -21.00
C ALA C 31 -7.80 12.80 -22.10
N TYR C 32 -7.51 11.80 -22.93
CA TYR C 32 -8.51 11.26 -23.84
C TYR C 32 -9.36 10.26 -23.04
N VAL C 33 -10.59 10.65 -22.75
CA VAL C 33 -11.45 9.95 -21.80
C VAL C 33 -12.35 8.96 -22.53
N TYR C 34 -12.50 7.77 -21.96
CA TYR C 34 -13.54 6.85 -22.41
C TYR C 34 -14.70 7.05 -21.45
N PRO C 35 -15.73 7.78 -21.85
CA PRO C 35 -16.61 8.41 -20.86
C PRO C 35 -17.81 7.57 -20.41
N VAL C 36 -18.39 8.03 -19.30
CA VAL C 36 -19.72 7.65 -18.79
C VAL C 36 -19.76 6.25 -18.19
N VAL C 37 -19.32 5.25 -18.96
CA VAL C 37 -19.26 3.87 -18.44
C VAL C 37 -18.44 3.85 -17.17
N ALA C 38 -18.93 3.13 -16.16
CA ALA C 38 -18.20 3.07 -14.90
C ALA C 38 -16.77 2.62 -15.15
N PRO C 39 -15.78 3.22 -14.50
CA PRO C 39 -14.40 2.74 -14.67
C PRO C 39 -14.24 1.26 -14.42
N GLU C 40 -14.87 0.74 -13.37
CA GLU C 40 -14.75 -0.68 -13.06
C GLU C 40 -16.08 -1.18 -12.55
N PHE C 41 -16.45 -2.39 -12.96
CA PHE C 41 -17.58 -3.09 -12.36
C PHE C 41 -17.12 -4.11 -11.33
N SER C 42 -16.07 -4.87 -11.64
CA SER C 42 -15.44 -5.75 -10.65
C SER C 42 -14.06 -5.17 -10.40
N ASN C 43 -13.05 -5.55 -11.19
CA ASN C 43 -11.80 -4.82 -11.22
C ASN C 43 -11.20 -5.05 -12.59
N TRP C 44 -10.31 -4.16 -13.03
CA TRP C 44 -9.86 -4.23 -14.41
C TRP C 44 -9.06 -5.49 -14.71
N ARG C 45 -8.46 -6.13 -13.70
CA ARG C 45 -7.68 -7.33 -13.97
C ARG C 45 -8.60 -8.51 -14.25
N THR C 46 -9.61 -8.71 -13.40
CA THR C 46 -10.59 -9.74 -13.64
C THR C 46 -11.36 -9.49 -14.94
N GLU C 47 -11.59 -8.21 -15.29
CA GLU C 47 -12.33 -7.91 -16.50
C GLU C 47 -11.52 -8.27 -17.74
N GLN C 48 -10.22 -7.94 -17.74
CA GLN C 48 -9.36 -8.40 -18.83
C GLN C 48 -9.34 -9.92 -18.91
N TRP C 49 -9.23 -10.58 -17.76
CA TRP C 49 -9.15 -12.04 -17.73
C TRP C 49 -10.41 -12.68 -18.31
N ALA C 50 -11.58 -12.05 -18.11
CA ALA C 50 -12.83 -12.65 -18.53
C ALA C 50 -13.02 -12.65 -20.04
N TRP C 51 -12.51 -11.63 -20.75
CA TRP C 51 -12.68 -11.67 -22.20
C TRP C 51 -11.81 -12.73 -22.84
N ARG C 52 -10.79 -13.21 -22.13
CA ARG C 52 -10.01 -14.33 -22.61
C ARG C 52 -10.52 -15.68 -22.09
N ASN C 53 -11.14 -15.72 -20.90
CA ASN C 53 -11.42 -17.00 -20.25
C ASN C 53 -12.90 -17.30 -20.03
N SER C 54 -13.79 -16.31 -20.10
CA SER C 54 -15.21 -16.64 -19.95
C SER C 54 -16.02 -15.87 -20.98
N ALA C 55 -16.64 -14.77 -20.58
CA ALA C 55 -17.29 -13.89 -21.54
C ALA C 55 -17.43 -12.52 -20.89
N VAL C 56 -17.60 -11.50 -21.74
CA VAL C 56 -17.74 -10.13 -21.29
C VAL C 56 -18.81 -9.40 -22.08
N LEU C 57 -19.36 -8.36 -21.46
CA LEU C 57 -20.17 -7.36 -22.13
C LEU C 57 -19.34 -6.08 -22.21
N PHE C 58 -18.98 -5.67 -23.44
CA PHE C 58 -18.32 -4.39 -23.67
C PHE C 58 -19.40 -3.35 -23.89
N ASP C 59 -19.29 -2.21 -23.21
CA ASP C 59 -20.26 -1.13 -23.37
C ASP C 59 -19.60 -0.07 -24.25
N GLN C 60 -19.98 -0.06 -25.53
CA GLN C 60 -19.38 0.82 -26.53
C GLN C 60 -20.27 2.02 -26.85
N THR C 61 -21.21 2.33 -25.96
CA THR C 61 -22.25 3.33 -26.24
C THR C 61 -21.72 4.76 -26.24
N HIS C 62 -20.60 5.06 -25.57
CA HIS C 62 -20.30 6.44 -25.24
C HIS C 62 -19.00 7.02 -25.79
N HIS C 63 -18.07 6.21 -26.27
CA HIS C 63 -16.75 6.74 -26.60
C HIS C 63 -16.52 7.03 -28.08
N MET C 64 -17.47 6.69 -28.96
CA MET C 64 -17.31 6.90 -30.40
C MET C 64 -18.32 7.90 -30.94
N VAL C 65 -17.94 8.56 -32.04
CA VAL C 65 -18.84 9.43 -32.78
C VAL C 65 -19.67 8.56 -33.71
N ASP C 66 -20.95 8.88 -33.85
CA ASP C 66 -21.85 8.15 -34.75
C ASP C 66 -22.32 9.08 -35.84
N LEU C 67 -22.30 8.60 -37.08
CA LEU C 67 -22.74 9.38 -38.24
C LEU C 67 -23.80 8.57 -38.96
N TYR C 68 -25.04 9.05 -38.93
CA TYR C 68 -26.14 8.39 -39.63
C TYR C 68 -26.23 9.04 -41.01
N ILE C 69 -25.94 8.26 -42.05
CA ILE C 69 -25.77 8.79 -43.40
C ILE C 69 -26.85 8.18 -44.28
N ARG C 70 -27.69 9.05 -44.86
CA ARG C 70 -28.84 8.61 -45.64
C ARG C 70 -28.95 9.44 -46.91
N GLY C 71 -29.35 8.80 -48.00
CA GLY C 71 -29.60 9.54 -49.22
C GLY C 71 -29.14 8.87 -50.50
N LYS C 72 -29.49 9.49 -51.63
CA LYS C 72 -29.22 8.88 -52.93
C LYS C 72 -27.73 8.71 -53.19
N ASP C 73 -26.91 9.64 -52.69
CA ASP C 73 -25.46 9.63 -52.93
C ASP C 73 -24.66 9.12 -51.74
N ALA C 74 -25.30 8.42 -50.80
CA ALA C 74 -24.59 7.97 -49.61
C ALA C 74 -23.49 6.97 -49.97
N LEU C 75 -23.82 5.95 -50.76
CA LEU C 75 -22.80 5.00 -51.19
C LEU C 75 -21.70 5.72 -51.97
N LYS C 76 -22.07 6.71 -52.78
CA LYS C 76 -21.09 7.47 -53.55
C LYS C 76 -20.14 8.24 -52.63
N LEU C 77 -20.68 8.92 -51.61
CA LEU C 77 -19.84 9.69 -50.70
C LEU C 77 -18.79 8.81 -50.04
N LEU C 78 -19.17 7.58 -49.67
CA LEU C 78 -18.21 6.65 -49.08
C LEU C 78 -17.17 6.21 -50.09
N SER C 79 -17.62 5.68 -51.23
CA SER C 79 -16.69 5.21 -52.26
C SER C 79 -15.70 6.29 -52.68
N ASP C 80 -16.18 7.53 -52.87
CA ASP C 80 -15.28 8.61 -53.26
C ASP C 80 -14.20 8.90 -52.22
N THR C 81 -14.42 8.53 -50.95
CA THR C 81 -13.50 8.93 -49.90
C THR C 81 -12.69 7.79 -49.28
N MET C 82 -13.02 6.53 -49.57
CA MET C 82 -12.41 5.39 -48.90
C MET C 82 -11.46 4.63 -49.81
N ILE C 83 -10.40 4.09 -49.21
CA ILE C 83 -9.50 3.21 -49.95
C ILE C 83 -10.12 1.85 -50.18
N ASN C 84 -11.18 1.51 -49.44
CA ASN C 84 -11.81 0.19 -49.55
C ASN C 84 -12.54 0.04 -50.88
N SER C 85 -12.58 -1.18 -51.38
CA SER C 85 -13.35 -1.50 -52.59
C SER C 85 -14.84 -1.45 -52.32
N PRO C 86 -15.62 -0.67 -53.06
CA PRO C 86 -17.08 -0.70 -52.91
C PRO C 86 -17.77 -1.76 -53.75
N LYS C 87 -17.02 -2.50 -54.57
CA LYS C 87 -17.64 -3.46 -55.48
C LYS C 87 -18.25 -4.60 -54.70
N GLY C 88 -19.48 -4.97 -55.07
CA GLY C 88 -20.15 -6.07 -54.41
C GLY C 88 -20.60 -5.75 -53.00
N TRP C 89 -20.60 -4.48 -52.60
CA TRP C 89 -21.03 -4.10 -51.26
C TRP C 89 -22.54 -3.94 -51.26
N GLU C 90 -23.21 -4.69 -50.38
CA GLU C 90 -24.66 -4.67 -50.24
C GLU C 90 -25.02 -4.57 -48.77
N PRO C 91 -26.26 -4.17 -48.46
CA PRO C 91 -26.69 -4.07 -47.06
C PRO C 91 -26.39 -5.34 -46.26
N ASN C 92 -26.22 -5.15 -44.95
CA ASN C 92 -25.89 -6.21 -44.00
C ASN C 92 -24.46 -6.71 -44.14
N LYS C 93 -23.58 -5.83 -44.62
CA LYS C 93 -22.14 -6.02 -44.57
C LYS C 93 -21.53 -4.72 -44.06
N ALA C 94 -20.60 -4.83 -43.13
CA ALA C 94 -19.86 -3.68 -42.62
C ALA C 94 -18.45 -3.69 -43.19
N LYS C 95 -17.83 -2.51 -43.21
CA LYS C 95 -16.45 -2.35 -43.64
C LYS C 95 -15.70 -1.47 -42.67
N GLN C 96 -14.39 -1.68 -42.56
CA GLN C 96 -13.57 -0.73 -41.81
C GLN C 96 -13.20 0.41 -42.76
N TYR C 97 -13.96 1.49 -42.70
CA TYR C 97 -13.78 2.63 -43.58
C TYR C 97 -12.48 3.36 -43.24
N VAL C 98 -11.59 3.49 -44.23
CA VAL C 98 -10.33 4.21 -44.03
C VAL C 98 -10.16 5.27 -45.11
N PRO C 99 -10.32 6.56 -44.79
CA PRO C 99 -10.04 7.62 -45.78
C PRO C 99 -8.63 8.18 -45.67
N VAL C 100 -8.04 8.48 -46.84
CA VAL C 100 -6.74 9.13 -46.91
C VAL C 100 -6.91 10.52 -47.52
N THR C 101 -5.93 11.38 -47.24
CA THR C 101 -5.87 12.71 -47.84
C THR C 101 -5.47 12.59 -49.31
N PRO C 102 -5.56 13.67 -50.08
CA PRO C 102 -4.99 13.63 -51.45
C PRO C 102 -3.52 13.24 -51.47
N TYR C 103 -2.80 13.45 -50.36
CA TYR C 103 -1.38 13.13 -50.29
C TYR C 103 -1.11 11.70 -49.84
N GLY C 104 -2.16 10.92 -49.60
CA GLY C 104 -1.99 9.51 -49.28
C GLY C 104 -1.91 9.16 -47.81
N HIS C 105 -2.13 10.12 -46.92
CA HIS C 105 -1.97 9.87 -45.49
C HIS C 105 -3.32 9.63 -44.81
N VAL C 106 -3.30 8.74 -43.81
CA VAL C 106 -4.51 8.39 -43.07
C VAL C 106 -5.10 9.61 -42.36
N ILE C 107 -6.42 9.80 -42.52
CA ILE C 107 -7.16 10.79 -41.73
C ILE C 107 -7.70 10.16 -40.45
N GLY C 108 -8.19 8.94 -40.58
CA GLY C 108 -8.72 8.20 -39.46
C GLY C 108 -9.30 6.89 -39.97
N ASP C 109 -10.21 6.32 -39.20
CA ASP C 109 -10.91 5.12 -39.62
C ASP C 109 -12.11 4.92 -38.72
N GLY C 110 -13.03 4.07 -39.17
CA GLY C 110 -14.22 3.74 -38.41
C GLY C 110 -14.88 2.53 -39.03
N ILE C 111 -15.97 2.11 -38.40
CA ILE C 111 -16.79 1.04 -38.95
C ILE C 111 -17.99 1.67 -39.62
N ILE C 112 -18.29 1.23 -40.84
N ILE C 112 -18.27 1.26 -40.85
CA ILE C 112 -19.43 1.74 -41.58
CA ILE C 112 -19.44 1.74 -41.57
C ILE C 112 -20.38 0.57 -41.83
C ILE C 112 -20.37 0.55 -41.78
N PHE C 113 -21.60 0.69 -41.30
CA PHE C 113 -22.61 -0.35 -41.45
C PHE C 113 -23.47 -0.02 -42.65
N TYR C 114 -23.60 -0.96 -43.57
CA TYR C 114 -24.55 -0.84 -44.66
C TYR C 114 -25.87 -1.40 -44.13
N LEU C 115 -26.73 -0.50 -43.64
CA LEU C 115 -27.94 -0.92 -42.94
C LEU C 115 -29.05 -1.30 -43.90
N ALA C 116 -29.20 -0.54 -44.98
CA ALA C 116 -30.20 -0.79 -46.02
C ALA C 116 -29.85 0.13 -47.18
N GLU C 117 -30.58 -0.03 -48.28
CA GLU C 117 -30.38 0.84 -49.44
C GLU C 117 -30.43 2.30 -49.01
N GLU C 118 -29.38 3.05 -49.36
CA GLU C 118 -29.26 4.47 -49.04
C GLU C 118 -29.24 4.74 -47.53
N GLU C 119 -28.80 3.77 -46.73
CA GLU C 119 -28.83 3.87 -45.28
C GLU C 119 -27.53 3.32 -44.70
N PHE C 120 -26.69 4.20 -44.16
CA PHE C 120 -25.40 3.83 -43.57
C PHE C 120 -25.24 4.48 -42.19
N VAL C 121 -24.36 3.89 -41.38
CA VAL C 121 -23.95 4.50 -40.11
C VAL C 121 -22.45 4.33 -39.95
N TYR C 122 -21.78 5.43 -39.65
CA TYR C 122 -20.36 5.44 -39.29
C TYR C 122 -20.23 5.44 -37.78
N VAL C 123 -19.32 4.61 -37.27
CA VAL C 123 -18.98 4.59 -35.84
C VAL C 123 -17.46 4.66 -35.72
N GLY C 124 -16.94 5.75 -35.17
CA GLY C 124 -15.51 5.81 -34.93
C GLY C 124 -15.13 7.11 -34.26
N ARG C 125 -13.83 7.32 -34.13
CA ARG C 125 -13.34 8.58 -33.58
C ARG C 125 -13.79 9.74 -34.47
N ALA C 126 -13.64 10.96 -33.93
CA ALA C 126 -14.10 12.16 -34.64
C ALA C 126 -13.45 12.40 -36.02
N PRO C 127 -12.15 12.17 -36.24
CA PRO C 127 -11.53 12.67 -37.49
C PRO C 127 -12.19 12.21 -38.78
N ALA C 128 -12.41 10.91 -38.96
CA ALA C 128 -13.04 10.45 -40.20
C ALA C 128 -14.49 10.90 -40.32
N ALA C 129 -15.17 11.08 -39.18
CA ALA C 129 -16.54 11.59 -39.23
C ALA C 129 -16.57 13.04 -39.68
N ASN C 130 -15.61 13.86 -39.21
CA ASN C 130 -15.47 15.22 -39.69
C ASN C 130 -15.22 15.26 -41.20
N TRP C 131 -14.43 14.32 -41.69
CA TRP C 131 -14.13 14.27 -43.12
C TRP C 131 -15.37 13.99 -43.95
N LEU C 132 -16.15 12.97 -43.55
CA LEU C 132 -17.38 12.66 -44.26
C LEU C 132 -18.35 13.83 -44.21
N MET C 133 -18.46 14.47 -43.05
CA MET C 133 -19.36 15.62 -42.94
C MET C 133 -18.94 16.75 -43.86
N TYR C 134 -17.63 16.97 -44.00
CA TYR C 134 -17.15 18.05 -44.84
C TYR C 134 -17.46 17.81 -46.31
N HIS C 135 -17.27 16.57 -46.77
CA HIS C 135 -17.48 16.28 -48.18
C HIS C 135 -18.95 16.19 -48.52
N ALA C 136 -19.76 15.66 -47.60
CA ALA C 136 -21.21 15.71 -47.77
C ALA C 136 -21.70 17.15 -47.86
N GLN C 137 -21.11 18.05 -47.08
CA GLN C 137 -21.56 19.44 -47.02
C GLN C 137 -21.21 20.20 -48.30
N THR C 138 -19.93 20.26 -48.62
CA THR C 138 -19.41 21.16 -49.64
C THR C 138 -19.12 20.46 -50.96
N GLY C 139 -19.44 19.17 -51.07
CA GLY C 139 -19.24 18.44 -52.32
C GLY C 139 -20.48 18.23 -53.16
N GLY C 140 -21.58 18.92 -52.87
CA GLY C 140 -22.79 18.75 -53.65
C GLY C 140 -23.39 17.37 -53.58
N TYR C 141 -23.06 16.57 -52.58
CA TYR C 141 -23.62 15.23 -52.46
C TYR C 141 -25.08 15.29 -52.06
N ASN C 142 -25.89 14.42 -52.64
CA ASN C 142 -27.31 14.33 -52.28
C ASN C 142 -27.41 13.32 -51.13
N VAL C 143 -27.34 13.84 -49.91
CA VAL C 143 -27.22 12.99 -48.73
C VAL C 143 -27.68 13.77 -47.52
N ASP C 144 -28.25 13.06 -46.55
CA ASP C 144 -28.59 13.61 -45.24
C ASP C 144 -27.71 12.95 -44.18
N ILE C 145 -27.24 13.75 -43.23
CA ILE C 145 -26.33 13.26 -42.20
C ILE C 145 -26.80 13.78 -40.85
N VAL C 146 -26.98 12.87 -39.90
CA VAL C 146 -27.22 13.22 -38.50
C VAL C 146 -25.99 12.83 -37.70
N HIS C 147 -25.39 13.81 -37.04
CA HIS C 147 -24.15 13.65 -36.30
C HIS C 147 -24.49 13.49 -34.82
N ASP C 148 -24.04 12.38 -34.22
CA ASP C 148 -24.28 12.08 -32.81
C ASP C 148 -22.91 11.98 -32.13
N ASP C 149 -22.49 13.07 -31.47
CA ASP C 149 -21.15 13.15 -30.92
C ASP C 149 -20.94 12.07 -29.85
N ARG C 150 -19.67 11.77 -29.57
CA ARG C 150 -19.39 10.94 -28.41
C ARG C 150 -19.84 11.66 -27.15
N SER C 151 -20.02 10.91 -26.07
CA SER C 151 -20.60 11.50 -24.87
C SER C 151 -19.59 12.44 -24.21
N PRO C 152 -20.06 13.42 -23.44
CA PRO C 152 -19.12 14.34 -22.78
C PRO C 152 -18.19 13.59 -21.84
N SER C 153 -16.94 14.06 -21.79
CA SER C 153 -15.89 13.38 -21.04
C SER C 153 -16.19 13.37 -19.55
N ARG C 154 -16.80 14.45 -19.05
CA ARG C 154 -17.00 14.67 -17.62
C ARG C 154 -18.42 15.15 -17.41
N PRO C 155 -19.39 14.23 -17.44
CA PRO C 155 -20.80 14.65 -17.34
C PRO C 155 -21.14 15.33 -16.02
N MET C 156 -20.45 14.97 -14.92
CA MET C 156 -20.60 15.64 -13.64
C MET C 156 -22.06 15.70 -13.19
N GLY C 157 -22.79 14.60 -13.36
CA GLY C 157 -24.16 14.50 -12.89
C GLY C 157 -25.23 14.91 -13.89
N LYS C 158 -24.86 15.49 -15.03
CA LYS C 158 -25.86 15.80 -16.06
C LYS C 158 -26.30 14.52 -16.77
N PRO C 159 -27.53 14.51 -17.30
CA PRO C 159 -27.96 13.34 -18.09
C PRO C 159 -27.24 13.26 -19.42
N VAL C 160 -27.00 12.03 -19.86
CA VAL C 160 -26.30 11.73 -21.10
C VAL C 160 -27.27 11.05 -22.05
N GLN C 161 -27.22 11.44 -23.33
CA GLN C 161 -28.09 10.89 -24.37
C GLN C 161 -27.28 10.57 -25.61
N ARG C 162 -27.52 9.37 -26.17
CA ARG C 162 -27.10 8.99 -27.51
C ARG C 162 -28.33 8.58 -28.30
N ILE C 163 -28.16 8.35 -29.60
CA ILE C 163 -29.27 7.83 -30.40
C ILE C 163 -29.35 6.32 -30.25
N SER C 164 -28.21 5.65 -30.20
CA SER C 164 -28.17 4.19 -30.09
C SER C 164 -27.25 3.78 -28.95
N TRP C 165 -27.55 2.64 -28.33
CA TRP C 165 -26.57 1.92 -27.53
C TRP C 165 -25.84 0.92 -28.43
N ARG C 166 -24.59 0.62 -28.06
CA ARG C 166 -23.80 -0.35 -28.80
C ARG C 166 -23.01 -1.21 -27.83
N PHE C 167 -23.22 -2.52 -27.88
CA PHE C 167 -22.52 -3.48 -27.03
C PHE C 167 -21.75 -4.47 -27.89
N GLN C 168 -20.82 -5.17 -27.24
CA GLN C 168 -20.25 -6.38 -27.82
C GLN C 168 -20.31 -7.46 -26.76
N ILE C 169 -20.57 -8.69 -27.20
CA ILE C 169 -20.51 -9.87 -26.34
C ILE C 169 -19.37 -10.72 -26.87
N GLN C 170 -18.31 -10.88 -26.07
CA GLN C 170 -17.08 -11.50 -26.54
C GLN C 170 -16.58 -12.52 -25.53
N GLY C 171 -15.67 -13.37 -25.99
CA GLY C 171 -15.04 -14.35 -25.14
C GLY C 171 -15.36 -15.77 -25.56
N PRO C 172 -14.64 -16.74 -24.99
CA PRO C 172 -14.86 -18.15 -25.38
C PRO C 172 -16.27 -18.65 -25.14
N LYS C 173 -16.98 -18.10 -24.16
CA LYS C 173 -18.36 -18.50 -23.90
C LYS C 173 -19.36 -17.50 -24.46
N ALA C 174 -18.91 -16.56 -25.31
CA ALA C 174 -19.82 -15.57 -25.86
C ALA C 174 -20.95 -16.20 -26.66
N TRP C 175 -20.63 -17.18 -27.51
CA TRP C 175 -21.69 -17.76 -28.35
C TRP C 175 -22.70 -18.53 -27.51
N ASP C 176 -22.26 -19.13 -26.40
CA ASP C 176 -23.22 -19.78 -25.51
C ASP C 176 -24.20 -18.76 -24.94
N VAL C 177 -23.72 -17.60 -24.51
CA VAL C 177 -24.60 -16.56 -23.96
C VAL C 177 -25.56 -16.09 -25.04
N ILE C 178 -25.03 -15.91 -26.26
CA ILE C 178 -25.81 -15.35 -27.35
C ILE C 178 -26.97 -16.28 -27.72
N GLU C 179 -26.70 -17.58 -27.84
CA GLU C 179 -27.76 -18.50 -28.21
C GLU C 179 -28.78 -18.67 -27.09
N LYS C 180 -28.36 -18.53 -25.83
CA LYS C 180 -29.30 -18.53 -24.72
C LYS C 180 -30.25 -17.33 -24.83
N LEU C 181 -29.71 -16.15 -25.11
CA LEU C 181 -30.57 -14.99 -25.33
C LEU C 181 -31.48 -15.19 -26.53
N HIS C 182 -30.90 -15.66 -27.65
CA HIS C 182 -31.65 -15.78 -28.89
C HIS C 182 -32.79 -16.78 -28.78
N GLY C 183 -32.67 -17.74 -27.88
CA GLY C 183 -33.66 -18.78 -27.73
C GLY C 183 -33.42 -20.01 -28.56
N GLY C 184 -32.26 -20.12 -29.20
CA GLY C 184 -31.96 -21.29 -30.01
C GLY C 184 -30.64 -21.10 -30.73
N THR C 185 -30.35 -22.02 -31.65
CA THR C 185 -29.14 -21.93 -32.45
C THR C 185 -29.13 -20.64 -33.26
N LEU C 186 -27.96 -20.01 -33.36
CA LEU C 186 -27.77 -18.82 -34.17
C LEU C 186 -26.58 -19.03 -35.10
N GLU C 187 -26.76 -18.73 -36.38
CA GLU C 187 -25.71 -18.98 -37.37
C GLU C 187 -24.57 -17.98 -37.20
N LYS C 188 -23.34 -18.50 -37.22
CA LYS C 188 -22.13 -17.67 -37.17
C LYS C 188 -21.79 -17.26 -38.59
N LEU C 189 -22.21 -16.07 -39.00
CA LEU C 189 -21.89 -15.59 -40.33
C LEU C 189 -20.39 -15.31 -40.46
N LYS C 190 -19.97 -14.95 -41.67
CA LYS C 190 -18.59 -14.54 -41.89
C LYS C 190 -18.33 -13.20 -41.20
N PHE C 191 -17.06 -12.94 -40.95
CA PHE C 191 -16.69 -11.74 -40.20
C PHE C 191 -17.27 -10.48 -40.85
N PHE C 192 -17.79 -9.58 -40.01
CA PHE C 192 -18.38 -8.30 -40.38
C PHE C 192 -19.65 -8.42 -41.21
N ASN C 193 -20.25 -9.60 -41.30
CA ASN C 193 -21.59 -9.71 -41.87
C ASN C 193 -22.63 -9.53 -40.77
N MET C 194 -23.76 -8.94 -41.15
CA MET C 194 -24.79 -8.51 -40.21
C MET C 194 -26.04 -9.36 -40.32
N ALA C 195 -26.73 -9.53 -39.19
CA ALA C 195 -27.97 -10.29 -39.12
C ALA C 195 -28.83 -9.76 -37.98
N GLU C 196 -29.55 -10.64 -37.29
CA GLU C 196 -30.34 -10.18 -36.16
C GLU C 196 -30.48 -11.32 -35.16
N MET C 197 -30.87 -10.96 -33.94
CA MET C 197 -31.08 -11.93 -32.87
C MET C 197 -32.16 -11.41 -31.93
N ASN C 198 -32.66 -12.32 -31.11
CA ASN C 198 -33.67 -11.98 -30.10
C ASN C 198 -32.98 -11.61 -28.80
N ILE C 199 -33.38 -10.47 -28.23
CA ILE C 199 -32.98 -10.09 -26.88
C ILE C 199 -34.20 -9.50 -26.18
N ALA C 200 -34.68 -10.19 -25.14
CA ALA C 200 -35.76 -9.67 -24.28
C ALA C 200 -36.95 -9.18 -25.11
N GLY C 201 -37.37 -10.00 -26.07
CA GLY C 201 -38.50 -9.69 -26.91
C GLY C 201 -38.26 -8.66 -28.00
N MET C 202 -37.04 -8.14 -28.11
CA MET C 202 -36.69 -7.20 -29.16
C MET C 202 -35.93 -7.93 -30.27
N LYS C 203 -36.09 -7.43 -31.49
CA LYS C 203 -35.26 -7.89 -32.60
C LYS C 203 -34.08 -6.95 -32.69
N ILE C 204 -32.88 -7.47 -32.41
CA ILE C 204 -31.66 -6.67 -32.30
C ILE C 204 -30.75 -7.04 -33.46
N ARG C 205 -30.23 -6.03 -34.16
CA ARG C 205 -29.32 -6.29 -35.26
C ARG C 205 -27.93 -6.62 -34.75
N THR C 206 -27.23 -7.47 -35.49
CA THR C 206 -25.98 -8.05 -35.06
C THR C 206 -24.91 -7.82 -36.11
N LEU C 207 -23.66 -7.82 -35.65
CA LEU C 207 -22.48 -7.74 -36.51
C LEU C 207 -21.53 -8.83 -36.04
N ARG C 208 -21.21 -9.77 -36.93
CA ARG C 208 -20.32 -10.86 -36.56
C ARG C 208 -18.94 -10.32 -36.23
N HIS C 209 -18.44 -10.69 -35.06
CA HIS C 209 -17.16 -10.19 -34.57
C HIS C 209 -16.42 -11.38 -33.98
N GLY C 210 -15.38 -11.11 -33.20
CA GLY C 210 -14.66 -12.18 -32.55
C GLY C 210 -13.53 -11.62 -31.71
N MET C 211 -12.89 -12.53 -30.97
CA MET C 211 -11.76 -12.14 -30.12
C MET C 211 -10.93 -13.39 -29.86
N ALA C 212 -9.73 -13.45 -30.43
CA ALA C 212 -8.79 -14.54 -30.23
C ALA C 212 -9.41 -15.90 -30.62
N GLY C 213 -9.96 -15.95 -31.84
CA GLY C 213 -10.54 -17.17 -32.36
C GLY C 213 -11.89 -17.56 -31.80
N ALA C 214 -12.49 -16.74 -30.93
CA ALA C 214 -13.81 -17.02 -30.36
C ALA C 214 -14.83 -16.10 -31.00
N PRO C 215 -15.90 -16.63 -31.61
CA PRO C 215 -16.88 -15.75 -32.26
C PRO C 215 -17.66 -14.96 -31.23
N GLY C 216 -17.92 -13.70 -31.55
CA GLY C 216 -18.77 -12.86 -30.74
C GLY C 216 -19.64 -11.99 -31.62
N LEU C 217 -20.34 -11.03 -31.04
CA LEU C 217 -21.21 -10.14 -31.80
C LEU C 217 -21.06 -8.72 -31.28
N GLU C 218 -21.19 -7.77 -32.18
CA GLU C 218 -21.54 -6.41 -31.83
C GLU C 218 -23.04 -6.25 -32.05
N ILE C 219 -23.71 -5.61 -31.10
CA ILE C 219 -25.16 -5.45 -31.15
C ILE C 219 -25.47 -4.00 -30.85
N TRP C 220 -26.63 -3.55 -31.34
CA TRP C 220 -27.00 -2.16 -31.12
C TRP C 220 -28.50 -2.02 -31.23
N GLY C 221 -29.00 -0.92 -30.69
CA GLY C 221 -30.42 -0.63 -30.69
C GLY C 221 -30.67 0.79 -30.26
N PRO C 222 -31.93 1.21 -30.25
CA PRO C 222 -32.24 2.59 -29.86
C PRO C 222 -31.90 2.80 -28.40
N TYR C 223 -31.33 3.98 -28.11
CA TYR C 223 -30.74 4.25 -26.79
C TYR C 223 -31.70 3.96 -25.65
N GLU C 224 -33.00 4.15 -25.85
CA GLU C 224 -33.94 4.07 -24.73
C GLU C 224 -34.18 2.64 -24.27
N THR C 225 -33.72 1.64 -25.02
CA THR C 225 -33.86 0.24 -24.62
C THR C 225 -32.56 -0.32 -24.04
N GLN C 226 -31.58 0.55 -23.75
CA GLN C 226 -30.25 0.10 -23.36
C GLN C 226 -30.28 -0.73 -22.09
N GLU C 227 -30.98 -0.25 -21.07
CA GLU C 227 -30.95 -0.99 -19.81
C GLU C 227 -31.72 -2.29 -19.90
N LYS C 228 -32.81 -2.34 -20.67
CA LYS C 228 -33.49 -3.62 -20.85
C LYS C 228 -32.60 -4.64 -21.53
N ALA C 229 -31.87 -4.21 -22.57
CA ALA C 229 -30.95 -5.14 -23.23
C ALA C 229 -29.79 -5.53 -22.32
N ARG C 230 -29.21 -4.56 -21.62
CA ARG C 230 -28.08 -4.86 -20.73
C ARG C 230 -28.50 -5.84 -19.64
N ASN C 231 -29.64 -5.58 -18.98
CA ASN C 231 -30.06 -6.46 -17.90
C ASN C 231 -30.30 -7.87 -18.41
N ALA C 232 -30.90 -7.99 -19.59
CA ALA C 232 -31.16 -9.32 -20.17
C ALA C 232 -29.87 -10.05 -20.47
N ILE C 233 -28.86 -9.35 -21.03
CA ILE C 233 -27.58 -9.98 -21.34
C ILE C 233 -26.88 -10.42 -20.06
N LEU C 234 -26.79 -9.52 -19.07
CA LEU C 234 -26.10 -9.85 -17.84
C LEU C 234 -26.76 -11.01 -17.12
N GLU C 235 -28.10 -11.06 -17.14
CA GLU C 235 -28.80 -12.15 -16.46
C GLU C 235 -28.58 -13.47 -17.17
N ALA C 236 -28.67 -13.47 -18.50
CA ALA C 236 -28.49 -14.72 -19.23
C ALA C 236 -27.04 -15.19 -19.16
N GLY C 237 -26.09 -14.27 -18.98
CA GLY C 237 -24.68 -14.63 -19.01
C GLY C 237 -24.12 -15.16 -17.70
N LYS C 238 -24.80 -14.94 -16.58
CA LYS C 238 -24.31 -15.40 -15.29
C LYS C 238 -23.96 -16.88 -15.32
N GLU C 239 -24.80 -17.68 -15.98
CA GLU C 239 -24.59 -19.12 -16.07
C GLU C 239 -23.22 -19.44 -16.66
N PHE C 240 -22.71 -18.56 -17.52
CA PHE C 240 -21.46 -18.77 -18.21
C PHE C 240 -20.32 -17.90 -17.70
N GLY C 241 -20.52 -17.22 -16.58
CA GLY C 241 -19.49 -16.35 -16.07
C GLY C 241 -19.30 -15.05 -16.81
N LEU C 242 -20.31 -14.58 -17.55
CA LEU C 242 -20.18 -13.29 -18.20
C LEU C 242 -20.15 -12.17 -17.18
N ILE C 243 -19.22 -11.24 -17.36
CA ILE C 243 -19.19 -10.04 -16.51
C ILE C 243 -19.11 -8.80 -17.38
N PRO C 244 -19.60 -7.67 -16.91
CA PRO C 244 -19.46 -6.43 -17.66
C PRO C 244 -18.08 -5.82 -17.47
N VAL C 245 -17.61 -5.17 -18.51
CA VAL C 245 -16.28 -4.56 -18.54
C VAL C 245 -16.45 -3.06 -18.41
N GLY C 246 -15.63 -2.43 -17.57
CA GLY C 246 -15.69 -1.00 -17.35
C GLY C 246 -14.77 -0.23 -18.29
N SER C 247 -14.84 1.09 -18.17
CA SER C 247 -14.09 1.96 -19.08
C SER C 247 -12.58 1.96 -18.79
N ARG C 248 -12.16 1.54 -17.60
CA ARG C 248 -10.73 1.42 -17.35
C ARG C 248 -10.13 0.28 -18.15
N ALA C 249 -10.72 -0.91 -18.05
CA ALA C 249 -10.19 -2.04 -18.80
C ALA C 249 -10.48 -1.93 -20.29
N TYR C 250 -11.62 -1.34 -20.68
CA TYR C 250 -12.11 -1.50 -22.05
C TYR C 250 -11.08 -1.14 -23.12
N PRO C 251 -10.48 0.05 -23.12
CA PRO C 251 -9.60 0.40 -24.27
C PRO C 251 -8.34 -0.42 -24.34
N SER C 252 -7.92 -1.06 -23.26
CA SER C 252 -6.74 -1.91 -23.31
C SER C 252 -6.94 -3.15 -24.19
N ASN C 253 -8.18 -3.48 -24.54
CA ASN C 253 -8.43 -4.68 -25.33
C ASN C 253 -7.67 -4.66 -26.65
N THR C 254 -7.51 -3.47 -27.25
CA THR C 254 -6.91 -3.38 -28.57
C THR C 254 -5.40 -3.61 -28.54
N LEU C 255 -4.77 -3.50 -27.36
CA LEU C 255 -3.38 -3.91 -27.25
C LEU C 255 -3.20 -5.38 -27.59
N GLU C 256 -4.18 -6.21 -27.24
CA GLU C 256 -4.09 -7.63 -27.56
C GLU C 256 -4.53 -7.93 -28.99
N SER C 257 -5.49 -7.16 -29.53
CA SER C 257 -6.03 -7.45 -30.85
C SER C 257 -5.29 -6.74 -31.97
N GLY C 258 -4.67 -5.59 -31.69
CA GLY C 258 -3.72 -5.00 -32.59
C GLY C 258 -4.19 -3.80 -33.39
N TRP C 259 -5.40 -3.32 -33.15
CA TRP C 259 -5.89 -2.15 -33.87
C TRP C 259 -5.33 -0.88 -33.23
N ILE C 260 -4.71 -0.02 -34.05
CA ILE C 260 -4.19 1.26 -33.59
C ILE C 260 -5.31 2.29 -33.70
N PRO C 261 -5.88 2.78 -32.59
CA PRO C 261 -7.01 3.71 -32.70
C PRO C 261 -6.63 5.14 -33.03
N SER C 262 -5.35 5.51 -32.91
CA SER C 262 -5.00 6.92 -32.71
C SER C 262 -4.04 7.54 -33.73
N PRO C 263 -4.12 7.25 -35.03
CA PRO C 263 -3.24 7.94 -35.97
C PRO C 263 -3.59 9.42 -35.98
N LEU C 264 -2.57 10.26 -36.11
CA LEU C 264 -2.83 11.68 -36.25
C LEU C 264 -3.60 11.92 -37.54
N PRO C 265 -4.70 12.66 -37.51
CA PRO C 265 -5.36 13.03 -38.78
C PRO C 265 -4.41 13.91 -39.59
N ALA C 266 -4.01 13.43 -40.76
CA ALA C 266 -2.92 14.06 -41.50
C ALA C 266 -3.43 15.23 -42.34
N ILE C 267 -3.92 16.24 -41.62
N ILE C 267 -3.93 16.24 -41.65
CA ILE C 267 -4.72 17.30 -42.20
CA ILE C 267 -4.66 17.31 -42.33
C ILE C 267 -4.03 18.66 -42.15
C ILE C 267 -4.15 18.70 -41.97
N TYR C 268 -2.95 18.80 -41.39
CA TYR C 268 -2.46 20.10 -40.96
C TYR C 268 -1.67 20.85 -42.03
N THR C 269 -1.29 20.21 -43.14
CA THR C 269 -0.43 20.82 -44.14
C THR C 269 -0.93 20.45 -45.53
N GLY C 270 -0.39 21.13 -46.54
CA GLY C 270 -0.74 20.84 -47.91
C GLY C 270 -1.83 21.76 -48.45
N ASP C 271 -1.66 22.24 -49.68
CA ASP C 271 -2.61 23.21 -50.23
C ASP C 271 -3.96 22.57 -50.48
N LYS C 272 -3.98 21.31 -50.89
CA LYS C 272 -5.23 20.64 -51.20
C LYS C 272 -6.07 20.34 -49.96
N LEU C 273 -5.58 20.67 -48.75
CA LEU C 273 -6.34 20.49 -47.53
C LEU C 273 -6.70 21.81 -46.85
N LYS C 274 -6.35 22.95 -47.47
CA LYS C 274 -6.60 24.25 -46.84
C LYS C 274 -8.10 24.49 -46.66
N ALA C 275 -8.91 24.12 -47.66
CA ALA C 275 -10.36 24.30 -47.54
C ALA C 275 -10.91 23.53 -46.34
N TYR C 276 -10.46 22.29 -46.16
CA TYR C 276 -10.93 21.50 -45.04
C TYR C 276 -10.50 22.09 -43.70
N ARG C 277 -9.26 22.64 -43.64
CA ARG C 277 -8.83 23.31 -42.42
C ARG C 277 -9.65 24.56 -42.13
N GLU C 278 -10.15 25.23 -43.17
CA GLU C 278 -11.00 26.40 -42.99
C GLU C 278 -12.41 26.03 -42.57
N TRP C 279 -12.82 24.79 -42.78
CA TRP C 279 -14.14 24.30 -42.42
C TRP C 279 -14.16 23.73 -40.99
N LEU C 280 -13.08 23.07 -40.58
CA LEU C 280 -13.01 22.49 -39.24
C LEU C 280 -13.08 23.59 -38.18
N PRO C 281 -13.97 23.47 -37.19
CA PRO C 281 -14.07 24.52 -36.16
C PRO C 281 -12.86 24.56 -35.25
N ALA C 282 -12.75 25.69 -34.53
CA ALA C 282 -11.62 25.93 -33.64
C ALA C 282 -11.60 24.99 -32.44
N ASN C 283 -12.72 24.36 -32.10
CA ASN C 283 -12.78 23.45 -30.98
C ASN C 283 -12.93 22.00 -31.43
N SER C 284 -12.57 21.72 -32.68
CA SER C 284 -12.60 20.37 -33.21
C SER C 284 -11.49 19.52 -32.57
N TYR C 285 -11.69 18.21 -32.63
CA TYR C 285 -10.65 17.24 -32.31
C TYR C 285 -9.30 17.64 -32.89
N GLU C 286 -9.30 18.04 -34.17
CA GLU C 286 -8.07 18.35 -34.87
C GLU C 286 -7.37 19.58 -34.30
N ALA C 287 -8.15 20.57 -33.88
CA ALA C 287 -7.60 21.83 -33.41
C ALA C 287 -7.23 21.82 -31.93
N SER C 288 -8.00 21.13 -31.09
CA SER C 288 -7.83 21.24 -29.65
C SER C 288 -7.21 20.01 -29.01
N GLY C 289 -6.95 18.95 -29.77
CA GLY C 289 -6.42 17.73 -29.23
C GLY C 289 -4.96 17.87 -28.84
N ALA C 290 -4.32 16.72 -28.59
CA ALA C 290 -2.96 16.72 -28.07
C ALA C 290 -2.15 15.58 -28.67
N ILE C 291 -0.83 15.80 -28.74
CA ILE C 291 0.15 14.76 -29.08
C ILE C 291 1.02 14.54 -27.84
N GLY C 292 1.28 13.30 -27.51
CA GLY C 292 2.11 12.98 -26.37
C GLY C 292 3.14 11.93 -26.73
N GLY C 293 4.27 11.99 -26.03
CA GLY C 293 5.29 10.97 -26.15
C GLY C 293 6.62 11.53 -26.58
N SER C 294 7.56 10.62 -26.78
CA SER C 294 8.97 10.98 -26.93
C SER C 294 9.36 11.35 -28.35
N PHE C 295 8.58 10.97 -29.37
CA PHE C 295 8.96 11.33 -30.72
C PHE C 295 8.76 12.81 -30.97
N VAL C 296 9.82 13.49 -31.42
CA VAL C 296 9.82 14.94 -31.55
C VAL C 296 10.29 15.34 -32.94
N SER C 297 9.50 16.17 -33.61
CA SER C 297 9.88 16.78 -34.87
C SER C 297 9.15 18.10 -34.98
N SER C 298 9.84 19.11 -35.52
CA SER C 298 9.19 20.41 -35.70
C SER C 298 8.18 20.41 -36.84
N ASN C 299 8.17 19.36 -37.68
CA ASN C 299 7.28 19.25 -38.81
C ASN C 299 6.18 18.23 -38.48
N ILE C 300 4.94 18.73 -38.42
CA ILE C 300 3.79 17.88 -38.10
C ILE C 300 3.67 16.72 -39.09
N GLU C 301 4.15 16.91 -40.32
CA GLU C 301 4.07 15.85 -41.32
C GLU C 301 4.81 14.59 -40.91
N ASP C 302 5.82 14.70 -40.04
CA ASP C 302 6.57 13.52 -39.60
C ASP C 302 5.75 12.63 -38.67
N TYR C 303 4.57 13.07 -38.25
CA TYR C 303 3.66 12.28 -37.44
C TYR C 303 2.61 11.57 -38.27
N TYR C 304 2.55 11.86 -39.57
CA TYR C 304 1.58 11.25 -40.46
C TYR C 304 1.90 9.78 -40.69
N VAL C 305 0.87 8.99 -40.97
CA VAL C 305 1.04 7.61 -41.38
C VAL C 305 0.23 7.39 -42.65
N ASN C 306 0.62 6.39 -43.43
CA ASN C 306 -0.20 5.97 -44.56
C ASN C 306 -0.76 4.58 -44.29
N PRO C 307 -1.79 4.14 -45.05
CA PRO C 307 -2.49 2.88 -44.70
C PRO C 307 -1.62 1.65 -44.56
N TYR C 308 -0.57 1.51 -45.37
CA TYR C 308 0.28 0.33 -45.29
C TYR C 308 1.02 0.24 -43.96
N GLU C 309 1.22 1.38 -43.30
CA GLU C 309 2.05 1.41 -42.10
C GLU C 309 1.30 1.00 -40.83
N ILE C 310 -0.03 1.06 -40.83
CA ILE C 310 -0.77 0.67 -39.64
C ILE C 310 -1.72 -0.49 -39.91
N GLY C 311 -1.46 -1.25 -40.98
CA GLY C 311 -2.10 -2.53 -41.21
C GLY C 311 -3.24 -2.52 -42.20
N TYR C 312 -3.52 -1.39 -42.86
CA TYR C 312 -4.64 -1.30 -43.78
C TYR C 312 -4.23 -1.49 -45.23
N GLY C 313 -2.98 -1.89 -45.47
CA GLY C 313 -2.52 -2.28 -46.77
C GLY C 313 -3.52 -3.13 -47.54
N PRO C 314 -3.92 -4.27 -46.97
CA PRO C 314 -4.88 -5.15 -47.67
C PRO C 314 -6.21 -4.48 -48.03
N PHE C 315 -6.61 -3.40 -47.34
CA PHE C 315 -7.87 -2.73 -47.68
C PHE C 315 -7.78 -1.89 -48.95
N VAL C 316 -6.58 -1.51 -49.37
CA VAL C 316 -6.42 -0.68 -50.54
C VAL C 316 -6.81 -1.47 -51.79
N LYS C 317 -7.73 -0.92 -52.56
CA LYS C 317 -8.20 -1.57 -53.79
C LYS C 317 -8.36 -0.49 -54.85
N PHE C 318 -7.49 -0.53 -55.87
CA PHE C 318 -7.55 0.45 -56.96
C PHE C 318 -8.59 0.04 -58.00
N ASP C 319 -9.83 -0.08 -57.56
CA ASP C 319 -10.94 -0.43 -58.44
C ASP C 319 -12.02 0.63 -58.45
N HIS C 320 -11.71 1.83 -57.97
CA HIS C 320 -12.66 2.92 -57.97
C HIS C 320 -11.85 4.21 -57.80
N ASP C 321 -12.47 5.33 -58.15
CA ASP C 321 -11.85 6.62 -57.95
C ASP C 321 -12.06 7.06 -56.50
N PHE C 322 -10.97 7.42 -55.83
CA PHE C 322 -11.09 7.90 -54.46
C PHE C 322 -9.98 8.90 -54.19
N ILE C 323 -10.27 9.84 -53.28
CA ILE C 323 -9.26 10.83 -52.91
C ILE C 323 -8.01 10.12 -52.41
N GLY C 324 -6.86 10.58 -52.90
CA GLY C 324 -5.58 10.03 -52.54
C GLY C 324 -5.16 8.79 -53.31
N ARG C 325 -5.99 8.30 -54.24
CA ARG C 325 -5.63 7.10 -54.98
C ARG C 325 -4.29 7.27 -55.68
N ASP C 326 -4.09 8.43 -56.32
CA ASP C 326 -2.86 8.68 -57.06
C ASP C 326 -1.63 8.57 -56.14
N ALA C 327 -1.68 9.24 -54.99
CA ALA C 327 -0.57 9.17 -54.05
C ALA C 327 -0.36 7.75 -53.55
N LEU C 328 -1.44 6.98 -53.36
CA LEU C 328 -1.31 5.61 -52.88
C LEU C 328 -0.71 4.71 -53.93
N GLU C 329 -1.10 4.89 -55.19
CA GLU C 329 -0.55 4.11 -56.28
C GLU C 329 0.96 4.29 -56.42
N ALA C 330 1.50 5.42 -55.95
CA ALA C 330 2.91 5.77 -56.05
C ALA C 330 3.76 5.17 -54.93
N ILE C 331 3.15 4.52 -53.93
CA ILE C 331 3.87 4.01 -52.76
C ILE C 331 4.20 2.55 -52.99
N ASP C 332 5.43 2.16 -52.65
CA ASP C 332 5.82 0.75 -52.70
C ASP C 332 5.49 0.07 -51.37
N PRO C 333 4.40 -0.70 -51.29
CA PRO C 333 4.04 -1.30 -50.00
C PRO C 333 5.13 -2.17 -49.40
N ALA C 334 5.97 -2.80 -50.22
CA ALA C 334 6.98 -3.72 -49.70
C ALA C 334 8.03 -3.02 -48.84
N THR C 335 8.23 -1.71 -49.01
CA THR C 335 9.20 -0.98 -48.21
C THR C 335 8.57 -0.09 -47.15
N GLN C 336 7.25 -0.15 -46.99
CA GLN C 336 6.60 0.64 -45.95
C GLN C 336 6.85 0.05 -44.58
N ARG C 337 6.88 0.92 -43.56
CA ARG C 337 6.87 0.46 -42.18
C ARG C 337 5.73 -0.53 -41.97
N LYS C 338 5.90 -1.42 -40.99
CA LYS C 338 4.93 -2.47 -40.72
C LYS C 338 4.45 -2.37 -39.28
N LYS C 339 3.19 -2.70 -39.07
CA LYS C 339 2.63 -2.67 -37.73
C LYS C 339 3.10 -3.90 -36.96
N VAL C 340 3.53 -3.68 -35.71
CA VAL C 340 3.96 -4.78 -34.82
C VAL C 340 3.38 -4.54 -33.44
N THR C 341 3.47 -5.56 -32.59
CA THR C 341 3.30 -5.40 -31.15
C THR C 341 4.68 -5.40 -30.52
N LEU C 342 4.93 -4.43 -29.65
CA LEU C 342 6.17 -4.37 -28.88
C LEU C 342 5.88 -4.87 -27.47
N ALA C 343 6.64 -5.86 -27.02
CA ALA C 343 6.48 -6.46 -25.70
C ALA C 343 7.52 -5.85 -24.79
N TRP C 344 7.08 -5.03 -23.83
CA TRP C 344 8.01 -4.22 -23.05
C TRP C 344 8.65 -5.05 -21.94
N ASN C 345 9.92 -4.76 -21.68
CA ASN C 345 10.71 -5.55 -20.73
C ASN C 345 10.20 -5.37 -19.30
N GLY C 346 10.00 -6.48 -18.59
CA GLY C 346 9.36 -6.42 -17.28
C GLY C 346 10.26 -5.81 -16.21
N ASP C 347 11.56 -6.06 -16.27
CA ASP C 347 12.49 -5.40 -15.36
C ASP C 347 12.50 -3.90 -15.58
N ASP C 348 12.38 -3.47 -16.85
CA ASP C 348 12.32 -2.03 -17.10
C ASP C 348 11.01 -1.44 -16.59
N MET C 349 9.91 -2.19 -16.73
CA MET C 349 8.64 -1.76 -16.13
C MET C 349 8.79 -1.62 -14.62
N ALA C 350 9.42 -2.60 -13.96
CA ALA C 350 9.61 -2.51 -12.51
C ALA C 350 10.40 -1.27 -12.13
N LYS C 351 11.38 -0.90 -12.94
CA LYS C 351 12.20 0.27 -12.64
C LYS C 351 11.39 1.55 -12.79
N ILE C 352 10.51 1.62 -13.80
CA ILE C 352 9.62 2.77 -13.95
C ILE C 352 8.78 2.96 -12.70
N TYR C 353 8.15 1.87 -12.23
CA TYR C 353 7.23 2.02 -11.10
C TYR C 353 7.99 2.27 -9.80
N ALA C 354 9.16 1.62 -9.64
CA ALA C 354 9.96 1.81 -8.43
C ALA C 354 10.28 3.28 -8.20
N SER C 355 10.54 4.03 -9.27
CA SER C 355 10.96 5.42 -9.11
C SER C 355 9.90 6.28 -8.45
N LEU C 356 8.62 5.87 -8.49
CA LEU C 356 7.56 6.60 -7.80
C LEU C 356 7.70 6.58 -6.29
N PHE C 357 8.39 5.57 -5.75
CA PHE C 357 8.54 5.40 -4.32
C PHE C 357 9.94 5.79 -3.83
N ASP C 358 10.71 6.51 -4.63
CA ASP C 358 12.04 6.96 -4.25
C ASP C 358 11.91 8.36 -3.65
N THR C 359 12.11 8.46 -2.33
CA THR C 359 11.96 9.72 -1.61
C THR C 359 13.15 10.66 -1.80
N GLU C 360 14.25 10.17 -2.37
CA GLU C 360 15.46 10.97 -2.50
C GLU C 360 15.74 11.45 -3.91
N ALA C 361 15.27 10.73 -4.93
CA ALA C 361 15.58 11.08 -6.31
C ALA C 361 14.94 12.41 -6.70
N ASP C 362 15.67 13.19 -7.49
CA ASP C 362 15.13 14.48 -7.95
C ASP C 362 14.05 14.32 -9.00
N ALA C 363 13.94 13.15 -9.65
CA ALA C 363 12.94 12.92 -10.67
C ALA C 363 12.63 11.44 -10.74
N HIS C 364 11.46 11.12 -11.30
CA HIS C 364 11.03 9.74 -11.50
C HIS C 364 10.65 9.56 -12.97
N TYR C 365 10.47 8.30 -13.38
CA TYR C 365 10.09 8.06 -14.76
C TYR C 365 8.60 8.33 -14.97
N LYS C 366 8.23 8.61 -16.22
CA LYS C 366 6.87 9.01 -16.54
C LYS C 366 5.86 8.00 -16.00
N PHE C 367 4.82 8.49 -15.33
CA PHE C 367 3.83 7.59 -14.74
C PHE C 367 3.19 6.73 -15.83
N PHE C 368 3.16 5.41 -15.60
CA PHE C 368 2.62 4.44 -16.54
C PHE C 368 1.31 3.90 -15.96
N ASP C 369 0.19 4.53 -16.32
CA ASP C 369 -1.10 4.09 -15.78
C ASP C 369 -1.48 2.72 -16.31
N LEU C 370 -2.31 2.00 -15.55
CA LEU C 370 -2.69 0.63 -15.82
C LEU C 370 -4.20 0.49 -15.85
N PRO C 371 -4.76 -0.23 -16.86
CA PRO C 371 -4.06 -0.96 -17.90
C PRO C 371 -3.77 -0.15 -19.16
N LEU C 372 -4.10 1.14 -19.19
CA LEU C 372 -3.85 1.99 -20.35
C LEU C 372 -2.99 3.16 -19.91
N ALA C 373 -1.86 3.36 -20.58
CA ALA C 373 -0.87 4.34 -20.17
C ALA C 373 -0.88 5.60 -21.02
N ASN C 374 -1.74 5.67 -22.05
CA ASN C 374 -1.76 6.83 -22.92
C ASN C 374 -2.10 8.10 -22.15
N TYR C 375 -1.49 9.21 -22.54
CA TYR C 375 -1.79 10.48 -21.89
C TYR C 375 -2.05 11.58 -22.91
N ALA C 376 -2.44 11.21 -24.13
CA ALA C 376 -2.95 12.15 -25.12
C ALA C 376 -3.88 11.38 -26.05
N ASN C 377 -4.55 12.09 -26.95
CA ASN C 377 -5.37 11.37 -27.90
C ASN C 377 -4.58 10.89 -29.12
N THR C 378 -3.41 11.49 -29.38
CA THR C 378 -2.46 10.95 -30.34
C THR C 378 -1.17 10.61 -29.61
N ASN C 379 -0.71 9.38 -29.76
CA ASN C 379 0.47 8.87 -29.07
C ASN C 379 1.62 8.69 -30.05
N ALA C 380 2.81 9.14 -29.65
CA ALA C 380 3.96 9.10 -30.54
C ALA C 380 5.23 8.99 -29.69
N ASP C 381 5.67 7.76 -29.46
CA ASP C 381 6.93 7.48 -28.79
C ASP C 381 7.95 6.97 -29.80
N ALA C 382 9.17 7.49 -29.72
CA ALA C 382 10.24 7.05 -30.60
C ALA C 382 10.67 5.62 -30.29
N VAL C 383 10.85 4.82 -31.33
CA VAL C 383 11.38 3.46 -31.23
C VAL C 383 12.77 3.45 -31.86
N LEU C 384 13.76 2.92 -31.14
CA LEU C 384 15.17 3.02 -31.51
C LEU C 384 15.83 1.64 -31.59
N ASP C 385 16.80 1.51 -32.50
CA ASP C 385 17.64 0.32 -32.51
C ASP C 385 18.85 0.54 -31.60
N ALA C 386 19.72 -0.47 -31.50
CA ALA C 386 20.81 -0.44 -30.54
C ALA C 386 21.79 0.70 -30.79
N ALA C 387 21.84 1.22 -32.02
CA ALA C 387 22.72 2.35 -32.33
C ALA C 387 22.05 3.69 -32.10
N GLY C 388 20.76 3.70 -31.76
CA GLY C 388 20.06 4.94 -31.57
C GLY C 388 19.38 5.50 -32.80
N ASN C 389 19.36 4.74 -33.89
CA ASN C 389 18.60 5.15 -35.05
C ASN C 389 17.11 5.12 -34.72
N VAL C 390 16.36 6.13 -35.19
CA VAL C 390 14.91 6.05 -35.07
C VAL C 390 14.40 5.07 -36.11
N VAL C 391 13.78 3.98 -35.65
CA VAL C 391 13.36 2.91 -36.54
C VAL C 391 11.85 2.70 -36.52
N GLY C 392 11.10 3.58 -35.86
CA GLY C 392 9.67 3.43 -35.83
C GLY C 392 9.02 4.32 -34.80
N MET C 393 7.69 4.16 -34.68
CA MET C 393 6.86 5.00 -33.84
C MET C 393 5.87 4.13 -33.07
N SER C 394 5.85 4.29 -31.74
CA SER C 394 4.97 3.53 -30.86
C SER C 394 3.73 4.38 -30.56
N MET C 395 2.53 3.79 -30.73
CA MET C 395 1.33 4.61 -30.88
C MET C 395 0.17 4.29 -29.93
N PHE C 396 0.29 3.30 -29.05
CA PHE C 396 -0.78 2.96 -28.12
C PHE C 396 -0.18 2.02 -27.09
N THR C 397 -0.35 2.33 -25.80
CA THR C 397 0.49 1.72 -24.77
C THR C 397 -0.32 1.33 -23.54
N GLY C 398 0.00 0.17 -22.99
CA GLY C 398 -0.63 -0.26 -21.74
C GLY C 398 -0.16 -1.63 -21.31
N TYR C 399 -1.06 -2.39 -20.67
CA TYR C 399 -0.66 -3.62 -20.00
C TYR C 399 -1.81 -4.62 -20.13
N SER C 400 -1.45 -5.88 -20.33
CA SER C 400 -2.40 -6.99 -20.36
C SER C 400 -2.18 -7.87 -19.13
N TYR C 401 -3.22 -7.99 -18.29
CA TYR C 401 -3.15 -8.93 -17.17
C TYR C 401 -3.16 -10.37 -17.68
N ASN C 402 -3.68 -10.59 -18.89
CA ASN C 402 -3.63 -11.92 -19.48
C ASN C 402 -2.20 -12.33 -19.80
N GLU C 403 -1.39 -11.40 -20.28
CA GLU C 403 -0.01 -11.70 -20.64
C GLU C 403 0.97 -11.43 -19.52
N LYS C 404 0.57 -10.68 -18.50
CA LYS C 404 1.48 -10.12 -17.49
C LYS C 404 2.61 -9.37 -18.15
N ARG C 405 2.28 -8.59 -19.19
CA ARG C 405 3.26 -7.80 -19.93
C ARG C 405 2.70 -6.43 -20.25
N ALA C 406 3.55 -5.42 -20.16
CA ALA C 406 3.23 -4.16 -20.82
C ALA C 406 3.46 -4.33 -22.33
N LEU C 407 2.55 -3.75 -23.12
CA LEU C 407 2.56 -3.90 -24.57
C LEU C 407 2.36 -2.53 -25.23
N SER C 408 2.89 -2.36 -26.44
CA SER C 408 2.53 -1.21 -27.23
C SER C 408 2.34 -1.62 -28.69
N LEU C 409 1.52 -0.86 -29.40
CA LEU C 409 1.30 -1.05 -30.82
C LEU C 409 2.17 -0.05 -31.57
N ALA C 410 2.94 -0.52 -32.55
CA ALA C 410 3.93 0.33 -33.19
C ALA C 410 4.00 0.03 -34.67
N THR C 411 4.53 1.00 -35.41
CA THR C 411 4.87 0.83 -36.81
C THR C 411 6.38 1.05 -36.94
N ILE C 412 7.07 0.08 -37.52
CA ILE C 412 8.53 0.05 -37.53
C ILE C 412 9.04 -0.35 -38.92
N ASP C 413 10.34 -0.18 -39.13
CA ASP C 413 10.96 -0.47 -40.42
C ASP C 413 10.77 -1.93 -40.80
N HIS C 414 10.37 -2.16 -42.06
CA HIS C 414 9.87 -3.46 -42.48
C HIS C 414 10.91 -4.57 -42.31
N GLU C 415 12.20 -4.26 -42.37
CA GLU C 415 13.20 -5.32 -42.36
C GLU C 415 13.53 -5.85 -40.95
N ILE C 416 13.02 -5.24 -39.89
CA ILE C 416 13.32 -5.70 -38.54
C ILE C 416 12.59 -7.02 -38.27
N PRO C 417 13.30 -8.08 -37.93
CA PRO C 417 12.63 -9.37 -37.71
C PRO C 417 11.90 -9.43 -36.37
N VAL C 418 10.81 -10.20 -36.33
CA VAL C 418 10.14 -10.50 -35.08
C VAL C 418 11.15 -11.11 -34.13
N GLY C 419 11.03 -10.79 -32.85
CA GLY C 419 11.98 -11.24 -31.86
C GLY C 419 13.16 -10.31 -31.64
N THR C 420 13.30 -9.26 -32.45
CA THR C 420 14.37 -8.29 -32.24
C THR C 420 14.05 -7.45 -31.02
N GLU C 421 15.07 -7.20 -30.20
CA GLU C 421 14.94 -6.28 -29.07
C GLU C 421 15.31 -4.87 -29.50
N LEU C 422 14.34 -3.97 -29.41
CA LEU C 422 14.53 -2.56 -29.64
C LEU C 422 14.40 -1.83 -28.31
N THR C 423 14.39 -0.51 -28.35
CA THR C 423 14.02 0.28 -27.19
C THR C 423 12.92 1.25 -27.59
N VAL C 424 12.00 1.50 -26.65
CA VAL C 424 11.02 2.56 -26.78
C VAL C 424 11.42 3.66 -25.82
N LEU C 425 11.47 4.89 -26.30
CA LEU C 425 11.77 6.01 -25.43
C LEU C 425 10.47 6.41 -24.72
N TRP C 426 10.40 6.13 -23.43
CA TRP C 426 9.20 6.37 -22.65
C TRP C 426 9.34 7.67 -21.87
N GLY C 427 8.37 8.56 -22.04
CA GLY C 427 8.40 9.87 -21.42
C GLY C 427 8.82 10.95 -22.39
N GLU C 428 8.68 12.19 -21.94
CA GLU C 428 8.95 13.35 -22.77
C GLU C 428 10.20 14.07 -22.28
N GLU C 429 10.74 14.93 -23.15
CA GLU C 429 12.03 15.57 -22.89
C GLU C 429 11.87 16.80 -22.00
N ASN C 430 13.00 17.23 -21.40
CA ASN C 430 13.11 18.48 -20.65
C ASN C 430 12.15 18.56 -19.48
N GLY C 431 11.87 17.43 -18.83
CA GLY C 431 10.93 17.42 -17.72
C GLY C 431 9.49 17.18 -18.10
N GLY C 432 9.16 17.24 -19.39
CA GLY C 432 7.85 16.96 -19.92
C GLY C 432 7.17 18.21 -20.47
N THR C 433 6.25 18.00 -21.41
CA THR C 433 5.50 19.11 -21.97
C THR C 433 4.52 19.68 -20.93
N ARG C 434 3.77 20.69 -21.36
CA ARG C 434 2.81 21.37 -20.52
C ARG C 434 1.42 20.71 -20.52
N LYS C 435 1.25 19.57 -21.18
CA LYS C 435 -0.04 18.89 -21.15
C LYS C 435 -0.46 18.64 -19.69
N THR C 436 -1.76 18.75 -19.42
CA THR C 436 -2.22 18.65 -18.04
C THR C 436 -2.17 17.21 -17.53
N THR C 437 -1.95 16.24 -18.41
CA THR C 437 -1.79 14.84 -18.05
C THR C 437 -0.37 14.51 -17.63
N VAL C 438 0.54 15.47 -17.65
CA VAL C 438 1.97 15.19 -17.57
C VAL C 438 2.51 15.79 -16.29
N GLU C 439 2.95 14.92 -15.39
CA GLU C 439 3.68 15.31 -14.21
C GLU C 439 5.16 15.43 -14.57
N PRO C 440 5.94 16.17 -13.77
CA PRO C 440 7.38 16.24 -14.02
C PRO C 440 7.99 14.84 -14.01
N HIS C 441 8.86 14.58 -14.98
CA HIS C 441 9.48 13.27 -15.07
C HIS C 441 10.74 13.34 -15.91
N LYS C 442 11.50 12.24 -15.88
CA LYS C 442 12.67 12.03 -16.73
C LYS C 442 12.40 10.84 -17.64
N GLN C 443 13.13 10.77 -18.75
CA GLN C 443 12.85 9.76 -19.77
C GLN C 443 13.54 8.44 -19.45
N MET C 444 13.05 7.37 -20.08
CA MET C 444 13.66 6.07 -19.92
C MET C 444 13.62 5.30 -21.21
N ALA C 445 14.74 4.63 -21.54
CA ALA C 445 14.82 3.75 -22.69
C ALA C 445 14.37 2.36 -22.25
N VAL C 446 13.20 1.95 -22.69
CA VAL C 446 12.62 0.66 -22.32
C VAL C 446 12.94 -0.35 -23.40
N ARG C 447 13.49 -1.50 -23.02
CA ARG C 447 13.67 -2.57 -23.98
C ARG C 447 12.32 -3.20 -24.36
N ALA C 448 12.15 -3.48 -25.65
CA ALA C 448 10.89 -4.01 -26.15
C ALA C 448 11.15 -4.93 -27.33
N VAL C 449 10.50 -6.09 -27.33
CA VAL C 449 10.76 -7.15 -28.31
C VAL C 449 9.67 -7.12 -29.39
N VAL C 450 10.09 -6.99 -30.65
CA VAL C 450 9.15 -7.04 -31.78
C VAL C 450 8.41 -8.37 -31.79
N SER C 451 7.09 -8.30 -31.81
CA SER C 451 6.23 -9.46 -31.67
C SER C 451 5.12 -9.37 -32.70
N PRO C 452 4.43 -10.48 -32.99
CA PRO C 452 3.38 -10.45 -34.01
C PRO C 452 2.22 -9.56 -33.61
N VAL C 453 1.32 -9.34 -34.58
CA VAL C 453 0.07 -8.64 -34.30
C VAL C 453 -1.05 -9.42 -34.98
N PRO C 454 -2.06 -9.93 -34.24
CA PRO C 454 -2.29 -9.81 -32.78
C PRO C 454 -1.18 -10.42 -31.95
N TYR C 455 -0.98 -9.89 -30.76
CA TYR C 455 0.17 -10.28 -29.94
C TYR C 455 0.18 -11.78 -29.68
N SER C 456 1.36 -12.36 -29.78
CA SER C 456 1.63 -13.71 -29.33
C SER C 456 3.07 -13.73 -28.84
N VAL C 457 3.34 -14.56 -27.84
CA VAL C 457 4.63 -14.50 -27.17
C VAL C 457 5.72 -15.00 -28.13
N THR C 458 6.73 -14.16 -28.34
CA THR C 458 7.85 -14.45 -29.23
C THR C 458 9.16 -14.39 -28.44
N ALA C 459 10.02 -15.38 -28.65
CA ALA C 459 11.33 -15.38 -28.01
C ALA C 459 12.24 -14.33 -28.65
N ARG C 460 13.12 -13.74 -27.84
CA ARG C 460 14.06 -12.75 -28.35
C ARG C 460 15.39 -13.38 -28.77
C1 VNL D . 23.50 -14.98 24.30
CO1 VNL D . 23.50 -14.47 23.00
CO2 VNL D . 22.44 -15.72 24.79
CM1 VNL D . 22.41 -14.73 22.18
CM2 VNL D . 21.35 -15.96 23.98
OM VNL D . 20.29 -16.73 24.48
CZ VNL D . 21.35 -15.47 22.68
CC VNL D . 24.67 -14.70 25.22
CV VNL D . 19.13 -15.99 24.82
O1 VNL D . 24.58 -14.94 26.46
O2 VNL D . 25.70 -14.17 24.72
O3 VNL D . 20.24 -15.72 21.86
C1 EDO E . 35.57 -7.10 20.78
O1 EDO E . 34.37 -6.32 20.86
C2 EDO E . 35.66 -8.08 21.94
O2 EDO E . 34.79 -9.19 21.73
C1 EDO F . 33.67 -9.89 33.94
O1 EDO F . 33.42 -11.24 33.51
C2 EDO F . 34.41 -9.17 32.81
O2 EDO F . 33.67 -9.36 31.59
C TRS G . 48.93 -11.70 22.42
C1 TRS G . 49.77 -11.00 23.50
C2 TRS G . 49.78 -12.79 21.75
C3 TRS G . 48.48 -10.66 21.39
N TRS G . 47.72 -12.25 23.07
O1 TRS G . 50.35 -11.99 24.32
O2 TRS G . 49.05 -13.94 21.37
O3 TRS G . 49.52 -9.71 21.29
C1 VNL H . -13.72 9.56 2.61
CO1 VNL H . -12.35 9.64 2.44
CO2 VNL H . -14.50 10.69 2.71
CM1 VNL H . -11.75 10.89 2.37
CM2 VNL H . -13.90 11.94 2.63
OM VNL H . -14.67 13.09 2.72
CZ VNL H . -12.54 12.03 2.45
CC VNL H . -14.43 8.22 2.70
CV VNL H . -14.60 13.76 3.95
O1 VNL H . -15.65 8.19 3.05
O2 VNL H . -13.80 7.16 2.41
O3 VNL H . -11.96 13.30 2.39
C1 EDO I . -18.70 -4.06 5.99
O1 EDO I . -17.73 -3.12 5.53
C2 EDO I . -19.99 -3.30 6.29
O2 EDO I . -20.44 -2.66 5.09
C1 EDO J . -8.71 -3.68 2.00
O1 EDO J . -8.92 -2.44 1.30
C2 EDO J . -7.23 -3.84 2.38
O2 EDO J . -6.87 -2.97 3.45
C TRS K . -10.42 -14.72 -6.45
C1 TRS K . -10.22 -14.92 -7.96
C2 TRS K . -11.21 -15.87 -5.84
C3 TRS K . -11.07 -13.38 -6.07
N TRS K . -9.11 -14.69 -5.80
O1 TRS K . -10.51 -13.78 -8.74
O2 TRS K . -12.56 -15.81 -6.27
O3 TRS K . -12.33 -13.08 -6.62
C1 VNL L . -10.44 2.98 -28.78
CO1 VNL L . -9.60 2.03 -28.23
CO2 VNL L . -11.71 2.63 -29.25
CM1 VNL L . -10.04 0.71 -28.15
CM2 VNL L . -12.14 1.32 -29.16
OM VNL L . -13.43 0.97 -29.62
CZ VNL L . -11.31 0.36 -28.61
CC VNL L . -9.98 4.44 -28.89
CV VNL L . -13.51 0.38 -30.88
O1 VNL L . -8.94 4.82 -28.28
O2 VNL L . -10.66 5.25 -29.59
O3 VNL L . -11.75 -0.97 -28.52
C1 EDO M . 1.51 9.41 -25.04
O1 EDO M . 0.31 8.65 -24.78
C2 EDO M . 2.75 8.52 -25.07
O2 EDO M . 2.62 7.51 -26.07
#